data_8RAJ
#
_entry.id   8RAJ
#
loop_
_entity.id
_entity.type
_entity.pdbx_description
1 polymer 'Beta-ketoacyl synthase'
2 polymer 'Trimethylamine monooxygenase'
#
loop_
_entity_poly.entity_id
_entity_poly.type
_entity_poly.pdbx_seq_one_letter_code
_entity_poly.pdbx_strand_id
1 'polypeptide(L)' GPGSPNSYLPAENEDPDKAVVDLHRSPPKTKDPDLTPSGIIAKVKAGDMTQETARELLLAMR A
2 'polypeptide(L)' GPGSYMTHFEDHRVGSDRLAADGEISADEALSMLDAIGTGQSTPTGADD B
#
# COMPACT_ATOMS: atom_id res chain seq x y z
N GLY A 1 -12.27 -3.85 -30.01
CA GLY A 1 -13.07 -4.70 -29.10
C GLY A 1 -12.86 -6.18 -29.39
N PRO A 2 -12.19 -6.94 -28.50
CA PRO A 2 -11.87 -8.36 -28.72
C PRO A 2 -13.10 -9.25 -28.96
N GLY A 3 -13.05 -10.09 -30.00
CA GLY A 3 -14.10 -11.04 -30.36
C GLY A 3 -13.97 -12.43 -29.71
N SER A 4 -14.72 -13.39 -30.23
CA SER A 4 -14.66 -14.82 -29.87
C SER A 4 -13.30 -15.46 -30.21
N PRO A 5 -12.97 -16.63 -29.62
CA PRO A 5 -11.79 -17.42 -29.98
C PRO A 5 -11.77 -17.82 -31.47
N ASN A 6 -10.58 -17.99 -32.04
CA ASN A 6 -10.40 -18.39 -33.45
C ASN A 6 -10.97 -19.79 -33.77
N SER A 7 -11.11 -20.65 -32.77
CA SER A 7 -11.71 -22.00 -32.85
C SER A 7 -13.24 -22.03 -32.69
N TYR A 8 -13.89 -20.89 -32.44
CA TYR A 8 -15.36 -20.76 -32.35
C TYR A 8 -16.08 -21.22 -33.63
N LEU A 9 -17.27 -21.81 -33.46
CA LEU A 9 -18.18 -22.23 -34.54
C LEU A 9 -19.53 -21.48 -34.42
N PRO A 10 -20.06 -20.88 -35.51
CA PRO A 10 -21.16 -19.92 -35.44
C PRO A 10 -22.55 -20.58 -35.46
N ALA A 11 -22.77 -21.53 -34.56
CA ALA A 11 -24.08 -22.15 -34.31
C ALA A 11 -25.03 -21.15 -33.61
N GLU A 12 -26.17 -20.85 -34.24
CA GLU A 12 -27.19 -19.90 -33.76
C GLU A 12 -26.63 -18.47 -33.57
N ASN A 13 -25.70 -18.06 -34.44
CA ASN A 13 -25.05 -16.74 -34.45
C ASN A 13 -26.02 -15.59 -34.76
N GLU A 14 -25.64 -14.36 -34.40
CA GLU A 14 -26.33 -13.11 -34.76
C GLU A 14 -26.37 -12.85 -36.28
N ASP A 15 -27.26 -11.94 -36.69
CA ASP A 15 -27.46 -11.55 -38.10
C ASP A 15 -26.16 -11.08 -38.82
N PRO A 16 -25.98 -11.38 -40.13
CA PRO A 16 -24.73 -11.14 -40.86
C PRO A 16 -24.57 -9.71 -41.38
N ASP A 17 -25.51 -8.81 -41.06
CA ASP A 17 -25.50 -7.38 -41.42
C ASP A 17 -24.92 -6.48 -40.30
N LYS A 18 -24.20 -7.09 -39.33
CA LYS A 18 -23.48 -6.43 -38.23
C LYS A 18 -24.43 -5.76 -37.21
N ALA A 19 -25.56 -6.41 -36.95
CA ALA A 19 -26.52 -6.04 -35.90
C ALA A 19 -25.96 -6.20 -34.47
N VAL A 20 -26.63 -5.59 -33.49
CA VAL A 20 -26.40 -5.77 -32.03
C VAL A 20 -24.98 -5.33 -31.60
N VAL A 21 -24.63 -4.09 -31.92
CA VAL A 21 -23.33 -3.47 -31.58
C VAL A 21 -23.39 -2.89 -30.16
N ASP A 22 -23.26 -3.77 -29.17
CA ASP A 22 -23.32 -3.45 -27.73
C ASP A 22 -22.43 -4.37 -26.86
N LEU A 23 -21.58 -5.18 -27.50
CA LEU A 23 -20.65 -6.13 -26.87
C LEU A 23 -19.27 -5.49 -26.60
N HIS A 24 -18.35 -6.27 -26.03
CA HIS A 24 -16.90 -5.98 -25.86
C HIS A 24 -16.59 -4.95 -24.73
N ARG A 25 -17.57 -4.62 -23.88
CA ARG A 25 -17.48 -3.57 -22.85
C ARG A 25 -16.50 -3.92 -21.72
N SER A 26 -15.62 -2.97 -21.38
CA SER A 26 -14.65 -3.07 -20.28
C SER A 26 -15.30 -3.09 -18.88
N PRO A 27 -14.66 -3.68 -17.85
CA PRO A 27 -15.13 -3.66 -16.46
C PRO A 27 -14.94 -2.26 -15.80
N PRO A 28 -15.67 -1.95 -14.71
CA PRO A 28 -15.51 -0.72 -13.91
C PRO A 28 -14.08 -0.48 -13.39
N LYS A 29 -13.70 0.80 -13.24
CA LYS A 29 -12.40 1.23 -12.69
C LYS A 29 -12.19 0.71 -11.25
N THR A 30 -10.96 0.27 -10.96
CA THR A 30 -10.52 -0.22 -9.62
C THR A 30 -9.12 0.35 -9.28
N LYS A 31 -8.97 1.68 -9.43
CA LYS A 31 -7.72 2.44 -9.26
C LYS A 31 -7.98 3.81 -8.64
N ASP A 32 -6.97 4.32 -7.89
CA ASP A 32 -6.94 5.67 -7.30
C ASP A 32 -5.91 6.55 -8.03
N PRO A 33 -6.25 7.80 -8.41
CA PRO A 33 -5.41 8.67 -9.25
C PRO A 33 -4.21 9.30 -8.51
N ASP A 34 -4.23 9.33 -7.17
CA ASP A 34 -3.22 9.95 -6.30
C ASP A 34 -2.97 9.10 -5.04
N LEU A 35 -1.69 8.88 -4.71
CA LEU A 35 -1.20 8.09 -3.57
C LEU A 35 0.06 8.73 -2.98
N THR A 36 0.46 8.34 -1.77
CA THR A 36 1.78 8.66 -1.21
C THR A 36 2.84 7.64 -1.68
N PRO A 37 4.12 8.03 -1.81
CA PRO A 37 5.19 7.09 -2.14
C PRO A 37 5.42 6.05 -1.02
N SER A 38 5.20 6.44 0.24
CA SER A 38 5.12 5.51 1.39
C SER A 38 4.06 4.42 1.15
N GLY A 39 2.86 4.80 0.71
CA GLY A 39 1.79 3.89 0.31
C GLY A 39 2.17 2.91 -0.81
N ILE A 40 2.86 3.39 -1.86
CA ILE A 40 3.45 2.54 -2.90
C ILE A 40 4.39 1.48 -2.32
N ILE A 41 5.35 1.86 -1.48
CA ILE A 41 6.29 0.91 -0.86
C ILE A 41 5.57 -0.06 0.08
N ALA A 42 4.58 0.41 0.85
CA ALA A 42 3.72 -0.43 1.70
C ALA A 42 2.94 -1.50 0.88
N LYS A 43 2.38 -1.16 -0.28
CA LYS A 43 1.73 -2.12 -1.22
C LYS A 43 2.68 -3.23 -1.67
N VAL A 44 3.94 -2.88 -1.98
CA VAL A 44 4.96 -3.87 -2.39
C VAL A 44 5.40 -4.76 -1.22
N LYS A 45 5.64 -4.17 -0.04
CA LYS A 45 5.96 -4.90 1.20
C LYS A 45 4.84 -5.86 1.64
N ALA A 46 3.58 -5.50 1.38
CA ALA A 46 2.40 -6.34 1.61
C ALA A 46 2.20 -7.46 0.55
N GLY A 47 2.95 -7.43 -0.55
CA GLY A 47 2.80 -8.36 -1.69
C GLY A 47 1.58 -8.07 -2.58
N ASP A 48 0.95 -6.90 -2.43
CA ASP A 48 -0.29 -6.49 -3.12
C ASP A 48 -0.02 -5.79 -4.46
N MET A 49 1.25 -5.53 -4.81
CA MET A 49 1.69 -4.88 -6.05
C MET A 49 3.13 -5.27 -6.41
N THR A 50 3.40 -5.48 -7.69
CA THR A 50 4.76 -5.72 -8.23
C THR A 50 5.66 -4.48 -8.07
N GLN A 51 6.98 -4.70 -7.95
CA GLN A 51 8.00 -3.65 -8.06
C GLN A 51 7.90 -2.89 -9.40
N GLU A 52 7.61 -3.59 -10.50
CA GLU A 52 7.41 -3.01 -11.84
C GLU A 52 6.32 -1.92 -11.86
N THR A 53 5.11 -2.24 -11.39
CA THR A 53 3.97 -1.30 -11.34
C THR A 53 4.20 -0.18 -10.33
N ALA A 54 4.78 -0.52 -9.18
CA ALA A 54 5.14 0.42 -8.12
C ALA A 54 6.11 1.51 -8.61
N ARG A 55 7.22 1.10 -9.24
CA ARG A 55 8.19 2.00 -9.87
C ARG A 55 7.51 2.92 -10.89
N GLU A 56 6.68 2.33 -11.75
CA GLU A 56 5.89 3.05 -12.76
C GLU A 56 5.06 4.19 -12.15
N LEU A 57 4.32 3.92 -11.06
CA LEU A 57 3.55 4.93 -10.35
C LEU A 57 4.45 6.01 -9.73
N LEU A 58 5.57 5.64 -9.10
CA LEU A 58 6.52 6.58 -8.50
C LEU A 58 7.19 7.52 -9.53
N LEU A 59 7.51 7.02 -10.74
CA LEU A 59 8.01 7.81 -11.86
C LEU A 59 6.99 8.87 -12.34
N ALA A 60 5.69 8.62 -12.15
CA ALA A 60 4.62 9.59 -12.42
C ALA A 60 4.38 10.61 -11.29
N MET A 61 4.89 10.37 -10.08
CA MET A 61 4.67 11.23 -8.88
C MET A 61 5.90 12.04 -8.43
N ARG A 62 7.13 11.64 -8.81
CA ARG A 62 8.37 12.39 -8.53
C ARG A 62 8.43 13.78 -9.22
N GLY B 1 38.03 -10.32 -15.87
CA GLY B 1 38.14 -11.48 -16.77
C GLY B 1 36.78 -11.99 -17.25
N PRO B 2 36.73 -13.18 -17.90
CA PRO B 2 35.50 -13.71 -18.52
C PRO B 2 34.39 -14.10 -17.53
N GLY B 3 34.74 -14.46 -16.30
CA GLY B 3 33.81 -14.81 -15.22
C GLY B 3 32.87 -15.97 -15.57
N SER B 4 31.58 -15.82 -15.23
CA SER B 4 30.50 -16.80 -15.41
C SER B 4 29.97 -16.91 -16.86
N TYR B 5 30.45 -16.05 -17.78
CA TYR B 5 29.91 -15.89 -19.13
C TYR B 5 28.39 -15.59 -19.08
N MET B 6 27.60 -16.20 -19.98
CA MET B 6 26.13 -16.16 -20.01
C MET B 6 25.51 -17.46 -19.43
N THR B 7 26.32 -18.31 -18.76
CA THR B 7 25.97 -19.68 -18.37
C THR B 7 25.71 -19.82 -16.87
N HIS B 8 26.76 -19.81 -16.03
CA HIS B 8 26.65 -20.11 -14.59
C HIS B 8 25.78 -19.10 -13.83
N PHE B 9 24.94 -19.59 -12.90
CA PHE B 9 24.12 -18.79 -11.99
C PHE B 9 24.95 -17.83 -11.12
N GLU B 10 24.36 -16.70 -10.73
CA GLU B 10 24.93 -15.73 -9.77
C GLU B 10 23.81 -15.05 -8.93
N ASP B 11 24.01 -14.97 -7.62
CA ASP B 11 23.13 -14.24 -6.69
C ASP B 11 23.55 -12.77 -6.61
N HIS B 12 23.10 -11.99 -7.60
CA HIS B 12 23.62 -10.64 -7.91
C HIS B 12 23.41 -9.60 -6.81
N ARG B 13 22.38 -9.73 -5.97
CA ARG B 13 22.06 -8.78 -4.89
C ARG B 13 22.87 -9.09 -3.62
N VAL B 14 24.17 -8.78 -3.68
CA VAL B 14 25.16 -8.95 -2.60
C VAL B 14 24.99 -7.93 -1.44
N GLY B 15 24.28 -6.82 -1.69
CA GLY B 15 24.03 -5.74 -0.73
C GLY B 15 25.10 -4.64 -0.71
N SER B 16 24.70 -3.42 -0.37
CA SER B 16 25.54 -2.21 -0.32
C SER B 16 25.58 -1.63 1.12
N ASP B 17 24.88 -0.53 1.39
CA ASP B 17 24.80 0.14 2.70
C ASP B 17 23.44 0.85 2.96
N ARG B 18 22.45 0.70 2.07
CA ARG B 18 21.09 1.23 2.26
C ARG B 18 20.30 0.41 3.29
N LEU B 19 19.60 1.10 4.18
CA LEU B 19 18.68 0.53 5.18
C LEU B 19 17.38 1.36 5.28
N ALA B 20 16.36 0.80 5.94
CA ALA B 20 15.02 1.36 5.98
C ALA B 20 14.93 2.70 6.76
N ALA B 21 14.48 3.76 6.10
CA ALA B 21 14.26 5.08 6.69
C ALA B 21 13.21 5.06 7.82
N ASP B 22 13.46 5.80 8.90
CA ASP B 22 12.55 5.95 10.05
C ASP B 22 11.72 7.25 9.92
N GLY B 23 10.78 7.25 8.97
CA GLY B 23 9.93 8.40 8.61
C GLY B 23 9.44 8.35 7.15
N GLU B 24 8.88 9.47 6.68
CA GLU B 24 8.44 9.66 5.29
C GLU B 24 9.60 9.63 4.25
N ILE B 25 9.24 9.47 2.97
CA ILE B 25 10.16 9.29 1.84
C ILE B 25 9.74 10.12 0.62
N SER B 26 10.71 10.58 -0.18
CA SER B 26 10.47 11.05 -1.55
C SER B 26 10.06 9.92 -2.50
N ALA B 27 9.32 10.24 -3.56
CA ALA B 27 9.06 9.30 -4.66
C ALA B 27 10.35 8.90 -5.41
N ASP B 28 11.35 9.78 -5.49
CA ASP B 28 12.70 9.47 -6.01
C ASP B 28 13.45 8.44 -5.14
N GLU B 29 13.47 8.65 -3.81
CA GLU B 29 14.06 7.71 -2.83
C GLU B 29 13.37 6.34 -2.86
N ALA B 30 12.05 6.31 -3.00
CA ALA B 30 11.27 5.09 -3.12
C ALA B 30 11.73 4.18 -4.28
N LEU B 31 12.14 4.74 -5.43
CA LEU B 31 12.69 3.95 -6.56
C LEU B 31 13.89 3.09 -6.14
N SER B 32 14.82 3.69 -5.37
CA SER B 32 15.99 3.01 -4.81
C SER B 32 15.61 1.94 -3.76
N MET B 33 14.60 2.21 -2.93
CA MET B 33 14.10 1.29 -1.90
C MET B 33 13.49 0.00 -2.46
N LEU B 34 12.81 0.05 -3.61
CA LEU B 34 12.19 -1.14 -4.24
C LEU B 34 13.18 -2.30 -4.45
N ASP B 35 14.42 -1.98 -4.84
CA ASP B 35 15.49 -2.95 -5.08
C ASP B 35 15.91 -3.74 -3.82
N ALA B 36 15.77 -3.15 -2.63
CA ALA B 36 16.16 -3.76 -1.36
C ALA B 36 15.08 -4.66 -0.70
N ILE B 37 13.81 -4.56 -1.13
CA ILE B 37 12.67 -5.31 -0.55
C ILE B 37 12.85 -6.84 -0.72
N GLY B 38 12.50 -7.60 0.32
CA GLY B 38 12.47 -9.08 0.30
C GLY B 38 11.91 -9.69 1.58
N THR B 39 11.82 -11.03 1.61
CA THR B 39 11.29 -11.81 2.76
C THR B 39 12.32 -12.85 3.21
N GLY B 40 12.12 -14.15 2.96
CA GLY B 40 13.07 -15.21 3.29
C GLY B 40 13.11 -15.54 4.79
N GLN B 41 14.04 -14.91 5.51
CA GLN B 41 14.30 -15.09 6.94
C GLN B 41 13.95 -13.85 7.78
N SER B 42 13.20 -12.90 7.20
CA SER B 42 12.85 -11.61 7.84
C SER B 42 11.85 -11.71 8.99
N THR B 43 11.16 -12.85 9.15
CA THR B 43 10.15 -13.08 10.20
C THR B 43 10.08 -14.59 10.55
N PRO B 44 10.00 -14.98 11.84
CA PRO B 44 9.94 -16.38 12.26
C PRO B 44 8.59 -17.04 11.91
N THR B 45 8.63 -18.29 11.47
CA THR B 45 7.46 -19.10 11.09
C THR B 45 7.80 -20.60 11.04
N GLY B 46 6.78 -21.45 11.19
CA GLY B 46 6.86 -22.91 10.92
C GLY B 46 6.74 -23.27 9.43
N ALA B 47 6.31 -22.33 8.56
CA ALA B 47 6.20 -22.50 7.12
C ALA B 47 7.58 -22.70 6.42
N ASP B 48 7.57 -23.34 5.25
CA ASP B 48 8.74 -23.58 4.41
C ASP B 48 8.40 -23.58 2.89
N ASP B 49 9.43 -23.43 2.05
CA ASP B 49 9.33 -23.38 0.58
C ASP B 49 9.41 -24.79 -0.07
N GLY A 1 -10.56 -36.37 -34.58
CA GLY A 1 -10.12 -36.13 -33.19
C GLY A 1 -11.14 -35.35 -32.38
N PRO A 2 -10.91 -35.16 -31.07
CA PRO A 2 -11.80 -34.41 -30.16
C PRO A 2 -11.82 -32.91 -30.46
N GLY A 3 -12.92 -32.24 -30.09
CA GLY A 3 -13.15 -30.81 -30.34
C GLY A 3 -13.32 -30.45 -31.82
N SER A 4 -13.01 -29.20 -32.18
CA SER A 4 -13.10 -28.67 -33.55
C SER A 4 -12.07 -29.31 -34.52
N PRO A 5 -12.15 -29.02 -35.85
CA PRO A 5 -11.18 -29.51 -36.83
C PRO A 5 -9.78 -28.87 -36.73
N ASN A 6 -9.59 -27.86 -35.87
CA ASN A 6 -8.39 -27.04 -35.81
C ASN A 6 -7.27 -27.69 -34.97
N SER A 7 -6.75 -28.83 -35.43
CA SER A 7 -5.62 -29.56 -34.84
C SER A 7 -4.24 -29.05 -35.29
N TYR A 8 -4.22 -28.02 -36.16
CA TYR A 8 -3.01 -27.42 -36.75
C TYR A 8 -2.10 -26.69 -35.74
N LEU A 9 -2.66 -26.31 -34.59
CA LEU A 9 -2.07 -25.47 -33.55
C LEU A 9 -2.68 -25.82 -32.16
N PRO A 10 -2.05 -25.44 -31.02
CA PRO A 10 -2.51 -25.83 -29.69
C PRO A 10 -3.65 -24.93 -29.19
N ALA A 11 -4.83 -25.09 -29.81
CA ALA A 11 -6.07 -24.38 -29.47
C ALA A 11 -6.54 -24.65 -28.03
N GLU A 12 -7.09 -23.62 -27.38
CA GLU A 12 -7.61 -23.66 -25.99
C GLU A 12 -6.53 -24.10 -24.98
N ASN A 13 -5.31 -23.57 -25.12
CA ASN A 13 -4.11 -23.91 -24.34
C ASN A 13 -3.08 -22.77 -24.40
N GLU A 14 -2.29 -22.59 -23.34
CA GLU A 14 -1.10 -21.71 -23.36
C GLU A 14 -0.08 -22.11 -24.44
N ASP A 15 0.72 -21.13 -24.90
CA ASP A 15 1.86 -21.35 -25.81
C ASP A 15 2.91 -22.31 -25.20
N PRO A 16 3.64 -23.12 -26.00
CA PRO A 16 4.64 -24.07 -25.49
C PRO A 16 5.79 -23.42 -24.68
N ASP A 17 6.12 -22.16 -24.97
CA ASP A 17 7.07 -21.35 -24.19
C ASP A 17 6.61 -21.06 -22.74
N LYS A 18 5.28 -20.92 -22.55
CA LYS A 18 4.50 -20.73 -21.30
C LYS A 18 4.51 -19.27 -20.80
N ALA A 19 3.32 -18.71 -20.59
CA ALA A 19 3.09 -17.35 -20.09
C ALA A 19 1.69 -17.23 -19.46
N VAL A 20 1.63 -16.84 -18.18
CA VAL A 20 0.40 -16.71 -17.37
C VAL A 20 0.56 -15.51 -16.43
N VAL A 21 -0.42 -14.60 -16.41
CA VAL A 21 -0.29 -13.27 -15.74
C VAL A 21 -1.62 -12.73 -15.16
N ASP A 22 -2.62 -13.59 -14.99
CA ASP A 22 -3.96 -13.26 -14.45
C ASP A 22 -4.20 -13.83 -13.04
N LEU A 23 -3.14 -14.07 -12.26
CA LEU A 23 -3.19 -14.57 -10.88
C LEU A 23 -3.79 -13.56 -9.89
N HIS A 24 -3.70 -12.25 -10.20
CA HIS A 24 -4.00 -11.13 -9.29
C HIS A 24 -4.97 -10.11 -9.94
N ARG A 25 -6.10 -10.61 -10.50
CA ARG A 25 -7.18 -9.80 -11.11
C ARG A 25 -7.69 -8.69 -10.17
N SER A 26 -8.03 -7.54 -10.73
CA SER A 26 -8.53 -6.36 -10.00
C SER A 26 -9.95 -5.96 -10.44
N PRO A 27 -10.89 -5.70 -9.51
CA PRO A 27 -12.27 -5.31 -9.84
C PRO A 27 -12.36 -3.87 -10.40
N PRO A 28 -13.44 -3.52 -11.14
CA PRO A 28 -13.69 -2.15 -11.59
C PRO A 28 -13.63 -1.10 -10.46
N LYS A 29 -12.98 0.04 -10.75
CA LYS A 29 -12.71 1.14 -9.79
C LYS A 29 -12.34 2.42 -10.54
N THR A 30 -12.75 3.58 -10.01
CA THR A 30 -12.31 4.92 -10.46
C THR A 30 -10.78 5.08 -10.37
N LYS A 31 -10.19 5.79 -11.34
CA LYS A 31 -8.74 6.10 -11.40
C LYS A 31 -8.25 6.90 -10.18
N ASP A 32 -7.02 6.63 -9.77
CA ASP A 32 -6.30 7.33 -8.69
C ASP A 32 -5.03 8.03 -9.22
N PRO A 33 -5.09 9.31 -9.65
CA PRO A 33 -3.98 10.00 -10.32
C PRO A 33 -2.82 10.42 -9.40
N ASP A 34 -3.05 10.50 -8.08
CA ASP A 34 -2.11 11.07 -7.09
C ASP A 34 -2.18 10.28 -5.76
N LEU A 35 -1.26 9.32 -5.59
CA LEU A 35 -1.13 8.49 -4.38
C LEU A 35 -0.11 9.12 -3.39
N THR A 36 0.65 8.29 -2.67
CA THR A 36 1.82 8.69 -1.86
C THR A 36 2.94 7.64 -2.02
N PRO A 37 4.23 8.02 -2.00
CA PRO A 37 5.35 7.07 -2.15
C PRO A 37 5.41 6.01 -1.03
N SER A 38 5.13 6.38 0.21
CA SER A 38 4.98 5.45 1.33
C SER A 38 3.87 4.42 1.07
N GLY A 39 2.72 4.84 0.52
CA GLY A 39 1.62 3.97 0.10
C GLY A 39 2.02 2.96 -0.98
N ILE A 40 2.82 3.39 -1.98
CA ILE A 40 3.41 2.49 -2.98
C ILE A 40 4.24 1.38 -2.31
N ILE A 41 5.24 1.76 -1.51
CA ILE A 41 6.18 0.80 -0.90
C ILE A 41 5.49 -0.10 0.11
N ALA A 42 4.49 0.39 0.84
CA ALA A 42 3.65 -0.41 1.74
C ALA A 42 2.94 -1.58 1.02
N LYS A 43 2.33 -1.32 -0.15
CA LYS A 43 1.69 -2.35 -0.99
C LYS A 43 2.67 -3.38 -1.51
N VAL A 44 3.89 -2.97 -1.90
CA VAL A 44 4.97 -3.88 -2.33
C VAL A 44 5.43 -4.77 -1.17
N LYS A 45 5.69 -4.20 0.01
CA LYS A 45 6.07 -4.93 1.24
C LYS A 45 4.98 -5.92 1.69
N ALA A 46 3.71 -5.59 1.51
CA ALA A 46 2.57 -6.47 1.77
C ALA A 46 2.34 -7.57 0.69
N GLY A 47 3.00 -7.47 -0.47
CA GLY A 47 2.83 -8.38 -1.60
C GLY A 47 1.58 -8.11 -2.47
N ASP A 48 0.95 -6.95 -2.29
CA ASP A 48 -0.27 -6.53 -3.00
C ASP A 48 -0.02 -5.88 -4.38
N MET A 49 1.24 -5.56 -4.70
CA MET A 49 1.64 -4.89 -5.95
C MET A 49 3.07 -5.25 -6.37
N THR A 50 3.29 -5.46 -7.67
CA THR A 50 4.62 -5.74 -8.26
C THR A 50 5.53 -4.50 -8.23
N GLN A 51 6.85 -4.74 -8.17
CA GLN A 51 7.86 -3.69 -8.20
C GLN A 51 7.84 -2.85 -9.50
N GLU A 52 7.52 -3.45 -10.65
CA GLU A 52 7.39 -2.72 -11.92
C GLU A 52 6.17 -1.77 -11.94
N THR A 53 5.03 -2.18 -11.39
CA THR A 53 3.83 -1.31 -11.25
C THR A 53 4.11 -0.18 -10.26
N ALA A 54 4.73 -0.51 -9.12
CA ALA A 54 5.20 0.45 -8.13
C ALA A 54 6.13 1.52 -8.71
N ARG A 55 7.19 1.11 -9.42
CA ARG A 55 8.16 2.01 -10.05
C ARG A 55 7.51 2.93 -11.08
N GLU A 56 6.62 2.41 -11.93
CA GLU A 56 5.79 3.17 -12.85
C GLU A 56 5.01 4.31 -12.15
N LEU A 57 4.33 4.02 -11.04
CA LEU A 57 3.61 5.02 -10.24
C LEU A 57 4.54 6.06 -9.58
N LEU A 58 5.70 5.66 -9.07
CA LEU A 58 6.70 6.57 -8.48
C LEU A 58 7.33 7.52 -9.52
N LEU A 59 7.62 7.03 -10.73
CA LEU A 59 8.09 7.84 -11.85
C LEU A 59 7.07 8.91 -12.28
N ALA A 60 5.77 8.67 -12.06
CA ALA A 60 4.71 9.65 -12.28
C ALA A 60 4.55 10.69 -11.13
N MET A 61 5.14 10.44 -9.94
CA MET A 61 5.02 11.32 -8.76
C MET A 61 6.28 12.13 -8.42
N ARG A 62 7.47 11.69 -8.86
CA ARG A 62 8.75 12.41 -8.66
C ARG A 62 8.84 13.74 -9.44
N GLY B 1 -3.52 14.46 17.64
CA GLY B 1 -4.71 15.22 18.08
C GLY B 1 -5.17 14.81 19.47
N PRO B 2 -6.45 15.08 19.84
CA PRO B 2 -7.49 15.69 19.02
C PRO B 2 -7.27 17.18 18.69
N GLY B 3 -6.58 17.92 19.57
CA GLY B 3 -6.19 19.32 19.36
C GLY B 3 -5.24 19.55 18.19
N SER B 4 -5.28 20.77 17.63
CA SER B 4 -4.48 21.22 16.47
C SER B 4 -3.27 22.08 16.86
N TYR B 5 -2.85 22.03 18.13
CA TYR B 5 -1.76 22.85 18.69
C TYR B 5 -0.40 22.61 18.00
N MET B 6 -0.15 21.41 17.48
CA MET B 6 1.05 21.07 16.68
C MET B 6 1.15 21.89 15.39
N THR B 7 0.01 22.19 14.74
CA THR B 7 -0.05 23.08 13.56
C THR B 7 0.18 24.55 13.92
N HIS B 8 -0.14 24.95 15.16
CA HIS B 8 0.05 26.31 15.70
C HIS B 8 1.45 26.57 16.29
N PHE B 9 2.27 25.52 16.50
CA PHE B 9 3.61 25.60 17.08
C PHE B 9 4.57 26.49 16.25
N GLU B 10 5.31 27.38 16.93
CA GLU B 10 6.27 28.30 16.30
C GLU B 10 7.55 27.59 15.82
N ASP B 11 8.05 27.96 14.63
CA ASP B 11 9.23 27.38 13.99
C ASP B 11 9.85 28.34 12.95
N HIS B 12 11.18 28.33 12.80
CA HIS B 12 11.91 29.14 11.80
C HIS B 12 11.84 28.48 10.42
N ARG B 13 10.74 28.74 9.70
CA ARG B 13 10.38 28.09 8.41
C ARG B 13 11.40 28.30 7.28
N VAL B 14 12.01 29.48 7.25
CA VAL B 14 13.09 29.85 6.30
C VAL B 14 14.36 29.02 6.56
N GLY B 15 14.96 28.47 5.50
CA GLY B 15 16.17 27.65 5.57
C GLY B 15 16.52 26.98 4.22
N SER B 16 17.79 26.62 4.05
CA SER B 16 18.32 26.03 2.80
C SER B 16 18.08 24.51 2.66
N ASP B 17 17.79 23.81 3.76
CA ASP B 17 17.55 22.35 3.80
C ASP B 17 16.39 21.89 2.90
N ARG B 18 16.59 20.82 2.13
CA ARG B 18 15.58 20.16 1.26
C ARG B 18 15.65 18.61 1.33
N LEU B 19 16.21 18.07 2.42
CA LEU B 19 16.56 16.65 2.60
C LEU B 19 16.69 16.26 4.07
N ALA B 20 16.87 14.95 4.32
CA ALA B 20 17.18 14.36 5.64
C ALA B 20 16.09 14.64 6.73
N ALA B 21 14.82 14.59 6.33
CA ALA B 21 13.67 14.84 7.18
C ALA B 21 13.41 13.74 8.23
N ASP B 22 13.95 12.52 8.02
CA ASP B 22 13.76 11.32 8.85
C ASP B 22 12.28 10.97 9.07
N GLY B 23 11.52 10.90 7.96
CA GLY B 23 10.08 10.66 7.93
C GLY B 23 9.63 9.99 6.62
N GLU B 24 8.51 10.43 6.06
CA GLU B 24 7.97 9.94 4.79
C GLU B 24 8.98 10.09 3.62
N ILE B 25 9.23 8.99 2.90
CA ILE B 25 10.15 8.92 1.74
C ILE B 25 9.68 9.80 0.57
N SER B 26 10.64 10.45 -0.11
CA SER B 26 10.44 11.03 -1.45
C SER B 26 10.05 9.96 -2.48
N ALA B 27 9.36 10.34 -3.55
CA ALA B 27 9.13 9.49 -4.72
C ALA B 27 10.44 9.04 -5.38
N ASP B 28 11.46 9.91 -5.40
CA ASP B 28 12.81 9.60 -5.89
C ASP B 28 13.55 8.57 -5.00
N GLU B 29 13.44 8.70 -3.67
CA GLU B 29 13.99 7.76 -2.69
C GLU B 29 13.32 6.38 -2.79
N ALA B 30 12.01 6.35 -3.02
CA ALA B 30 11.24 5.13 -3.16
C ALA B 30 11.70 4.24 -4.33
N LEU B 31 12.25 4.82 -5.42
CA LEU B 31 12.88 4.05 -6.51
C LEU B 31 14.01 3.15 -6.00
N SER B 32 14.88 3.70 -5.12
CA SER B 32 15.95 2.95 -4.44
C SER B 32 15.41 1.93 -3.42
N MET B 33 14.32 2.27 -2.72
CA MET B 33 13.65 1.37 -1.77
C MET B 33 13.17 0.05 -2.41
N LEU B 34 12.63 0.10 -3.63
CA LEU B 34 12.21 -1.10 -4.38
C LEU B 34 13.37 -2.09 -4.61
N ASP B 35 14.56 -1.58 -4.93
CA ASP B 35 15.77 -2.39 -5.14
C ASP B 35 16.29 -3.07 -3.86
N ALA B 36 15.97 -2.51 -2.68
CA ALA B 36 16.30 -3.08 -1.38
C ALA B 36 15.38 -4.24 -0.95
N ILE B 37 14.24 -4.44 -1.62
CA ILE B 37 13.29 -5.53 -1.36
C ILE B 37 13.68 -6.76 -2.22
N GLY B 38 12.84 -7.18 -3.17
CA GLY B 38 12.95 -8.48 -3.85
C GLY B 38 12.47 -9.66 -2.98
N THR B 39 12.06 -10.75 -3.63
CA THR B 39 11.44 -11.92 -2.95
C THR B 39 12.42 -12.77 -2.12
N GLY B 40 13.73 -12.60 -2.33
CA GLY B 40 14.79 -13.34 -1.63
C GLY B 40 15.10 -12.85 -0.20
N GLN B 41 14.57 -11.69 0.23
CA GLN B 41 14.80 -11.14 1.57
C GLN B 41 14.29 -12.04 2.71
N SER B 42 15.07 -12.08 3.81
CA SER B 42 14.80 -12.73 5.11
C SER B 42 15.13 -14.23 5.12
N THR B 43 15.70 -14.72 6.23
CA THR B 43 16.01 -16.13 6.49
C THR B 43 16.27 -16.36 8.00
N PRO B 44 15.74 -17.44 8.62
CA PRO B 44 15.96 -17.73 10.03
C PRO B 44 17.41 -18.17 10.31
N THR B 45 17.97 -17.73 11.46
CA THR B 45 19.31 -18.11 11.92
C THR B 45 19.46 -17.94 13.44
N GLY B 46 20.38 -18.70 14.04
CA GLY B 46 20.83 -18.54 15.43
C GLY B 46 22.17 -17.79 15.60
N ALA B 47 22.75 -17.29 14.52
CA ALA B 47 24.04 -16.58 14.52
C ALA B 47 24.05 -15.33 15.43
N ASP B 48 25.11 -15.16 16.20
CA ASP B 48 25.32 -14.03 17.14
C ASP B 48 26.83 -13.76 17.37
N ASP B 49 27.66 -14.06 16.36
CA ASP B 49 29.13 -14.13 16.41
C ASP B 49 29.77 -13.86 15.03
N GLY A 1 -46.83 -11.31 -22.01
CA GLY A 1 -47.70 -12.08 -21.09
C GLY A 1 -47.02 -13.35 -20.60
N PRO A 2 -47.59 -14.01 -19.55
CA PRO A 2 -47.07 -15.27 -19.00
C PRO A 2 -47.22 -16.46 -19.96
N GLY A 3 -46.40 -17.48 -19.76
CA GLY A 3 -46.36 -18.69 -20.60
C GLY A 3 -45.88 -18.45 -22.04
N SER A 4 -46.33 -19.29 -22.98
CA SER A 4 -46.00 -19.21 -24.42
C SER A 4 -46.21 -17.80 -25.01
N PRO A 5 -45.34 -17.34 -25.93
CA PRO A 5 -45.39 -15.96 -26.47
C PRO A 5 -46.53 -15.73 -27.47
N ASN A 6 -47.05 -16.79 -28.10
CA ASN A 6 -48.14 -16.76 -29.08
C ASN A 6 -48.81 -18.14 -29.19
N SER A 7 -50.12 -18.21 -28.95
CA SER A 7 -50.92 -19.45 -29.02
C SER A 7 -50.29 -20.58 -28.18
N TYR A 8 -50.20 -21.81 -28.72
CA TYR A 8 -49.60 -23.00 -28.10
C TYR A 8 -48.18 -23.29 -28.64
N LEU A 9 -47.58 -22.36 -29.39
CA LEU A 9 -46.27 -22.52 -30.05
C LEU A 9 -45.14 -22.75 -29.02
N PRO A 10 -44.24 -23.74 -29.22
CA PRO A 10 -43.12 -24.00 -28.32
C PRO A 10 -42.05 -22.89 -28.41
N ALA A 11 -41.52 -22.48 -27.26
CA ALA A 11 -40.57 -21.37 -27.13
C ALA A 11 -39.61 -21.58 -25.93
N GLU A 12 -39.00 -22.76 -25.85
CA GLU A 12 -37.97 -23.11 -24.85
C GLU A 12 -36.80 -22.10 -24.82
N ASN A 13 -36.39 -21.71 -23.61
CA ASN A 13 -35.45 -20.62 -23.31
C ASN A 13 -35.28 -20.52 -21.78
N GLU A 14 -34.37 -21.33 -21.22
CA GLU A 14 -34.11 -21.44 -19.78
C GLU A 14 -32.69 -21.99 -19.50
N ASP A 15 -32.03 -21.46 -18.47
CA ASP A 15 -30.65 -21.80 -18.11
C ASP A 15 -30.50 -23.23 -17.54
N PRO A 16 -29.33 -23.88 -17.70
CA PRO A 16 -29.04 -25.20 -17.12
C PRO A 16 -28.53 -25.13 -15.67
N ASP A 17 -28.23 -23.94 -15.15
CA ASP A 17 -27.75 -23.71 -13.78
C ASP A 17 -28.95 -23.47 -12.83
N LYS A 18 -29.74 -24.52 -12.60
CA LYS A 18 -31.04 -24.47 -11.90
C LYS A 18 -30.94 -24.56 -10.37
N ALA A 19 -29.80 -25.03 -9.86
CA ALA A 19 -29.52 -25.22 -8.44
C ALA A 19 -29.33 -23.89 -7.68
N VAL A 20 -29.92 -23.78 -6.48
CA VAL A 20 -29.62 -22.72 -5.49
C VAL A 20 -28.16 -22.86 -5.02
N VAL A 21 -27.44 -21.74 -4.92
CA VAL A 21 -25.99 -21.70 -4.62
C VAL A 21 -25.60 -20.44 -3.83
N ASP A 22 -24.73 -20.61 -2.82
CA ASP A 22 -24.32 -19.58 -1.86
C ASP A 22 -22.87 -19.08 -2.06
N LEU A 23 -22.27 -19.39 -3.22
CA LEU A 23 -20.85 -19.13 -3.56
C LEU A 23 -20.64 -17.81 -4.32
N HIS A 24 -21.66 -16.94 -4.36
CA HIS A 24 -21.67 -15.63 -5.04
C HIS A 24 -20.89 -14.56 -4.24
N ARG A 25 -19.57 -14.69 -4.19
CA ARG A 25 -18.62 -13.72 -3.59
C ARG A 25 -18.72 -12.30 -4.17
N SER A 26 -18.30 -11.32 -3.36
CA SER A 26 -18.24 -9.90 -3.76
C SER A 26 -17.33 -9.67 -5.00
N PRO A 27 -17.69 -8.79 -5.96
CA PRO A 27 -16.89 -8.51 -7.16
C PRO A 27 -15.49 -7.91 -6.86
N PRO A 28 -14.47 -8.18 -7.70
CA PRO A 28 -13.13 -7.58 -7.59
C PRO A 28 -13.11 -6.05 -7.52
N LYS A 29 -12.20 -5.48 -6.74
CA LYS A 29 -12.06 -4.03 -6.48
C LYS A 29 -11.07 -3.36 -7.44
N THR A 30 -11.49 -2.28 -8.11
CA THR A 30 -10.65 -1.47 -9.00
C THR A 30 -9.46 -0.78 -8.29
N LYS A 31 -8.31 -0.70 -8.99
CA LYS A 31 -7.11 0.04 -8.53
C LYS A 31 -7.34 1.56 -8.34
N ASP A 32 -6.44 2.19 -7.60
CA ASP A 32 -6.41 3.65 -7.35
C ASP A 32 -4.93 4.12 -7.23
N PRO A 33 -4.43 4.99 -8.14
CA PRO A 33 -3.03 5.43 -8.14
C PRO A 33 -2.77 6.70 -7.29
N ASP A 34 -3.79 7.29 -6.67
CA ASP A 34 -3.66 8.52 -5.86
C ASP A 34 -3.27 8.18 -4.41
N LEU A 35 -2.00 7.79 -4.23
CA LEU A 35 -1.38 7.34 -2.98
C LEU A 35 -0.09 8.12 -2.68
N THR A 36 0.29 8.19 -1.40
CA THR A 36 1.63 8.62 -0.98
C THR A 36 2.72 7.65 -1.49
N PRO A 37 3.98 8.08 -1.66
CA PRO A 37 5.08 7.19 -2.04
C PRO A 37 5.38 6.12 -0.97
N SER A 38 5.20 6.46 0.31
CA SER A 38 5.20 5.48 1.41
C SER A 38 4.11 4.41 1.23
N GLY A 39 2.90 4.79 0.78
CA GLY A 39 1.81 3.87 0.43
C GLY A 39 2.15 2.91 -0.72
N ILE A 40 2.81 3.40 -1.78
CA ILE A 40 3.37 2.56 -2.86
C ILE A 40 4.27 1.44 -2.30
N ILE A 41 5.27 1.81 -1.48
CA ILE A 41 6.22 0.85 -0.88
C ILE A 41 5.51 -0.11 0.08
N ALA A 42 4.54 0.38 0.88
CA ALA A 42 3.73 -0.46 1.77
C ALA A 42 2.97 -1.58 1.02
N LYS A 43 2.38 -1.27 -0.14
CA LYS A 43 1.73 -2.27 -1.02
C LYS A 43 2.71 -3.34 -1.54
N VAL A 44 3.93 -2.95 -1.92
CA VAL A 44 4.97 -3.90 -2.37
C VAL A 44 5.46 -4.78 -1.22
N LYS A 45 5.69 -4.20 -0.04
CA LYS A 45 6.03 -4.92 1.21
C LYS A 45 4.94 -5.92 1.63
N ALA A 46 3.67 -5.57 1.42
CA ALA A 46 2.51 -6.42 1.69
C ALA A 46 2.25 -7.51 0.60
N GLY A 47 2.92 -7.42 -0.56
CA GLY A 47 2.72 -8.32 -1.70
C GLY A 47 1.47 -8.00 -2.54
N ASP A 48 0.85 -6.83 -2.34
CA ASP A 48 -0.35 -6.36 -3.06
C ASP A 48 -0.05 -5.78 -4.46
N MET A 49 1.22 -5.47 -4.74
CA MET A 49 1.68 -4.83 -5.98
C MET A 49 3.14 -5.21 -6.31
N THR A 50 3.44 -5.39 -7.61
CA THR A 50 4.81 -5.66 -8.09
C THR A 50 5.72 -4.42 -8.04
N GLN A 51 7.04 -4.64 -7.96
CA GLN A 51 8.05 -3.60 -8.13
C GLN A 51 7.88 -2.84 -9.45
N GLU A 52 7.58 -3.54 -10.55
CA GLU A 52 7.35 -2.92 -11.86
C GLU A 52 6.21 -1.89 -11.85
N THR A 53 5.04 -2.27 -11.34
CA THR A 53 3.87 -1.36 -11.21
C THR A 53 4.17 -0.20 -10.27
N ALA A 54 4.76 -0.49 -9.11
CA ALA A 54 5.17 0.50 -8.12
C ALA A 54 6.13 1.57 -8.71
N ARG A 55 7.20 1.13 -9.38
CA ARG A 55 8.20 2.04 -9.96
C ARG A 55 7.61 2.88 -11.09
N GLU A 56 6.80 2.31 -11.97
CA GLU A 56 6.06 3.02 -13.01
C GLU A 56 5.23 4.19 -12.44
N LEU A 57 4.46 3.96 -11.37
CA LEU A 57 3.75 5.02 -10.64
C LEU A 57 4.71 6.08 -10.07
N LEU A 58 5.74 5.68 -9.33
CA LEU A 58 6.70 6.59 -8.68
C LEU A 58 7.47 7.49 -9.66
N LEU A 59 7.82 6.96 -10.84
CA LEU A 59 8.46 7.70 -11.94
C LEU A 59 7.57 8.83 -12.51
N ALA A 60 6.24 8.74 -12.36
CA ALA A 60 5.31 9.83 -12.66
C ALA A 60 5.01 10.75 -11.45
N MET A 61 5.03 10.21 -10.22
CA MET A 61 4.75 10.93 -8.96
C MET A 61 5.86 11.92 -8.55
N ARG A 62 7.12 11.64 -8.89
CA ARG A 62 8.30 12.50 -8.63
C ARG A 62 8.21 13.91 -9.26
N GLY B 1 3.19 2.28 30.33
CA GLY B 1 2.15 2.38 31.38
C GLY B 1 1.49 1.04 31.67
N PRO B 2 0.73 0.93 32.78
CA PRO B 2 0.11 -0.32 33.21
C PRO B 2 -1.17 -0.71 32.42
N GLY B 3 -1.80 0.25 31.74
CA GLY B 3 -3.05 0.05 30.98
C GLY B 3 -4.23 -0.41 31.85
N SER B 4 -5.14 -1.21 31.27
CA SER B 4 -6.35 -1.74 31.91
C SER B 4 -6.81 -3.05 31.23
N TYR B 5 -7.50 -3.91 31.99
CA TYR B 5 -8.21 -5.07 31.45
C TYR B 5 -9.41 -4.67 30.55
N MET B 6 -10.04 -3.52 30.85
CA MET B 6 -11.21 -2.96 30.17
C MET B 6 -12.44 -3.89 30.22
N THR B 7 -13.38 -3.81 29.26
CA THR B 7 -14.42 -4.86 29.07
C THR B 7 -13.83 -6.13 28.45
N HIS B 8 -12.69 -5.96 27.75
CA HIS B 8 -11.76 -6.96 27.20
C HIS B 8 -12.05 -7.36 25.74
N PHE B 9 -12.75 -6.47 25.01
CA PHE B 9 -13.08 -6.62 23.59
C PHE B 9 -12.71 -5.37 22.74
N GLU B 10 -12.30 -4.28 23.39
CA GLU B 10 -11.92 -2.99 22.79
C GLU B 10 -10.58 -3.02 22.04
N ASP B 11 -9.72 -4.01 22.33
CA ASP B 11 -8.35 -4.11 21.81
C ASP B 11 -8.32 -4.30 20.28
N HIS B 12 -7.89 -3.24 19.57
CA HIS B 12 -7.88 -3.10 18.09
C HIS B 12 -9.29 -3.06 17.46
N ARG B 13 -10.34 -2.84 18.27
CA ARG B 13 -11.74 -2.70 17.84
C ARG B 13 -12.11 -1.27 17.43
N VAL B 14 -11.46 -0.30 18.06
CA VAL B 14 -11.60 1.14 17.79
C VAL B 14 -10.99 1.53 16.43
N GLY B 15 -9.90 0.86 16.02
CA GLY B 15 -9.19 1.10 14.75
C GLY B 15 -7.85 0.35 14.62
N SER B 16 -7.34 0.32 13.39
CA SER B 16 -6.06 -0.32 13.00
C SER B 16 -4.82 0.31 13.65
N ASP B 17 -3.69 -0.40 13.60
CA ASP B 17 -2.35 0.09 14.01
C ASP B 17 -1.93 1.40 13.29
N ARG B 18 -1.26 2.29 14.04
CA ARG B 18 -0.75 3.60 13.60
C ARG B 18 0.70 3.80 14.09
N LEU B 19 1.51 2.76 13.90
CA LEU B 19 2.93 2.71 14.25
C LEU B 19 3.78 3.83 13.62
N ALA B 20 4.85 4.22 14.30
CA ALA B 20 5.78 5.25 13.86
C ALA B 20 6.89 4.66 12.97
N ALA B 21 6.87 5.00 11.67
CA ALA B 21 7.92 4.65 10.71
C ALA B 21 9.29 5.27 11.09
N ASP B 22 10.38 4.62 10.68
CA ASP B 22 11.77 5.07 10.91
C ASP B 22 12.09 6.44 10.27
N GLY B 23 11.46 6.76 9.14
CA GLY B 23 11.59 8.04 8.43
C GLY B 23 10.73 8.11 7.17
N GLU B 24 10.16 9.28 6.89
CA GLU B 24 9.42 9.57 5.65
C GLU B 24 10.30 9.50 4.38
N ILE B 25 9.66 9.34 3.22
CA ILE B 25 10.33 9.19 1.91
C ILE B 25 9.62 10.04 0.83
N SER B 26 10.39 10.59 -0.11
CA SER B 26 9.87 11.16 -1.35
C SER B 26 9.76 10.10 -2.46
N ALA B 27 9.08 10.42 -3.57
CA ALA B 27 8.85 9.49 -4.67
C ALA B 27 10.13 9.08 -5.43
N ASP B 28 11.13 9.94 -5.52
CA ASP B 28 12.44 9.62 -6.10
C ASP B 28 13.30 8.72 -5.18
N GLU B 29 13.23 8.90 -3.85
CA GLU B 29 13.87 8.02 -2.86
C GLU B 29 13.29 6.59 -2.89
N ALA B 30 11.97 6.48 -3.05
CA ALA B 30 11.23 5.22 -3.11
C ALA B 30 11.67 4.31 -4.29
N LEU B 31 12.14 4.87 -5.41
CA LEU B 31 12.59 4.11 -6.58
C LEU B 31 13.65 3.05 -6.25
N SER B 32 14.63 3.41 -5.41
CA SER B 32 15.74 2.52 -4.99
C SER B 32 15.31 1.42 -4.00
N MET B 33 14.33 1.72 -3.12
CA MET B 33 13.87 0.83 -2.05
C MET B 33 13.24 -0.47 -2.56
N LEU B 34 12.60 -0.43 -3.73
CA LEU B 34 11.95 -1.57 -4.38
C LEU B 34 12.89 -2.76 -4.64
N ASP B 35 14.14 -2.48 -5.02
CA ASP B 35 15.17 -3.48 -5.34
C ASP B 35 15.55 -4.35 -4.12
N ALA B 36 15.57 -3.75 -2.92
CA ALA B 36 15.91 -4.41 -1.66
C ALA B 36 14.83 -5.39 -1.15
N ILE B 37 13.56 -5.22 -1.57
CA ILE B 37 12.44 -6.07 -1.16
C ILE B 37 12.52 -7.46 -1.82
N GLY B 38 12.83 -7.50 -3.12
CA GLY B 38 12.89 -8.74 -3.93
C GLY B 38 11.56 -9.54 -3.95
N THR B 39 11.66 -10.86 -4.20
CA THR B 39 10.52 -11.80 -4.12
C THR B 39 10.13 -12.19 -2.68
N GLY B 40 11.11 -12.18 -1.76
CA GLY B 40 10.93 -12.48 -0.33
C GLY B 40 10.93 -13.99 0.01
N GLN B 41 11.42 -14.33 1.20
CA GLN B 41 11.41 -15.68 1.79
C GLN B 41 11.21 -15.59 3.32
N SER B 42 10.29 -16.40 3.87
CA SER B 42 9.91 -16.37 5.29
C SER B 42 10.00 -17.77 5.94
N THR B 43 11.16 -18.23 6.39
CA THR B 43 12.50 -17.58 6.31
C THR B 43 13.60 -18.64 6.15
N PRO B 44 14.73 -18.37 5.43
CA PRO B 44 15.72 -19.41 5.09
C PRO B 44 16.41 -20.09 6.29
N THR B 45 16.55 -19.38 7.43
CA THR B 45 17.15 -19.89 8.66
C THR B 45 16.15 -20.61 9.59
N GLY B 46 14.85 -20.62 9.24
CA GLY B 46 13.75 -21.14 10.08
C GLY B 46 13.33 -20.16 11.19
N ALA B 47 12.04 -20.19 11.55
CA ALA B 47 11.43 -19.33 12.57
C ALA B 47 11.49 -20.01 13.96
N ASP B 48 12.70 -20.15 14.51
CA ASP B 48 12.97 -20.84 15.79
C ASP B 48 12.78 -19.95 17.05
N ASP B 49 12.78 -18.62 16.88
CA ASP B 49 12.60 -17.61 17.94
C ASP B 49 11.18 -17.53 18.50
N GLY A 1 33.01 -33.65 -15.68
CA GLY A 1 31.94 -33.37 -14.69
C GLY A 1 30.61 -34.05 -15.07
N PRO A 2 29.57 -33.87 -14.25
CA PRO A 2 28.24 -34.46 -14.48
C PRO A 2 27.53 -33.84 -15.70
N GLY A 3 26.66 -34.62 -16.35
CA GLY A 3 25.86 -34.22 -17.51
C GLY A 3 24.63 -35.12 -17.73
N SER A 4 24.12 -35.15 -18.97
CA SER A 4 23.01 -36.03 -19.38
C SER A 4 23.28 -37.52 -19.11
N PRO A 5 22.32 -38.30 -18.58
CA PRO A 5 22.49 -39.71 -18.25
C PRO A 5 22.51 -40.60 -19.51
N ASN A 6 23.11 -41.78 -19.40
CA ASN A 6 23.20 -42.78 -20.48
C ASN A 6 21.85 -43.46 -20.81
N SER A 7 20.83 -43.30 -19.96
CA SER A 7 19.52 -43.96 -20.08
C SER A 7 18.61 -43.40 -21.20
N TYR A 8 18.94 -42.25 -21.80
CA TYR A 8 18.24 -41.67 -22.95
C TYR A 8 19.15 -40.76 -23.79
N LEU A 9 18.98 -40.80 -25.11
CA LEU A 9 19.64 -39.90 -26.07
C LEU A 9 19.11 -38.45 -25.94
N PRO A 10 19.90 -37.41 -26.33
CA PRO A 10 19.45 -36.02 -26.38
C PRO A 10 18.11 -35.82 -27.13
N ALA A 11 17.25 -34.97 -26.57
CA ALA A 11 15.87 -34.75 -27.07
C ALA A 11 15.82 -34.28 -28.55
N GLU A 12 14.95 -34.92 -29.34
CA GLU A 12 14.76 -34.64 -30.77
C GLU A 12 13.62 -33.61 -30.98
N ASN A 13 13.93 -32.33 -30.71
CA ASN A 13 13.03 -31.17 -30.86
C ASN A 13 11.74 -31.27 -30.00
N GLU A 14 11.88 -31.78 -28.77
CA GLU A 14 10.79 -31.87 -27.78
C GLU A 14 10.15 -30.50 -27.47
N ASP A 15 8.81 -30.46 -27.38
CA ASP A 15 8.02 -29.24 -27.14
C ASP A 15 6.68 -29.59 -26.43
N PRO A 16 6.26 -28.84 -25.39
CA PRO A 16 5.09 -29.18 -24.57
C PRO A 16 3.76 -28.58 -25.10
N ASP A 17 3.77 -27.94 -26.26
CA ASP A 17 2.63 -27.29 -26.94
C ASP A 17 2.10 -26.07 -26.16
N LYS A 18 3.02 -25.34 -25.48
CA LYS A 18 2.77 -24.08 -24.76
C LYS A 18 1.66 -24.21 -23.69
N ALA A 19 1.64 -25.33 -22.96
CA ALA A 19 0.59 -25.69 -22.00
C ALA A 19 0.84 -25.07 -20.61
N VAL A 20 0.73 -23.73 -20.54
CA VAL A 20 0.96 -22.89 -19.35
C VAL A 20 -0.08 -21.77 -19.29
N VAL A 21 -0.81 -21.67 -18.18
CA VAL A 21 -1.89 -20.67 -17.95
C VAL A 21 -1.79 -20.15 -16.51
N ASP A 22 -1.69 -18.83 -16.35
CA ASP A 22 -1.53 -18.14 -15.06
C ASP A 22 -2.18 -16.73 -15.09
N LEU A 23 -3.39 -16.64 -15.65
CA LEU A 23 -4.14 -15.39 -15.90
C LEU A 23 -5.64 -15.61 -15.69
N HIS A 24 -6.29 -14.68 -14.99
CA HIS A 24 -7.74 -14.63 -14.72
C HIS A 24 -8.22 -13.19 -14.50
N ARG A 25 -9.55 -12.99 -14.44
CA ARG A 25 -10.19 -11.69 -14.13
C ARG A 25 -9.68 -11.11 -12.80
N SER A 26 -9.41 -9.80 -12.76
CA SER A 26 -9.02 -9.05 -11.55
C SER A 26 -10.14 -9.00 -10.49
N PRO A 27 -9.83 -8.70 -9.20
CA PRO A 27 -10.85 -8.54 -8.16
C PRO A 27 -11.88 -7.44 -8.49
N PRO A 28 -13.20 -7.68 -8.37
CA PRO A 28 -14.25 -6.76 -8.82
C PRO A 28 -14.63 -5.77 -7.70
N LYS A 29 -13.70 -4.86 -7.39
CA LYS A 29 -13.79 -3.85 -6.32
C LYS A 29 -12.86 -2.66 -6.61
N THR A 30 -13.29 -1.46 -6.20
CA THR A 30 -12.49 -0.22 -6.30
C THR A 30 -11.11 -0.33 -5.61
N LYS A 31 -10.13 0.45 -6.09
CA LYS A 31 -8.70 0.40 -5.70
C LYS A 31 -8.14 1.82 -5.58
N ASP A 32 -7.22 2.03 -4.63
CA ASP A 32 -6.72 3.35 -4.20
C ASP A 32 -6.29 4.28 -5.37
N PRO A 33 -6.84 5.50 -5.49
CA PRO A 33 -6.54 6.42 -6.61
C PRO A 33 -5.47 7.47 -6.28
N ASP A 34 -5.06 7.60 -5.02
CA ASP A 34 -4.12 8.59 -4.51
C ASP A 34 -3.37 8.06 -3.27
N LEU A 35 -2.03 8.01 -3.35
CA LEU A 35 -1.14 7.43 -2.34
C LEU A 35 0.16 8.26 -2.22
N THR A 36 0.70 8.37 -1.01
CA THR A 36 2.08 8.80 -0.76
C THR A 36 3.09 7.80 -1.36
N PRO A 37 4.36 8.18 -1.56
CA PRO A 37 5.42 7.24 -1.95
C PRO A 37 5.61 6.10 -0.94
N SER A 38 5.51 6.37 0.36
CA SER A 38 5.47 5.33 1.40
C SER A 38 4.27 4.38 1.25
N GLY A 39 3.11 4.89 0.82
CA GLY A 39 1.93 4.11 0.45
C GLY A 39 2.17 3.15 -0.72
N ILE A 40 2.87 3.60 -1.76
CA ILE A 40 3.33 2.73 -2.87
C ILE A 40 4.16 1.56 -2.34
N ILE A 41 5.21 1.85 -1.55
CA ILE A 41 6.11 0.83 -0.99
C ILE A 41 5.40 -0.11 0.00
N ALA A 42 4.43 0.39 0.78
CA ALA A 42 3.60 -0.41 1.68
C ALA A 42 2.83 -1.54 0.96
N LYS A 43 2.29 -1.27 -0.24
CA LYS A 43 1.67 -2.29 -1.10
C LYS A 43 2.68 -3.37 -1.55
N VAL A 44 3.90 -2.98 -1.91
CA VAL A 44 4.96 -3.92 -2.30
C VAL A 44 5.41 -4.80 -1.13
N LYS A 45 5.59 -4.21 0.06
CA LYS A 45 5.85 -4.92 1.33
C LYS A 45 4.74 -5.92 1.70
N ALA A 46 3.48 -5.56 1.44
CA ALA A 46 2.31 -6.40 1.67
C ALA A 46 2.08 -7.48 0.59
N GLY A 47 2.76 -7.41 -0.56
CA GLY A 47 2.58 -8.30 -1.71
C GLY A 47 1.37 -7.96 -2.59
N ASP A 48 0.77 -6.78 -2.40
CA ASP A 48 -0.39 -6.30 -3.17
C ASP A 48 -0.02 -5.77 -4.57
N MET A 49 1.26 -5.51 -4.83
CA MET A 49 1.77 -4.90 -6.07
C MET A 49 3.23 -5.31 -6.38
N THR A 50 3.52 -5.57 -7.66
CA THR A 50 4.90 -5.81 -8.16
C THR A 50 5.77 -4.55 -8.10
N GLN A 51 7.08 -4.74 -8.00
CA GLN A 51 8.07 -3.65 -7.99
C GLN A 51 7.98 -2.76 -9.23
N GLU A 52 7.86 -3.32 -10.44
CA GLU A 52 7.85 -2.52 -11.68
C GLU A 52 6.57 -1.69 -11.85
N THR A 53 5.42 -2.22 -11.43
CA THR A 53 4.16 -1.44 -11.35
C THR A 53 4.28 -0.30 -10.33
N ALA A 54 4.84 -0.58 -9.15
CA ALA A 54 5.13 0.42 -8.12
C ALA A 54 6.07 1.53 -8.64
N ARG A 55 7.16 1.14 -9.32
CA ARG A 55 8.14 2.04 -9.91
C ARG A 55 7.53 2.97 -10.97
N GLU A 56 6.70 2.42 -11.86
CA GLU A 56 5.94 3.15 -12.87
C GLU A 56 5.07 4.26 -12.26
N LEU A 57 4.33 3.95 -11.18
CA LEU A 57 3.58 4.95 -10.41
C LEU A 57 4.49 6.04 -9.83
N LEU A 58 5.59 5.67 -9.16
CA LEU A 58 6.56 6.61 -8.56
C LEU A 58 7.21 7.54 -9.60
N LEU A 59 7.55 7.02 -10.78
CA LEU A 59 8.06 7.80 -11.92
C LEU A 59 7.04 8.82 -12.47
N ALA A 60 5.74 8.58 -12.30
CA ALA A 60 4.66 9.53 -12.59
C ALA A 60 4.35 10.50 -11.42
N MET A 61 4.88 10.25 -10.21
CA MET A 61 4.65 11.04 -8.98
C MET A 61 5.80 11.99 -8.64
N ARG A 62 7.04 11.68 -9.05
CA ARG A 62 8.23 12.54 -8.87
C ARG A 62 8.19 13.84 -9.68
N GLY B 1 27.89 -5.24 26.10
CA GLY B 1 26.82 -4.65 25.26
C GLY B 1 25.59 -4.27 26.08
N PRO B 2 24.73 -3.37 25.56
CA PRO B 2 23.58 -2.83 26.29
C PRO B 2 22.38 -3.80 26.37
N GLY B 3 22.29 -4.79 25.46
CA GLY B 3 21.20 -5.77 25.37
C GLY B 3 20.80 -6.13 23.93
N SER B 4 19.88 -7.08 23.78
CA SER B 4 19.25 -7.43 22.49
C SER B 4 18.41 -6.29 21.90
N TYR B 5 18.13 -6.34 20.60
CA TYR B 5 17.28 -5.38 19.89
C TYR B 5 15.86 -5.29 20.46
N MET B 6 15.29 -4.07 20.46
CA MET B 6 13.92 -3.75 20.88
C MET B 6 13.47 -2.39 20.30
N THR B 7 12.15 -2.15 20.29
CA THR B 7 11.53 -0.92 19.78
C THR B 7 10.23 -0.56 20.55
N HIS B 8 9.64 0.59 20.22
CA HIS B 8 8.36 1.10 20.72
C HIS B 8 7.22 0.06 20.72
N PHE B 9 6.28 0.18 21.66
CA PHE B 9 4.95 -0.42 21.51
C PHE B 9 4.20 0.26 20.34
N GLU B 10 3.62 -0.53 19.43
CA GLU B 10 3.06 0.00 18.17
C GLU B 10 1.81 0.87 18.41
N ASP B 11 1.69 1.97 17.64
CA ASP B 11 0.66 3.01 17.84
C ASP B 11 -0.31 3.17 16.64
N HIS B 12 -0.32 2.20 15.71
CA HIS B 12 -1.23 2.10 14.55
C HIS B 12 -1.24 0.68 13.97
N ARG B 13 -2.42 0.15 13.65
CA ARG B 13 -2.63 -1.24 13.19
C ARG B 13 -3.61 -1.33 12.01
N VAL B 14 -3.49 -2.43 11.26
CA VAL B 14 -4.13 -2.73 9.96
C VAL B 14 -3.31 -2.06 8.84
N GLY B 15 -2.46 -2.83 8.16
CA GLY B 15 -1.42 -2.32 7.24
C GLY B 15 -1.92 -1.49 6.06
N SER B 16 -3.17 -1.72 5.62
CA SER B 16 -3.82 -0.98 4.53
C SER B 16 -4.38 0.39 4.96
N ASP B 17 -4.53 0.68 6.26
CA ASP B 17 -4.90 2.00 6.78
C ASP B 17 -3.86 3.07 6.39
N ARG B 18 -4.31 4.25 5.91
CA ARG B 18 -3.45 5.32 5.37
C ARG B 18 -2.45 5.92 6.37
N LEU B 19 -2.77 5.85 7.66
CA LEU B 19 -1.92 6.31 8.77
C LEU B 19 -0.98 5.22 9.35
N ALA B 20 -1.07 3.97 8.87
CA ALA B 20 -0.25 2.83 9.31
C ALA B 20 0.96 2.55 8.39
N ALA B 21 1.26 3.45 7.45
CA ALA B 21 2.41 3.36 6.53
C ALA B 21 3.77 3.21 7.25
N ASP B 22 4.73 2.56 6.60
CA ASP B 22 6.05 2.24 7.16
C ASP B 22 7.06 3.38 6.87
N GLY B 23 7.12 4.35 7.80
CA GLY B 23 7.91 5.58 7.69
C GLY B 23 7.40 6.54 6.60
N GLU B 24 8.27 7.45 6.15
CA GLU B 24 7.97 8.48 5.14
C GLU B 24 9.21 8.78 4.27
N ILE B 25 8.99 8.90 2.96
CA ILE B 25 10.00 8.93 1.89
C ILE B 25 9.51 9.75 0.68
N SER B 26 10.44 10.33 -0.09
CA SER B 26 10.17 11.00 -1.38
C SER B 26 9.95 9.99 -2.53
N ALA B 27 9.31 10.42 -3.62
CA ALA B 27 9.03 9.60 -4.80
C ALA B 27 10.30 9.06 -5.49
N ASP B 28 11.35 9.87 -5.62
CA ASP B 28 12.66 9.45 -6.15
C ASP B 28 13.45 8.53 -5.20
N GLU B 29 13.40 8.79 -3.88
CA GLU B 29 14.00 7.90 -2.86
C GLU B 29 13.41 6.47 -2.90
N ALA B 30 12.08 6.38 -3.06
CA ALA B 30 11.35 5.12 -3.13
C ALA B 30 11.77 4.20 -4.30
N LEU B 31 12.25 4.76 -5.42
CA LEU B 31 12.74 3.98 -6.58
C LEU B 31 13.87 3.01 -6.21
N SER B 32 14.85 3.47 -5.44
CA SER B 32 15.99 2.67 -4.96
C SER B 32 15.57 1.63 -3.91
N MET B 33 14.54 1.91 -3.10
CA MET B 33 14.03 0.98 -2.08
C MET B 33 13.42 -0.28 -2.68
N LEU B 34 12.75 -0.17 -3.83
CA LEU B 34 12.21 -1.31 -4.58
C LEU B 34 13.29 -2.34 -4.98
N ASP B 35 14.51 -1.86 -5.25
CA ASP B 35 15.65 -2.69 -5.64
C ASP B 35 16.34 -3.36 -4.43
N ALA B 36 16.21 -2.77 -3.24
CA ALA B 36 16.66 -3.36 -1.97
C ALA B 36 15.72 -4.49 -1.47
N ILE B 37 14.42 -4.42 -1.80
CA ILE B 37 13.44 -5.49 -1.53
C ILE B 37 13.81 -6.77 -2.32
N GLY B 38 13.80 -7.93 -1.66
CA GLY B 38 14.10 -9.25 -2.27
C GLY B 38 13.40 -10.41 -1.55
N THR B 39 13.72 -11.64 -1.98
CA THR B 39 13.10 -12.88 -1.44
C THR B 39 13.93 -13.43 -0.28
N GLY B 40 13.56 -13.06 0.95
CA GLY B 40 14.05 -13.70 2.17
C GLY B 40 13.47 -15.11 2.40
N GLN B 41 14.18 -15.91 3.21
CA GLN B 41 13.77 -17.25 3.66
C GLN B 41 14.60 -17.72 4.88
N SER B 42 13.98 -18.52 5.76
CA SER B 42 14.65 -19.19 6.88
C SER B 42 15.73 -20.19 6.42
N THR B 43 16.75 -20.40 7.25
CA THR B 43 17.80 -21.41 7.01
C THR B 43 17.24 -22.85 6.90
N PRO B 44 17.75 -23.71 6.00
CA PRO B 44 17.33 -25.11 5.89
C PRO B 44 18.06 -25.96 6.95
N THR B 45 17.48 -26.05 8.15
CA THR B 45 18.04 -26.74 9.33
C THR B 45 18.38 -28.21 9.07
N GLY B 46 19.52 -28.67 9.61
CA GLY B 46 20.03 -30.05 9.51
C GLY B 46 20.21 -30.76 10.85
N ALA B 47 19.42 -30.36 11.87
CA ALA B 47 19.53 -30.76 13.27
C ALA B 47 20.86 -30.33 13.92
N ASP B 48 21.27 -30.99 15.02
CA ASP B 48 22.49 -30.69 15.79
C ASP B 48 23.07 -31.94 16.46
N ASP B 49 22.31 -32.53 17.41
CA ASP B 49 22.64 -33.74 18.20
C ASP B 49 24.02 -33.70 18.89
N GLY A 1 -39.21 -40.42 24.88
CA GLY A 1 -38.84 -40.49 23.45
C GLY A 1 -37.38 -40.94 23.26
N PRO A 2 -37.00 -41.33 22.03
CA PRO A 2 -35.63 -41.75 21.70
C PRO A 2 -34.62 -40.59 21.81
N GLY A 3 -33.42 -40.89 22.32
CA GLY A 3 -32.31 -39.93 22.48
C GLY A 3 -31.79 -39.37 21.15
N SER A 4 -31.33 -38.12 21.18
CA SER A 4 -30.69 -37.43 20.05
C SER A 4 -29.39 -38.14 19.58
N PRO A 5 -29.02 -38.05 18.28
CA PRO A 5 -27.77 -38.61 17.77
C PRO A 5 -26.53 -37.87 18.31
N ASN A 6 -25.45 -38.62 18.58
CA ASN A 6 -24.19 -38.09 19.13
C ASN A 6 -23.25 -37.48 18.05
N SER A 7 -23.58 -37.59 16.77
CA SER A 7 -22.76 -37.11 15.63
C SER A 7 -22.52 -35.60 15.62
N TYR A 8 -21.40 -35.19 15.01
CA TYR A 8 -20.91 -33.81 14.88
C TYR A 8 -19.78 -33.71 13.85
N LEU A 9 -19.65 -32.54 13.20
CA LEU A 9 -18.52 -32.17 12.34
C LEU A 9 -18.25 -30.64 12.38
N PRO A 10 -16.98 -30.18 12.28
CA PRO A 10 -16.64 -28.75 12.27
C PRO A 10 -17.37 -27.95 11.18
N ALA A 11 -17.76 -26.71 11.51
CA ALA A 11 -18.50 -25.81 10.63
C ALA A 11 -17.56 -24.98 9.72
N GLU A 12 -16.92 -25.67 8.77
CA GLU A 12 -15.97 -25.11 7.79
C GLU A 12 -14.74 -24.45 8.47
N ASN A 13 -14.16 -23.40 7.86
CA ASN A 13 -12.97 -22.70 8.35
C ASN A 13 -13.34 -21.63 9.39
N GLU A 14 -13.68 -22.07 10.61
CA GLU A 14 -14.01 -21.23 11.76
C GLU A 14 -12.88 -20.22 12.12
N ASP A 15 -13.26 -19.03 12.58
CA ASP A 15 -12.35 -17.93 12.97
C ASP A 15 -11.27 -18.37 14.00
N PRO A 16 -9.96 -18.16 13.74
CA PRO A 16 -8.88 -18.51 14.66
C PRO A 16 -8.54 -17.33 15.60
N ASP A 17 -9.56 -16.67 16.14
CA ASP A 17 -9.50 -15.44 16.95
C ASP A 17 -8.73 -14.30 16.25
N LYS A 18 -9.01 -14.07 14.95
CA LYS A 18 -8.41 -13.01 14.13
C LYS A 18 -8.89 -11.62 14.58
N ALA A 19 -7.97 -10.66 14.60
CA ALA A 19 -8.19 -9.29 15.09
C ALA A 19 -8.78 -8.35 14.01
N VAL A 20 -9.90 -8.77 13.42
CA VAL A 20 -10.67 -7.98 12.43
C VAL A 20 -11.50 -6.90 13.14
N VAL A 21 -11.37 -5.64 12.71
CA VAL A 21 -12.09 -4.48 13.30
C VAL A 21 -12.14 -3.30 12.32
N ASP A 22 -13.35 -2.73 12.13
CA ASP A 22 -13.64 -1.72 11.09
C ASP A 22 -13.54 -0.27 11.60
N LEU A 23 -13.04 -0.08 12.83
CA LEU A 23 -12.84 1.22 13.48
C LEU A 23 -11.60 2.00 13.00
N HIS A 24 -10.75 1.37 12.17
CA HIS A 24 -9.56 2.00 11.55
C HIS A 24 -9.92 3.28 10.78
N ARG A 25 -9.07 4.32 10.90
CA ARG A 25 -9.25 5.66 10.31
C ARG A 25 -8.91 5.77 8.82
N SER A 26 -8.25 4.76 8.27
CA SER A 26 -7.83 4.66 6.85
C SER A 26 -8.99 4.76 5.84
N PRO A 27 -8.75 5.18 4.58
CA PRO A 27 -9.75 5.14 3.51
C PRO A 27 -10.33 3.72 3.24
N PRO A 28 -11.56 3.61 2.69
CA PRO A 28 -12.24 2.33 2.44
C PRO A 28 -11.45 1.35 1.55
N LYS A 29 -11.59 0.05 1.84
CA LYS A 29 -11.05 -1.09 1.06
C LYS A 29 -9.52 -1.07 0.98
N THR A 30 -8.94 -1.34 -0.20
CA THR A 30 -7.49 -1.54 -0.44
C THR A 30 -6.90 -0.48 -1.39
N LYS A 31 -7.47 0.73 -1.38
CA LYS A 31 -7.19 1.84 -2.30
C LYS A 31 -7.21 3.22 -1.63
N ASP A 32 -6.81 4.24 -2.38
CA ASP A 32 -6.75 5.65 -1.99
C ASP A 32 -7.19 6.55 -3.16
N PRO A 33 -7.79 7.73 -2.91
CA PRO A 33 -8.16 8.68 -3.98
C PRO A 33 -6.95 9.29 -4.68
N ASP A 34 -5.81 9.39 -3.97
CA ASP A 34 -4.48 9.76 -4.48
C ASP A 34 -3.42 8.94 -3.73
N LEU A 35 -2.64 8.15 -4.47
CA LEU A 35 -1.51 7.37 -3.93
C LEU A 35 -0.38 8.28 -3.41
N THR A 36 0.42 7.74 -2.49
CA THR A 36 1.60 8.39 -1.88
C THR A 36 2.80 7.44 -1.98
N PRO A 37 4.06 7.94 -2.01
CA PRO A 37 5.23 7.09 -2.25
C PRO A 37 5.50 6.11 -1.09
N SER A 38 5.24 6.51 0.16
CA SER A 38 5.18 5.60 1.31
C SER A 38 4.13 4.50 1.13
N GLY A 39 2.92 4.86 0.67
CA GLY A 39 1.84 3.95 0.29
C GLY A 39 2.22 2.93 -0.80
N ILE A 40 2.93 3.36 -1.86
CA ILE A 40 3.49 2.47 -2.88
C ILE A 40 4.35 1.36 -2.27
N ILE A 41 5.36 1.74 -1.49
CA ILE A 41 6.29 0.77 -0.91
C ILE A 41 5.59 -0.14 0.12
N ALA A 42 4.66 0.41 0.91
CA ALA A 42 3.81 -0.38 1.82
C ALA A 42 2.99 -1.46 1.08
N LYS A 43 2.37 -1.11 -0.06
CA LYS A 43 1.59 -2.04 -0.91
C LYS A 43 2.47 -3.15 -1.53
N VAL A 44 3.71 -2.84 -1.90
CA VAL A 44 4.72 -3.82 -2.34
C VAL A 44 5.16 -4.74 -1.19
N LYS A 45 5.46 -4.18 -0.01
CA LYS A 45 5.82 -4.93 1.22
C LYS A 45 4.69 -5.87 1.69
N ALA A 46 3.43 -5.49 1.47
CA ALA A 46 2.24 -6.32 1.73
C ALA A 46 2.04 -7.47 0.71
N GLY A 47 2.81 -7.50 -0.40
CA GLY A 47 2.69 -8.48 -1.48
C GLY A 47 1.55 -8.19 -2.47
N ASP A 48 0.99 -6.98 -2.44
CA ASP A 48 -0.24 -6.61 -3.17
C ASP A 48 0.02 -5.81 -4.47
N MET A 49 1.30 -5.64 -4.85
CA MET A 49 1.74 -4.94 -6.06
C MET A 49 3.18 -5.30 -6.44
N THR A 50 3.48 -5.48 -7.73
CA THR A 50 4.85 -5.71 -8.24
C THR A 50 5.75 -4.48 -8.10
N GLN A 51 7.05 -4.70 -7.97
CA GLN A 51 8.08 -3.65 -8.08
C GLN A 51 7.99 -2.89 -9.42
N GLU A 52 7.68 -3.59 -10.52
CA GLU A 52 7.48 -3.01 -11.85
C GLU A 52 6.35 -1.95 -11.87
N THR A 53 5.16 -2.30 -11.36
CA THR A 53 4.01 -1.39 -11.29
C THR A 53 4.26 -0.25 -10.29
N ALA A 54 4.87 -0.57 -9.14
CA ALA A 54 5.29 0.41 -8.14
C ALA A 54 6.21 1.50 -8.72
N ARG A 55 7.28 1.11 -9.43
CA ARG A 55 8.24 2.03 -10.02
C ARG A 55 7.60 2.94 -11.07
N GLU A 56 6.74 2.41 -11.94
CA GLU A 56 5.95 3.17 -12.91
C GLU A 56 5.10 4.26 -12.25
N LEU A 57 4.38 3.94 -11.16
CA LEU A 57 3.60 4.89 -10.38
C LEU A 57 4.48 5.97 -9.71
N LEU A 58 5.63 5.60 -9.12
CA LEU A 58 6.58 6.53 -8.51
C LEU A 58 7.23 7.50 -9.52
N LEU A 59 7.57 7.01 -10.71
CA LEU A 59 8.07 7.83 -11.82
C LEU A 59 7.07 8.91 -12.26
N ALA A 60 5.77 8.66 -12.13
CA ALA A 60 4.71 9.65 -12.36
C ALA A 60 4.54 10.66 -11.19
N MET A 61 4.97 10.33 -9.96
CA MET A 61 4.93 11.24 -8.80
C MET A 61 6.10 12.23 -8.77
N ARG A 62 7.33 11.73 -8.96
CA ARG A 62 8.58 12.52 -8.85
C ARG A 62 8.76 13.54 -9.98
N GLY B 1 20.82 -8.62 44.13
CA GLY B 1 19.36 -8.47 43.97
C GLY B 1 18.88 -8.93 42.59
N PRO B 2 17.65 -9.47 42.49
CA PRO B 2 17.07 -9.93 41.23
C PRO B 2 16.86 -8.78 40.23
N GLY B 3 17.08 -9.05 38.94
CA GLY B 3 16.98 -8.07 37.85
C GLY B 3 18.17 -7.12 37.72
N SER B 4 19.28 -7.35 38.44
CA SER B 4 20.54 -6.62 38.26
C SER B 4 21.21 -7.00 36.92
N TYR B 5 21.63 -6.00 36.15
CA TYR B 5 22.27 -6.13 34.83
C TYR B 5 23.27 -4.99 34.57
N MET B 6 24.06 -4.60 35.59
CA MET B 6 24.87 -3.38 35.59
C MET B 6 25.93 -3.29 34.47
N THR B 7 26.41 -4.43 33.95
CA THR B 7 27.33 -4.52 32.80
C THR B 7 26.66 -4.39 31.43
N HIS B 8 25.33 -4.58 31.34
CA HIS B 8 24.56 -4.65 30.09
C HIS B 8 24.42 -3.29 29.37
N PHE B 9 24.35 -3.31 28.03
CA PHE B 9 24.02 -2.14 27.19
C PHE B 9 22.50 -2.03 26.95
N GLU B 10 22.08 -1.55 25.78
CA GLU B 10 20.66 -1.37 25.41
C GLU B 10 19.80 -2.64 25.59
N ASP B 11 18.58 -2.48 26.13
CA ASP B 11 17.67 -3.58 26.45
C ASP B 11 16.67 -3.88 25.32
N HIS B 12 17.16 -4.50 24.26
CA HIS B 12 16.35 -5.05 23.14
C HIS B 12 15.89 -6.48 23.47
N ARG B 13 15.14 -6.61 24.56
CA ARG B 13 14.76 -7.87 25.25
C ARG B 13 13.46 -7.72 26.07
N VAL B 14 12.45 -7.08 25.48
CA VAL B 14 11.18 -6.67 26.09
C VAL B 14 10.09 -6.50 25.02
N GLY B 15 8.80 -6.56 25.41
CA GLY B 15 7.65 -6.56 24.51
C GLY B 15 7.25 -5.18 23.97
N SER B 16 8.23 -4.44 23.44
CA SER B 16 8.08 -3.14 22.74
C SER B 16 8.53 -3.24 21.26
N ASP B 17 8.59 -4.47 20.74
CA ASP B 17 8.93 -4.81 19.36
C ASP B 17 7.83 -4.45 18.34
N ARG B 18 8.22 -4.30 17.06
CA ARG B 18 7.33 -4.23 15.88
C ARG B 18 6.23 -3.15 16.00
N LEU B 19 6.65 -1.91 16.22
CA LEU B 19 5.80 -0.71 16.33
C LEU B 19 6.48 0.53 15.71
N ALA B 20 5.77 1.66 15.73
CA ALA B 20 6.11 2.90 15.00
C ALA B 20 6.21 2.65 13.46
N ALA B 21 7.21 3.23 12.79
CA ALA B 21 7.39 3.15 11.33
C ALA B 21 8.87 3.38 10.92
N ASP B 22 9.18 3.06 9.66
CA ASP B 22 10.52 3.22 9.05
C ASP B 22 10.94 4.69 8.86
N GLY B 23 9.97 5.60 8.64
CA GLY B 23 10.18 7.03 8.35
C GLY B 23 9.61 7.46 7.00
N GLU B 24 9.27 8.75 6.88
CA GLU B 24 8.79 9.39 5.66
C GLU B 24 9.80 9.29 4.49
N ILE B 25 9.29 9.12 3.25
CA ILE B 25 10.08 9.00 2.01
C ILE B 25 9.43 9.82 0.88
N SER B 26 10.25 10.40 0.01
CA SER B 26 9.81 11.00 -1.26
C SER B 26 9.77 9.96 -2.40
N ALA B 27 9.10 10.28 -3.52
CA ALA B 27 8.94 9.36 -4.64
C ALA B 27 10.26 9.00 -5.35
N ASP B 28 11.23 9.91 -5.43
CA ASP B 28 12.57 9.62 -5.97
C ASP B 28 13.41 8.71 -5.04
N GLU B 29 13.31 8.87 -3.71
CA GLU B 29 13.92 7.95 -2.73
C GLU B 29 13.33 6.53 -2.84
N ALA B 30 12.02 6.42 -3.03
CA ALA B 30 11.30 5.16 -3.13
C ALA B 30 11.76 4.29 -4.34
N LEU B 31 12.23 4.89 -5.45
CA LEU B 31 12.78 4.17 -6.60
C LEU B 31 13.96 3.26 -6.19
N SER B 32 14.89 3.76 -5.37
CA SER B 32 16.05 3.01 -4.86
C SER B 32 15.64 1.91 -3.89
N MET B 33 14.57 2.11 -3.11
CA MET B 33 14.07 1.13 -2.12
C MET B 33 13.50 -0.14 -2.76
N LEU B 34 12.88 -0.05 -3.93
CA LEU B 34 12.32 -1.22 -4.65
C LEU B 34 13.39 -2.27 -4.99
N ASP B 35 14.61 -1.84 -5.31
CA ASP B 35 15.74 -2.73 -5.62
C ASP B 35 16.12 -3.66 -4.45
N ALA B 36 15.93 -3.20 -3.21
CA ALA B 36 16.20 -3.97 -1.99
C ALA B 36 15.12 -5.02 -1.67
N ILE B 37 13.91 -4.91 -2.26
CA ILE B 37 12.81 -5.87 -2.07
C ILE B 37 12.98 -7.04 -3.05
N GLY B 38 13.19 -8.24 -2.52
CA GLY B 38 13.54 -9.45 -3.27
C GLY B 38 12.34 -10.19 -3.91
N THR B 39 12.56 -11.47 -4.24
CA THR B 39 11.62 -12.33 -4.97
C THR B 39 10.52 -12.87 -4.05
N GLY B 40 9.25 -12.56 -4.34
CA GLY B 40 8.08 -12.94 -3.53
C GLY B 40 7.52 -14.35 -3.77
N GLN B 41 7.98 -15.03 -4.83
CA GLN B 41 7.49 -16.36 -5.26
C GLN B 41 7.94 -17.53 -4.35
N SER B 42 8.93 -17.32 -3.47
CA SER B 42 9.44 -18.30 -2.49
C SER B 42 9.81 -17.64 -1.16
N THR B 43 10.09 -18.44 -0.13
CA THR B 43 10.50 -17.96 1.21
C THR B 43 11.80 -17.14 1.17
N PRO B 44 11.92 -16.04 1.95
CA PRO B 44 13.09 -15.16 1.92
C PRO B 44 14.28 -15.77 2.67
N THR B 45 15.45 -15.81 2.00
CA THR B 45 16.75 -16.26 2.55
C THR B 45 17.90 -15.40 1.99
N GLY B 46 19.06 -15.41 2.67
CA GLY B 46 20.27 -14.69 2.27
C GLY B 46 20.87 -13.80 3.37
N ALA B 47 22.18 -13.54 3.26
CA ALA B 47 22.91 -12.62 4.13
C ALA B 47 22.37 -11.18 4.07
N ASP B 48 22.45 -10.45 5.19
CA ASP B 48 21.97 -9.06 5.35
C ASP B 48 22.86 -8.30 6.36
N ASP B 49 23.64 -7.32 5.88
CA ASP B 49 24.59 -6.52 6.67
C ASP B 49 23.92 -5.34 7.43
N GLY A 1 -71.82 1.49 -18.62
CA GLY A 1 -72.26 0.98 -19.93
C GLY A 1 -72.47 -0.52 -19.94
N PRO A 2 -73.20 -1.07 -20.92
CA PRO A 2 -73.48 -2.51 -21.05
C PRO A 2 -72.23 -3.32 -21.42
N GLY A 3 -72.17 -4.57 -20.96
CA GLY A 3 -71.14 -5.55 -21.35
C GLY A 3 -71.19 -5.96 -22.83
N SER A 4 -70.13 -6.62 -23.30
CA SER A 4 -69.99 -7.13 -24.68
C SER A 4 -69.14 -8.41 -24.75
N PRO A 5 -69.09 -9.12 -25.90
CA PRO A 5 -68.30 -10.35 -26.04
C PRO A 5 -66.77 -10.15 -26.05
N ASN A 6 -66.30 -8.92 -26.28
CA ASN A 6 -64.89 -8.57 -26.36
C ASN A 6 -64.09 -8.94 -25.09
N SER A 7 -62.90 -9.54 -25.27
CA SER A 7 -61.98 -9.91 -24.19
C SER A 7 -61.38 -8.70 -23.45
N TYR A 8 -61.07 -8.87 -22.16
CA TYR A 8 -60.36 -7.89 -21.31
C TYR A 8 -59.68 -8.58 -20.12
N LEU A 9 -58.51 -8.08 -19.72
CA LEU A 9 -57.71 -8.55 -18.59
C LEU A 9 -56.74 -7.45 -18.09
N PRO A 10 -56.44 -7.37 -16.78
CA PRO A 10 -55.44 -6.46 -16.23
C PRO A 10 -54.01 -6.84 -16.70
N ALA A 11 -53.13 -5.84 -16.78
CA ALA A 11 -51.76 -5.97 -17.28
C ALA A 11 -50.81 -4.90 -16.69
N GLU A 12 -49.51 -5.01 -16.97
CA GLU A 12 -48.45 -4.11 -16.51
C GLU A 12 -47.56 -3.64 -17.69
N ASN A 13 -47.10 -2.39 -17.64
CA ASN A 13 -46.36 -1.72 -18.72
C ASN A 13 -44.88 -1.38 -18.34
N GLU A 14 -44.37 -1.98 -17.25
CA GLU A 14 -42.98 -1.85 -16.80
C GLU A 14 -41.95 -2.34 -17.85
N ASP A 15 -40.82 -1.63 -17.95
CA ASP A 15 -39.70 -1.94 -18.85
C ASP A 15 -38.38 -1.44 -18.26
N PRO A 16 -37.39 -2.32 -17.94
CA PRO A 16 -36.10 -1.90 -17.37
C PRO A 16 -35.19 -1.14 -18.35
N ASP A 17 -35.40 -1.30 -19.66
CA ASP A 17 -34.71 -0.59 -20.75
C ASP A 17 -33.17 -0.56 -20.59
N LYS A 18 -32.58 -1.75 -20.39
CA LYS A 18 -31.17 -1.94 -19.99
C LYS A 18 -30.17 -1.25 -20.93
N ALA A 19 -29.18 -0.60 -20.32
CA ALA A 19 -28.12 0.19 -20.94
C ALA A 19 -26.99 0.50 -19.93
N VAL A 20 -26.02 1.35 -20.31
CA VAL A 20 -24.97 1.87 -19.42
C VAL A 20 -25.55 2.57 -18.17
N VAL A 21 -24.87 2.44 -17.04
CA VAL A 21 -25.31 2.94 -15.73
C VAL A 21 -24.13 3.16 -14.77
N ASP A 22 -24.18 4.26 -14.02
CA ASP A 22 -23.16 4.68 -13.03
C ASP A 22 -23.72 4.89 -11.60
N LEU A 23 -24.98 4.49 -11.36
CA LEU A 23 -25.66 4.61 -10.06
C LEU A 23 -25.06 3.72 -8.95
N HIS A 24 -24.51 2.56 -9.30
CA HIS A 24 -24.08 1.51 -8.35
C HIS A 24 -22.56 1.26 -8.32
N ARG A 25 -21.75 2.13 -8.93
CA ARG A 25 -20.29 1.96 -9.12
C ARG A 25 -19.55 3.29 -9.31
N SER A 26 -18.22 3.24 -9.30
CA SER A 26 -17.34 4.42 -9.40
C SER A 26 -17.43 5.17 -10.76
N PRO A 27 -17.24 6.51 -10.78
CA PRO A 27 -17.16 7.30 -12.00
C PRO A 27 -15.72 7.30 -12.59
N PRO A 28 -15.54 7.21 -13.93
CA PRO A 28 -14.23 7.19 -14.58
C PRO A 28 -13.77 8.62 -14.93
N LYS A 29 -13.75 9.49 -13.92
CA LYS A 29 -13.57 10.96 -14.05
C LYS A 29 -12.33 11.47 -13.29
N THR A 30 -11.21 10.75 -13.46
CA THR A 30 -9.86 11.07 -12.93
C THR A 30 -9.89 11.29 -11.40
N LYS A 31 -10.33 10.26 -10.66
CA LYS A 31 -10.48 10.26 -9.19
C LYS A 31 -9.38 9.50 -8.43
N ASP A 32 -8.30 9.15 -9.13
CA ASP A 32 -7.13 8.42 -8.63
C ASP A 32 -5.78 8.72 -9.36
N PRO A 33 -5.49 9.97 -9.80
CA PRO A 33 -4.26 10.26 -10.56
C PRO A 33 -2.97 10.20 -9.71
N ASP A 34 -3.06 10.51 -8.41
CA ASP A 34 -1.95 10.57 -7.45
C ASP A 34 -2.24 9.69 -6.21
N LEU A 35 -1.25 8.90 -5.78
CA LEU A 35 -1.27 8.13 -4.53
C LEU A 35 -0.30 8.78 -3.51
N THR A 36 0.51 7.97 -2.80
CA THR A 36 1.65 8.43 -1.98
C THR A 36 2.80 7.42 -2.10
N PRO A 37 4.08 7.85 -2.07
CA PRO A 37 5.22 6.92 -2.24
C PRO A 37 5.39 5.97 -1.05
N SER A 38 5.07 6.41 0.17
CA SER A 38 4.95 5.54 1.35
C SER A 38 3.90 4.44 1.14
N GLY A 39 2.73 4.80 0.58
CA GLY A 39 1.68 3.85 0.18
C GLY A 39 2.13 2.83 -0.87
N ILE A 40 2.88 3.27 -1.90
CA ILE A 40 3.49 2.38 -2.90
C ILE A 40 4.36 1.31 -2.23
N ILE A 41 5.35 1.71 -1.43
CA ILE A 41 6.28 0.78 -0.79
C ILE A 41 5.57 -0.15 0.20
N ALA A 42 4.58 0.35 0.95
CA ALA A 42 3.71 -0.47 1.80
C ALA A 42 2.94 -1.56 1.03
N LYS A 43 2.34 -1.23 -0.12
CA LYS A 43 1.65 -2.20 -1.00
C LYS A 43 2.59 -3.27 -1.53
N VAL A 44 3.79 -2.90 -1.99
CA VAL A 44 4.84 -3.87 -2.39
C VAL A 44 5.23 -4.80 -1.23
N LYS A 45 5.54 -4.25 -0.04
CA LYS A 45 5.87 -5.02 1.18
C LYS A 45 4.75 -6.00 1.60
N ALA A 46 3.49 -5.61 1.44
CA ALA A 46 2.30 -6.44 1.68
C ALA A 46 2.06 -7.54 0.62
N GLY A 47 2.75 -7.47 -0.53
CA GLY A 47 2.56 -8.38 -1.67
C GLY A 47 1.36 -8.04 -2.58
N ASP A 48 0.77 -6.85 -2.42
CA ASP A 48 -0.38 -6.36 -3.20
C ASP A 48 0.02 -5.67 -4.52
N MET A 49 1.33 -5.47 -4.76
CA MET A 49 1.87 -4.70 -5.89
C MET A 49 3.26 -5.22 -6.28
N THR A 50 3.54 -5.29 -7.60
CA THR A 50 4.87 -5.62 -8.12
C THR A 50 5.81 -4.41 -8.09
N GLN A 51 7.13 -4.66 -8.01
CA GLN A 51 8.17 -3.63 -8.12
C GLN A 51 8.05 -2.84 -9.44
N GLU A 52 7.68 -3.50 -10.55
CA GLU A 52 7.39 -2.84 -11.84
C GLU A 52 6.23 -1.85 -11.77
N THR A 53 5.07 -2.27 -11.22
CA THR A 53 3.89 -1.42 -11.01
C THR A 53 4.22 -0.22 -10.12
N ALA A 54 4.83 -0.49 -8.97
CA ALA A 54 5.34 0.50 -8.04
C ALA A 54 6.25 1.56 -8.69
N ARG A 55 7.31 1.14 -9.39
CA ARG A 55 8.28 2.08 -10.00
C ARG A 55 7.64 2.96 -11.07
N GLU A 56 6.77 2.40 -11.91
CA GLU A 56 5.95 3.14 -12.86
C GLU A 56 5.11 4.25 -12.19
N LEU A 57 4.40 3.92 -11.10
CA LEU A 57 3.61 4.89 -10.32
C LEU A 57 4.47 5.97 -9.65
N LEU A 58 5.63 5.61 -9.08
CA LEU A 58 6.58 6.56 -8.48
C LEU A 58 7.19 7.54 -9.50
N LEU A 59 7.53 7.05 -10.71
CA LEU A 59 7.98 7.90 -11.82
C LEU A 59 6.93 8.92 -12.29
N ALA A 60 5.63 8.64 -12.06
CA ALA A 60 4.54 9.60 -12.29
C ALA A 60 4.31 10.60 -11.13
N MET A 61 4.85 10.34 -9.93
CA MET A 61 4.67 11.19 -8.72
C MET A 61 5.90 12.04 -8.33
N ARG A 62 7.10 11.69 -8.80
CA ARG A 62 8.34 12.48 -8.58
C ARG A 62 8.30 13.87 -9.23
N GLY B 1 18.09 38.20 34.07
CA GLY B 1 18.35 36.82 34.55
C GLY B 1 19.68 36.30 34.03
N PRO B 2 20.65 35.96 34.90
CA PRO B 2 21.97 35.43 34.51
C PRO B 2 21.90 34.15 33.67
N GLY B 3 22.83 34.00 32.71
CA GLY B 3 22.96 32.79 31.87
C GLY B 3 23.28 31.50 32.64
N SER B 4 23.91 31.62 33.81
CA SER B 4 24.25 30.51 34.72
C SER B 4 23.09 30.22 35.69
N TYR B 5 22.00 29.68 35.16
CA TYR B 5 20.76 29.35 35.86
C TYR B 5 19.94 28.27 35.11
N MET B 6 19.16 27.47 35.82
CA MET B 6 18.38 26.37 35.23
C MET B 6 17.19 26.90 34.40
N THR B 7 17.21 26.65 33.09
CA THR B 7 16.25 27.14 32.07
C THR B 7 15.86 28.63 32.29
N HIS B 8 14.57 29.00 32.17
CA HIS B 8 14.04 30.37 32.38
C HIS B 8 14.79 31.44 31.56
N PHE B 9 15.05 31.14 30.28
CA PHE B 9 15.91 31.92 29.39
C PHE B 9 15.51 31.73 27.91
N GLU B 10 16.04 32.56 27.01
CA GLU B 10 15.74 32.57 25.57
C GLU B 10 16.56 31.51 24.78
N ASP B 11 16.58 30.27 25.27
CA ASP B 11 17.22 29.09 24.65
C ASP B 11 16.22 28.19 23.86
N HIS B 12 14.91 28.43 24.02
CA HIS B 12 13.84 27.73 23.30
C HIS B 12 13.81 28.07 21.80
N ARG B 13 13.38 27.12 20.96
CA ARG B 13 13.25 27.26 19.49
C ARG B 13 11.89 27.88 19.12
N VAL B 14 11.70 29.12 19.57
CA VAL B 14 10.50 29.95 19.37
C VAL B 14 10.19 30.25 17.88
N GLY B 15 8.92 30.51 17.58
CA GLY B 15 8.44 30.94 16.25
C GLY B 15 8.58 29.89 15.14
N SER B 16 8.61 30.36 13.88
CA SER B 16 8.68 29.55 12.66
C SER B 16 9.93 28.66 12.56
N ASP B 17 9.86 27.62 11.73
CA ASP B 17 10.94 26.65 11.47
C ASP B 17 10.93 26.14 10.01
N ARG B 18 12.05 25.57 9.57
CA ARG B 18 12.31 25.16 8.16
C ARG B 18 13.14 23.87 8.01
N LEU B 19 13.47 23.19 9.11
CA LEU B 19 14.24 21.93 9.09
C LEU B 19 13.53 20.76 8.37
N ALA B 20 14.29 19.71 8.09
CA ALA B 20 13.91 18.57 7.24
C ALA B 20 12.74 17.73 7.79
N ALA B 21 11.91 17.18 6.88
CA ALA B 21 10.85 16.22 7.20
C ALA B 21 11.37 14.98 7.95
N ASP B 22 10.60 14.45 8.89
CA ASP B 22 11.05 13.45 9.87
C ASP B 22 10.88 12.00 9.36
N GLY B 23 11.75 11.60 8.43
CA GLY B 23 11.95 10.20 8.00
C GLY B 23 11.03 9.70 6.89
N GLU B 24 9.99 10.46 6.51
CA GLU B 24 9.11 10.13 5.39
C GLU B 24 9.84 10.19 4.02
N ILE B 25 9.55 9.23 3.14
CA ILE B 25 10.22 9.07 1.84
C ILE B 25 9.58 9.94 0.75
N SER B 26 10.41 10.60 -0.07
CA SER B 26 9.98 11.17 -1.36
C SER B 26 9.88 10.08 -2.44
N ALA B 27 9.19 10.37 -3.56
CA ALA B 27 8.96 9.42 -4.65
C ALA B 27 10.22 9.03 -5.41
N ASP B 28 11.21 9.92 -5.55
CA ASP B 28 12.51 9.61 -6.16
C ASP B 28 13.41 8.70 -5.29
N GLU B 29 13.40 8.85 -3.97
CA GLU B 29 14.06 7.92 -3.03
C GLU B 29 13.50 6.49 -3.12
N ALA B 30 12.17 6.38 -3.21
CA ALA B 30 11.43 5.12 -3.27
C ALA B 30 11.81 4.23 -4.48
N LEU B 31 12.25 4.83 -5.61
CA LEU B 31 12.70 4.11 -6.81
C LEU B 31 13.82 3.10 -6.51
N SER B 32 14.79 3.50 -5.69
CA SER B 32 15.91 2.67 -5.24
C SER B 32 15.51 1.63 -4.19
N MET B 33 14.61 1.99 -3.28
CA MET B 33 14.16 1.14 -2.16
C MET B 33 13.53 -0.18 -2.63
N LEU B 34 12.80 -0.17 -3.74
CA LEU B 34 12.12 -1.34 -4.32
C LEU B 34 13.05 -2.55 -4.55
N ASP B 35 14.30 -2.31 -4.96
CA ASP B 35 15.29 -3.35 -5.24
C ASP B 35 15.64 -4.20 -3.99
N ALA B 36 15.55 -3.61 -2.80
CA ALA B 36 15.84 -4.27 -1.52
C ALA B 36 14.67 -5.13 -0.98
N ILE B 37 13.45 -4.99 -1.51
CA ILE B 37 12.25 -5.68 -1.00
C ILE B 37 12.16 -7.10 -1.58
N GLY B 38 12.38 -8.10 -0.73
CA GLY B 38 12.35 -9.52 -1.08
C GLY B 38 10.94 -10.10 -1.01
N THR B 39 10.09 -9.75 -1.97
CA THR B 39 8.70 -10.26 -2.10
C THR B 39 8.63 -11.74 -2.45
N GLY B 40 9.66 -12.26 -3.13
CA GLY B 40 9.93 -13.68 -3.35
C GLY B 40 10.93 -14.24 -2.34
N GLN B 41 11.93 -14.97 -2.82
CA GLN B 41 13.14 -15.33 -2.05
C GLN B 41 13.87 -14.07 -1.54
N SER B 42 14.47 -14.16 -0.35
CA SER B 42 15.32 -13.09 0.25
C SER B 42 16.47 -12.65 -0.68
N THR B 43 16.82 -11.36 -0.62
CA THR B 43 17.91 -10.77 -1.42
C THR B 43 19.28 -11.41 -1.14
N PRO B 44 20.15 -11.62 -2.15
CA PRO B 44 21.54 -12.06 -1.98
C PRO B 44 22.53 -10.88 -1.82
N THR B 45 22.03 -9.64 -1.83
CA THR B 45 22.78 -8.36 -1.70
C THR B 45 23.96 -8.23 -2.67
N GLY B 46 23.76 -8.64 -3.94
CA GLY B 46 24.72 -8.50 -5.04
C GLY B 46 24.71 -7.11 -5.69
N ALA B 47 25.41 -6.99 -6.82
CA ALA B 47 25.51 -5.77 -7.64
C ALA B 47 25.98 -6.09 -9.07
N ASP B 48 25.32 -5.52 -10.08
CA ASP B 48 25.60 -5.75 -11.51
C ASP B 48 26.60 -4.74 -12.13
N ASP B 49 26.89 -3.64 -11.43
CA ASP B 49 27.80 -2.55 -11.86
C ASP B 49 28.46 -1.80 -10.67
N GLY A 1 -37.59 13.71 -16.69
CA GLY A 1 -36.84 12.66 -17.43
C GLY A 1 -37.73 11.91 -18.42
N PRO A 2 -37.12 11.25 -19.44
CA PRO A 2 -37.85 10.47 -20.45
C PRO A 2 -38.53 9.22 -19.86
N GLY A 3 -39.72 8.89 -20.37
CA GLY A 3 -40.51 7.72 -19.97
C GLY A 3 -41.22 7.86 -18.61
N SER A 4 -42.19 6.96 -18.35
CA SER A 4 -42.91 6.88 -17.06
C SER A 4 -41.95 6.57 -15.89
N PRO A 5 -42.08 7.24 -14.73
CA PRO A 5 -41.18 7.04 -13.58
C PRO A 5 -41.36 5.65 -12.93
N ASN A 6 -40.23 4.98 -12.64
CA ASN A 6 -40.15 3.67 -11.98
C ASN A 6 -40.88 2.55 -12.76
N SER A 7 -40.86 2.60 -14.09
CA SER A 7 -41.56 1.68 -14.99
C SER A 7 -40.68 0.47 -15.37
N TYR A 8 -40.42 -0.39 -14.39
CA TYR A 8 -39.53 -1.56 -14.49
C TYR A 8 -39.88 -2.62 -13.43
N LEU A 9 -39.69 -3.91 -13.77
CA LEU A 9 -39.71 -5.05 -12.85
C LEU A 9 -38.77 -6.18 -13.33
N PRO A 10 -38.01 -6.85 -12.44
CA PRO A 10 -37.01 -7.84 -12.83
C PRO A 10 -37.64 -9.08 -13.47
N ALA A 11 -37.04 -9.54 -14.57
CA ALA A 11 -37.31 -10.79 -15.30
C ALA A 11 -38.60 -10.79 -16.15
N GLU A 12 -39.31 -9.66 -16.21
CA GLU A 12 -40.51 -9.44 -17.04
C GLU A 12 -40.47 -8.07 -17.78
N ASN A 13 -39.38 -7.31 -17.61
CA ASN A 13 -39.08 -6.05 -18.29
C ASN A 13 -39.06 -6.15 -19.84
N GLU A 14 -39.23 -5.02 -20.53
CA GLU A 14 -39.01 -4.90 -21.99
C GLU A 14 -37.51 -4.93 -22.33
N ASP A 15 -37.17 -5.19 -23.60
CA ASP A 15 -35.79 -5.19 -24.09
C ASP A 15 -35.03 -3.84 -24.01
N PRO A 16 -35.60 -2.66 -24.37
CA PRO A 16 -34.84 -1.40 -24.40
C PRO A 16 -34.95 -0.55 -23.11
N ASP A 17 -35.74 -0.98 -22.12
CA ASP A 17 -36.04 -0.16 -20.92
C ASP A 17 -34.88 -0.07 -19.91
N LYS A 18 -33.82 -0.87 -20.12
CA LYS A 18 -32.52 -0.81 -19.43
C LYS A 18 -31.53 0.20 -20.04
N ALA A 19 -31.89 0.86 -21.14
CA ALA A 19 -31.01 1.75 -21.92
C ALA A 19 -31.77 2.97 -22.50
N VAL A 20 -32.61 3.62 -21.68
CA VAL A 20 -33.50 4.73 -22.10
C VAL A 20 -32.71 6.02 -22.28
N VAL A 21 -32.55 6.46 -23.53
CA VAL A 21 -31.86 7.70 -23.96
C VAL A 21 -30.42 7.77 -23.43
N ASP A 22 -29.66 6.68 -23.65
CA ASP A 22 -28.27 6.53 -23.22
C ASP A 22 -27.25 6.66 -24.38
N LEU A 23 -27.58 7.47 -25.40
CA LEU A 23 -26.72 7.74 -26.56
C LEU A 23 -25.76 8.91 -26.25
N HIS A 24 -25.03 8.78 -25.13
CA HIS A 24 -24.04 9.76 -24.62
C HIS A 24 -22.82 9.92 -25.56
N ARG A 25 -22.26 11.13 -25.63
CA ARG A 25 -21.08 11.45 -26.47
C ARG A 25 -19.79 10.73 -26.07
N SER A 26 -19.67 10.42 -24.77
CA SER A 26 -18.55 9.72 -24.13
C SER A 26 -18.91 9.36 -22.67
N PRO A 27 -18.31 8.31 -22.08
CA PRO A 27 -18.53 7.96 -20.67
C PRO A 27 -17.79 8.92 -19.72
N PRO A 28 -18.30 9.16 -18.49
CA PRO A 28 -17.72 10.12 -17.54
C PRO A 28 -16.61 9.46 -16.67
N LYS A 29 -15.58 8.94 -17.36
CA LYS A 29 -14.38 8.32 -16.76
C LYS A 29 -13.57 9.32 -15.92
N THR A 30 -12.97 8.82 -14.83
CA THR A 30 -12.13 9.56 -13.87
C THR A 30 -10.86 8.77 -13.50
N LYS A 31 -9.87 9.46 -12.90
CA LYS A 31 -8.58 8.91 -12.44
C LYS A 31 -8.20 9.46 -11.06
N ASP A 32 -7.43 8.68 -10.30
CA ASP A 32 -6.96 9.00 -8.95
C ASP A 32 -5.40 8.99 -8.88
N PRO A 33 -4.72 10.13 -9.13
CA PRO A 33 -3.24 10.20 -9.13
C PRO A 33 -2.64 10.49 -7.74
N ASP A 34 -3.48 10.72 -6.72
CA ASP A 34 -3.06 11.22 -5.39
C ASP A 34 -2.78 10.06 -4.42
N LEU A 35 -1.55 9.55 -4.47
CA LEU A 35 -1.01 8.48 -3.62
C LEU A 35 0.28 8.97 -2.91
N THR A 36 0.49 8.56 -1.67
CA THR A 36 1.78 8.73 -0.98
C THR A 36 2.82 7.73 -1.51
N PRO A 37 4.11 8.10 -1.62
CA PRO A 37 5.17 7.18 -2.04
C PRO A 37 5.45 6.09 -0.99
N SER A 38 5.29 6.40 0.30
CA SER A 38 5.27 5.41 1.38
C SER A 38 4.15 4.38 1.20
N GLY A 39 2.97 4.78 0.72
CA GLY A 39 1.86 3.89 0.36
C GLY A 39 2.20 2.91 -0.77
N ILE A 40 2.87 3.38 -1.83
CA ILE A 40 3.41 2.53 -2.89
C ILE A 40 4.30 1.41 -2.32
N ILE A 41 5.28 1.78 -1.50
CA ILE A 41 6.24 0.84 -0.89
C ILE A 41 5.54 -0.13 0.09
N ALA A 42 4.57 0.34 0.88
CA ALA A 42 3.76 -0.50 1.77
C ALA A 42 3.00 -1.60 1.00
N LYS A 43 2.38 -1.28 -0.14
CA LYS A 43 1.71 -2.28 -1.01
C LYS A 43 2.67 -3.35 -1.54
N VAL A 44 3.88 -2.96 -1.95
CA VAL A 44 4.93 -3.90 -2.41
C VAL A 44 5.42 -4.80 -1.26
N LYS A 45 5.72 -4.23 -0.09
CA LYS A 45 6.11 -4.95 1.13
C LYS A 45 5.05 -5.95 1.62
N ALA A 46 3.76 -5.61 1.47
CA ALA A 46 2.63 -6.48 1.76
C ALA A 46 2.38 -7.57 0.69
N GLY A 47 3.00 -7.47 -0.48
CA GLY A 47 2.79 -8.39 -1.61
C GLY A 47 1.53 -8.12 -2.45
N ASP A 48 0.88 -6.96 -2.26
CA ASP A 48 -0.34 -6.54 -2.97
C ASP A 48 -0.09 -5.89 -4.35
N MET A 49 1.16 -5.54 -4.66
CA MET A 49 1.55 -4.87 -5.92
C MET A 49 2.99 -5.23 -6.33
N THR A 50 3.23 -5.42 -7.63
CA THR A 50 4.57 -5.66 -8.18
C THR A 50 5.51 -4.44 -8.03
N GLN A 51 6.82 -4.70 -7.96
CA GLN A 51 7.85 -3.65 -8.10
C GLN A 51 7.75 -2.92 -9.45
N GLU A 52 7.39 -3.61 -10.53
CA GLU A 52 7.18 -3.04 -11.87
C GLU A 52 6.10 -1.93 -11.87
N THR A 53 4.89 -2.24 -11.37
CA THR A 53 3.77 -1.28 -11.28
C THR A 53 4.07 -0.15 -10.29
N ALA A 54 4.67 -0.48 -9.14
CA ALA A 54 5.14 0.51 -8.17
C ALA A 54 6.10 1.55 -8.78
N ARG A 55 7.15 1.09 -9.47
CA ARG A 55 8.16 1.98 -10.07
C ARG A 55 7.58 2.85 -11.19
N GLU A 56 6.71 2.28 -12.04
CA GLU A 56 5.97 3.00 -13.07
C GLU A 56 5.17 4.17 -12.50
N LEU A 57 4.44 3.96 -11.40
CA LEU A 57 3.75 5.02 -10.65
C LEU A 57 4.73 6.06 -10.08
N LEU A 58 5.79 5.64 -9.37
CA LEU A 58 6.76 6.52 -8.74
C LEU A 58 7.52 7.42 -9.72
N LEU A 59 7.87 6.91 -10.91
CA LEU A 59 8.50 7.67 -12.00
C LEU A 59 7.59 8.80 -12.54
N ALA A 60 6.27 8.67 -12.45
CA ALA A 60 5.32 9.75 -12.73
C ALA A 60 5.08 10.69 -11.53
N MET A 61 5.09 10.16 -10.29
CA MET A 61 4.85 10.90 -9.04
C MET A 61 5.97 11.87 -8.66
N ARG A 62 7.24 11.53 -8.94
CA ARG A 62 8.44 12.34 -8.63
C ARG A 62 8.50 13.68 -9.38
N GLY B 1 18.25 -2.83 20.86
CA GLY B 1 16.99 -3.04 20.12
C GLY B 1 15.90 -3.66 21.00
N PRO B 2 14.68 -3.83 20.45
CA PRO B 2 13.54 -4.40 21.19
C PRO B 2 13.72 -5.91 21.47
N GLY B 3 13.12 -6.38 22.57
CA GLY B 3 13.18 -7.78 23.02
C GLY B 3 12.32 -8.77 22.20
N SER B 4 11.45 -8.27 21.31
CA SER B 4 10.58 -9.06 20.43
C SER B 4 10.30 -8.34 19.10
N TYR B 5 9.70 -9.06 18.14
CA TYR B 5 9.39 -8.56 16.79
C TYR B 5 8.47 -7.32 16.78
N MET B 6 8.70 -6.39 15.84
CA MET B 6 7.88 -5.20 15.61
C MET B 6 6.42 -5.56 15.29
N THR B 7 5.48 -4.75 15.78
CA THR B 7 4.02 -4.99 15.68
C THR B 7 3.21 -3.70 15.83
N HIS B 8 1.94 -3.73 15.39
CA HIS B 8 0.93 -2.68 15.60
C HIS B 8 -0.08 -3.04 16.72
N PHE B 9 0.10 -4.19 17.38
CA PHE B 9 -0.83 -4.79 18.35
C PHE B 9 -2.17 -5.18 17.68
N GLU B 10 -3.30 -5.06 18.39
CA GLU B 10 -4.65 -5.26 17.83
C GLU B 10 -4.91 -4.35 16.62
N ASP B 11 -5.71 -4.80 15.65
CA ASP B 11 -5.91 -4.14 14.35
C ASP B 11 -6.98 -3.02 14.39
N HIS B 12 -6.88 -2.19 15.43
CA HIS B 12 -7.72 -1.00 15.71
C HIS B 12 -6.91 0.26 16.13
N ARG B 13 -5.59 0.12 16.35
CA ARG B 13 -4.66 1.22 16.70
C ARG B 13 -4.64 2.31 15.63
N VAL B 14 -4.66 3.58 16.06
CA VAL B 14 -4.58 4.76 15.18
C VAL B 14 -3.12 5.22 15.05
N GLY B 15 -2.44 4.72 14.02
CA GLY B 15 -1.03 5.05 13.73
C GLY B 15 -0.81 6.43 13.08
N SER B 16 -1.87 7.10 12.64
CA SER B 16 -1.84 8.41 11.95
C SER B 16 -1.74 9.61 12.89
N ASP B 17 -1.83 9.40 14.21
CA ASP B 17 -1.81 10.46 15.24
C ASP B 17 -0.57 10.34 16.14
N ARG B 18 0.14 11.47 16.34
CA ARG B 18 1.30 11.64 17.25
C ARG B 18 2.56 10.87 16.81
N LEU B 19 2.64 10.55 15.51
CA LEU B 19 3.78 9.87 14.86
C LEU B 19 5.06 10.72 14.78
N ALA B 20 6.16 10.08 14.38
CA ALA B 20 7.44 10.71 14.04
C ALA B 20 7.70 10.65 12.52
N ALA B 21 7.76 11.82 11.87
CA ALA B 21 7.84 11.95 10.41
C ALA B 21 9.25 11.71 9.81
N ASP B 22 10.29 11.59 10.64
CA ASP B 22 11.69 11.45 10.23
C ASP B 22 11.96 10.24 9.30
N GLY B 23 11.22 9.13 9.49
CA GLY B 23 11.32 7.90 8.72
C GLY B 23 10.65 7.91 7.33
N GLU B 24 9.87 8.94 6.99
CA GLU B 24 9.17 9.06 5.69
C GLU B 24 10.11 9.29 4.49
N ILE B 25 9.59 9.05 3.28
CA ILE B 25 10.33 9.05 2.00
C ILE B 25 9.65 9.94 0.93
N SER B 26 10.42 10.44 -0.03
CA SER B 26 9.91 10.99 -1.30
C SER B 26 9.67 9.89 -2.35
N ALA B 27 9.02 10.24 -3.46
CA ALA B 27 8.88 9.33 -4.61
C ALA B 27 10.23 9.00 -5.28
N ASP B 28 11.20 9.92 -5.25
CA ASP B 28 12.55 9.71 -5.76
C ASP B 28 13.37 8.74 -4.89
N GLU B 29 13.28 8.86 -3.56
CA GLU B 29 13.85 7.90 -2.60
C GLU B 29 13.19 6.51 -2.72
N ALA B 30 11.88 6.46 -2.95
CA ALA B 30 11.13 5.21 -3.10
C ALA B 30 11.63 4.34 -4.28
N LEU B 31 12.17 4.94 -5.36
CA LEU B 31 12.83 4.19 -6.43
C LEU B 31 13.97 3.29 -5.91
N SER B 32 14.83 3.82 -5.03
CA SER B 32 15.90 3.07 -4.36
C SER B 32 15.34 2.05 -3.36
N MET B 33 14.25 2.38 -2.66
CA MET B 33 13.57 1.48 -1.71
C MET B 33 13.10 0.18 -2.37
N LEU B 34 12.53 0.24 -3.58
CA LEU B 34 12.11 -0.95 -4.33
C LEU B 34 13.28 -1.92 -4.61
N ASP B 35 14.47 -1.39 -4.89
CA ASP B 35 15.69 -2.18 -5.14
C ASP B 35 16.17 -2.94 -3.90
N ALA B 36 15.91 -2.40 -2.69
CA ALA B 36 16.28 -3.03 -1.42
C ALA B 36 15.31 -4.16 -0.99
N ILE B 37 14.09 -4.20 -1.53
CA ILE B 37 13.08 -5.23 -1.22
C ILE B 37 13.46 -6.58 -1.84
N GLY B 38 13.51 -7.63 -1.01
CA GLY B 38 13.71 -9.02 -1.40
C GLY B 38 13.04 -10.01 -0.43
N THR B 39 13.14 -11.31 -0.74
CA THR B 39 12.56 -12.42 0.03
C THR B 39 13.28 -13.75 -0.26
N GLY B 40 12.89 -14.83 0.44
CA GLY B 40 13.44 -16.18 0.29
C GLY B 40 12.41 -17.27 0.61
N GLN B 41 12.46 -18.38 -0.13
CA GLN B 41 11.55 -19.52 0.00
C GLN B 41 12.31 -20.82 -0.33
N SER B 42 12.48 -21.68 0.67
CA SER B 42 13.22 -22.95 0.58
C SER B 42 14.66 -22.78 0.04
N THR B 43 15.35 -21.71 0.48
CA THR B 43 16.71 -21.34 0.07
C THR B 43 17.72 -22.48 0.34
N PRO B 44 18.67 -22.78 -0.57
CA PRO B 44 19.65 -23.85 -0.39
C PRO B 44 20.48 -23.74 0.91
N THR B 45 20.66 -24.87 1.60
CA THR B 45 21.47 -25.00 2.82
C THR B 45 22.98 -24.81 2.54
N GLY B 46 23.74 -24.40 3.58
CA GLY B 46 25.21 -24.37 3.58
C GLY B 46 25.84 -25.75 3.83
N ALA B 47 27.15 -25.84 4.11
CA ALA B 47 28.11 -24.75 4.29
C ALA B 47 29.56 -25.20 3.99
N ASP B 48 30.49 -24.25 3.87
CA ASP B 48 31.92 -24.46 3.62
C ASP B 48 32.79 -23.34 4.21
N ASP B 49 33.85 -23.73 4.95
CA ASP B 49 34.82 -22.82 5.59
C ASP B 49 35.79 -22.12 4.61
N GLY A 1 -14.28 -42.65 7.56
CA GLY A 1 -15.75 -42.73 7.43
C GLY A 1 -16.23 -42.26 6.06
N PRO A 2 -17.51 -41.88 5.92
CA PRO A 2 -18.10 -41.40 4.66
C PRO A 2 -17.40 -40.18 4.06
N GLY A 3 -17.32 -40.13 2.72
CA GLY A 3 -16.72 -39.02 1.96
C GLY A 3 -17.40 -37.65 2.14
N SER A 4 -18.70 -37.65 2.46
CA SER A 4 -19.53 -36.44 2.69
C SER A 4 -19.42 -35.37 1.57
N PRO A 5 -19.72 -35.72 0.29
CA PRO A 5 -19.65 -34.78 -0.83
C PRO A 5 -20.74 -33.69 -0.77
N ASN A 6 -20.47 -32.56 -1.43
CA ASN A 6 -21.42 -31.45 -1.59
C ASN A 6 -22.71 -31.86 -2.32
N SER A 7 -23.80 -31.11 -2.07
CA SER A 7 -25.03 -31.17 -2.86
C SER A 7 -24.80 -30.84 -4.35
N TYR A 8 -25.61 -31.42 -5.24
CA TYR A 8 -25.51 -31.28 -6.69
C TYR A 8 -25.69 -29.81 -7.17
N LEU A 9 -24.90 -29.42 -8.18
CA LEU A 9 -24.99 -28.13 -8.86
C LEU A 9 -26.35 -27.94 -9.56
N PRO A 10 -26.87 -26.70 -9.67
CA PRO A 10 -28.16 -26.42 -10.33
C PRO A 10 -28.17 -26.76 -11.83
N ALA A 11 -29.27 -27.33 -12.31
CA ALA A 11 -29.50 -27.71 -13.71
C ALA A 11 -30.47 -26.76 -14.46
N GLU A 12 -30.83 -25.62 -13.85
CA GLU A 12 -31.85 -24.67 -14.33
C GLU A 12 -31.56 -23.20 -13.96
N ASN A 13 -30.35 -22.91 -13.48
CA ASN A 13 -29.90 -21.62 -12.93
C ASN A 13 -28.37 -21.55 -12.91
N GLU A 14 -27.81 -20.33 -12.98
CA GLU A 14 -26.37 -20.09 -12.74
C GLU A 14 -25.92 -20.55 -11.33
N ASP A 15 -24.62 -20.83 -11.18
CA ASP A 15 -23.99 -21.33 -9.95
C ASP A 15 -24.19 -20.40 -8.71
N PRO A 16 -24.31 -20.97 -7.50
CA PRO A 16 -24.44 -20.19 -6.25
C PRO A 16 -23.07 -19.85 -5.61
N ASP A 17 -21.96 -20.16 -6.28
CA ASP A 17 -20.59 -19.93 -5.82
C ASP A 17 -20.13 -18.51 -6.21
N LYS A 18 -20.65 -17.53 -5.46
CA LYS A 18 -20.43 -16.08 -5.62
C LYS A 18 -20.30 -15.37 -4.27
N ALA A 19 -19.52 -14.28 -4.24
CA ALA A 19 -19.23 -13.48 -3.05
C ALA A 19 -20.49 -12.91 -2.36
N VAL A 20 -20.47 -12.88 -1.02
CA VAL A 20 -21.52 -12.26 -0.19
C VAL A 20 -21.57 -10.74 -0.40
N VAL A 21 -22.78 -10.18 -0.51
CA VAL A 21 -23.02 -8.74 -0.74
C VAL A 21 -23.10 -7.96 0.59
N ASP A 22 -21.98 -7.97 1.33
CA ASP A 22 -21.79 -7.22 2.57
C ASP A 22 -21.23 -5.83 2.25
N LEU A 23 -22.13 -4.91 1.89
CA LEU A 23 -21.84 -3.63 1.23
C LEU A 23 -22.58 -2.45 1.90
N HIS A 24 -21.94 -1.28 1.91
CA HIS A 24 -22.46 -0.01 2.45
C HIS A 24 -23.82 0.41 1.82
N ARG A 25 -24.67 1.07 2.61
CA ARG A 25 -25.97 1.63 2.17
C ARG A 25 -25.85 2.85 1.25
N SER A 26 -24.69 3.48 1.22
CA SER A 26 -24.29 4.60 0.35
C SER A 26 -22.75 4.60 0.17
N PRO A 27 -22.20 4.93 -1.02
CA PRO A 27 -20.76 4.85 -1.29
C PRO A 27 -19.90 5.67 -0.31
N PRO A 28 -18.77 5.13 0.20
CA PRO A 28 -17.89 5.83 1.12
C PRO A 28 -17.11 6.97 0.42
N LYS A 29 -16.94 8.10 1.10
CA LYS A 29 -16.24 9.29 0.57
C LYS A 29 -14.74 9.23 0.89
N THR A 30 -14.02 8.43 0.10
CA THR A 30 -12.54 8.33 0.15
C THR A 30 -11.85 9.68 -0.09
N LYS A 31 -10.66 9.86 0.51
CA LYS A 31 -9.76 11.01 0.29
C LYS A 31 -8.40 10.60 -0.30
N ASP A 32 -8.28 9.35 -0.77
CA ASP A 32 -7.06 8.74 -1.33
C ASP A 32 -7.26 8.34 -2.82
N PRO A 33 -7.38 9.30 -3.77
CA PRO A 33 -7.51 8.99 -5.19
C PRO A 33 -6.18 8.53 -5.82
N ASP A 34 -5.05 8.88 -5.21
CA ASP A 34 -3.68 8.50 -5.61
C ASP A 34 -2.78 8.47 -4.36
N LEU A 35 -2.08 7.35 -4.14
CA LEU A 35 -1.29 7.10 -2.93
C LEU A 35 0.01 7.93 -2.89
N THR A 36 0.49 8.23 -1.69
CA THR A 36 1.86 8.73 -1.44
C THR A 36 2.93 7.68 -1.79
N PRO A 37 4.22 8.07 -1.94
CA PRO A 37 5.32 7.13 -2.16
C PRO A 37 5.46 6.07 -1.06
N SER A 38 5.25 6.43 0.20
CA SER A 38 5.17 5.46 1.31
C SER A 38 3.99 4.48 1.15
N GLY A 39 2.84 4.94 0.67
CA GLY A 39 1.69 4.11 0.28
C GLY A 39 2.00 3.12 -0.85
N ILE A 40 2.70 3.55 -1.90
CA ILE A 40 3.23 2.67 -2.96
C ILE A 40 4.07 1.52 -2.36
N ILE A 41 5.08 1.86 -1.55
CA ILE A 41 6.01 0.87 -0.99
C ILE A 41 5.33 -0.06 0.03
N ALA A 42 4.35 0.43 0.79
CA ALA A 42 3.53 -0.37 1.70
C ALA A 42 2.84 -1.55 0.98
N LYS A 43 2.26 -1.33 -0.21
CA LYS A 43 1.67 -2.40 -1.03
C LYS A 43 2.70 -3.43 -1.52
N VAL A 44 3.91 -2.98 -1.86
CA VAL A 44 5.02 -3.87 -2.30
C VAL A 44 5.53 -4.72 -1.12
N LYS A 45 5.73 -4.11 0.05
CA LYS A 45 6.08 -4.82 1.31
C LYS A 45 5.02 -5.84 1.74
N ALA A 46 3.74 -5.55 1.53
CA ALA A 46 2.60 -6.44 1.78
C ALA A 46 2.42 -7.54 0.71
N GLY A 47 3.07 -7.43 -0.45
CA GLY A 47 2.93 -8.35 -1.59
C GLY A 47 1.68 -8.13 -2.46
N ASP A 48 0.99 -7.00 -2.29
CA ASP A 48 -0.21 -6.61 -3.04
C ASP A 48 0.08 -5.98 -4.43
N MET A 49 1.34 -5.62 -4.69
CA MET A 49 1.78 -4.96 -5.93
C MET A 49 3.25 -5.30 -6.27
N THR A 50 3.56 -5.50 -7.56
CA THR A 50 4.93 -5.76 -8.04
C THR A 50 5.80 -4.51 -8.04
N GLN A 51 7.12 -4.69 -8.00
CA GLN A 51 8.09 -3.60 -8.20
C GLN A 51 7.92 -2.89 -9.54
N GLU A 52 7.66 -3.62 -10.63
CA GLU A 52 7.36 -3.07 -11.96
C GLU A 52 6.17 -2.09 -11.92
N THR A 53 5.04 -2.50 -11.33
CA THR A 53 3.82 -1.67 -11.21
C THR A 53 4.05 -0.47 -10.28
N ALA A 54 4.75 -0.67 -9.16
CA ALA A 54 5.12 0.38 -8.21
C ALA A 54 6.00 1.47 -8.83
N ARG A 55 7.06 1.08 -9.57
CA ARG A 55 8.05 2.04 -10.09
C ARG A 55 7.45 3.04 -11.07
N GLU A 56 6.59 2.61 -11.99
CA GLU A 56 5.96 3.53 -12.95
C GLU A 56 5.04 4.58 -12.29
N LEU A 57 4.39 4.24 -11.17
CA LEU A 57 3.62 5.20 -10.36
C LEU A 57 4.53 6.24 -9.67
N LEU A 58 5.69 5.82 -9.16
CA LEU A 58 6.69 6.72 -8.56
C LEU A 58 7.37 7.64 -9.59
N LEU A 59 7.68 7.12 -10.78
CA LEU A 59 8.21 7.89 -11.91
C LEU A 59 7.20 8.96 -12.40
N ALA A 60 5.89 8.73 -12.22
CA ALA A 60 4.84 9.72 -12.49
C ALA A 60 4.65 10.76 -11.36
N MET A 61 5.21 10.55 -10.16
CA MET A 61 5.07 11.43 -8.98
C MET A 61 6.32 12.26 -8.62
N ARG A 62 7.53 11.80 -9.02
CA ARG A 62 8.80 12.50 -8.77
C ARG A 62 8.94 13.85 -9.51
N GLY B 1 2.53 3.20 33.68
CA GLY B 1 3.69 3.34 34.59
C GLY B 1 5.02 3.40 33.83
N PRO B 2 6.16 3.43 34.55
CA PRO B 2 7.48 3.59 33.95
C PRO B 2 8.00 2.33 33.22
N GLY B 3 7.49 1.15 33.58
CA GLY B 3 7.82 -0.14 32.96
C GLY B 3 6.83 -0.60 31.88
N SER B 4 5.87 0.24 31.47
CA SER B 4 4.76 -0.10 30.58
C SER B 4 5.14 -0.01 29.09
N TYR B 5 5.95 -0.97 28.62
CA TYR B 5 6.26 -1.15 27.20
C TYR B 5 4.99 -1.36 26.34
N MET B 6 4.99 -0.81 25.12
CA MET B 6 3.81 -0.67 24.26
C MET B 6 3.78 -1.69 23.11
N THR B 7 2.64 -2.39 22.98
CA THR B 7 2.37 -3.38 21.91
C THR B 7 0.98 -3.20 21.26
N HIS B 8 0.27 -2.12 21.56
CA HIS B 8 -1.10 -1.84 21.09
C HIS B 8 -1.08 -0.77 19.98
N PHE B 9 -0.70 -1.20 18.77
CA PHE B 9 -0.40 -0.33 17.63
C PHE B 9 -1.68 -0.01 16.81
N GLU B 10 -2.66 0.62 17.45
CA GLU B 10 -3.95 1.00 16.85
C GLU B 10 -3.82 2.34 16.08
N ASP B 11 -3.04 2.32 14.99
CA ASP B 11 -2.58 3.52 14.28
C ASP B 11 -3.54 3.90 13.12
N HIS B 12 -4.83 4.07 13.45
CA HIS B 12 -5.90 4.44 12.50
C HIS B 12 -5.70 5.82 11.84
N ARG B 13 -5.08 6.76 12.58
CA ARG B 13 -4.65 8.09 12.16
C ARG B 13 -3.73 8.70 13.23
N VAL B 14 -2.53 9.11 12.84
CA VAL B 14 -1.54 9.74 13.74
C VAL B 14 -1.57 11.26 13.55
N GLY B 15 -2.25 11.98 14.45
CA GLY B 15 -2.43 13.43 14.40
C GLY B 15 -1.11 14.22 14.45
N SER B 16 -1.03 15.30 13.65
CA SER B 16 0.18 16.11 13.43
C SER B 16 0.15 17.48 14.12
N ASP B 17 -0.65 17.63 15.19
CA ASP B 17 -0.82 18.88 15.96
C ASP B 17 0.21 18.99 17.11
N ARG B 18 1.44 18.53 16.83
CA ARG B 18 2.51 18.17 17.78
C ARG B 18 3.85 17.90 17.07
N LEU B 19 4.07 18.58 15.94
CA LEU B 19 5.02 18.22 14.86
C LEU B 19 4.65 16.86 14.24
N ALA B 20 5.66 16.16 13.72
CA ALA B 20 5.61 14.81 13.16
C ALA B 20 7.03 14.32 12.76
N ALA B 21 7.18 13.00 12.61
CA ALA B 21 8.41 12.36 12.11
C ALA B 21 8.76 12.80 10.66
N ASP B 22 10.05 12.91 10.37
CA ASP B 22 10.59 13.38 9.08
C ASP B 22 11.29 12.27 8.25
N GLY B 23 11.15 11.01 8.66
CA GLY B 23 11.75 9.84 8.02
C GLY B 23 11.04 9.32 6.76
N GLU B 24 9.84 9.83 6.46
CA GLU B 24 9.03 9.42 5.29
C GLU B 24 9.76 9.61 3.95
N ILE B 25 9.67 8.60 3.08
CA ILE B 25 10.36 8.53 1.79
C ILE B 25 9.77 9.50 0.74
N SER B 26 10.65 10.20 0.03
CA SER B 26 10.33 10.88 -1.24
C SER B 26 10.04 9.86 -2.36
N ALA B 27 9.42 10.30 -3.46
CA ALA B 27 9.26 9.48 -4.68
C ALA B 27 10.61 9.05 -5.26
N ASP B 28 11.64 9.92 -5.24
CA ASP B 28 13.02 9.58 -5.60
C ASP B 28 13.62 8.45 -4.75
N GLU B 29 13.46 8.53 -3.42
CA GLU B 29 13.96 7.50 -2.47
C GLU B 29 13.26 6.15 -2.68
N ALA B 30 11.94 6.18 -2.90
CA ALA B 30 11.11 5.01 -3.15
C ALA B 30 11.56 4.19 -4.37
N LEU B 31 12.14 4.81 -5.42
CA LEU B 31 12.72 4.08 -6.57
C LEU B 31 13.79 3.06 -6.13
N SER B 32 14.68 3.48 -5.21
CA SER B 32 15.73 2.63 -4.62
C SER B 32 15.17 1.59 -3.64
N MET B 33 14.11 1.93 -2.87
CA MET B 33 13.47 1.03 -1.91
C MET B 33 13.00 -0.28 -2.56
N LEU B 34 12.41 -0.22 -3.76
CA LEU B 34 11.95 -1.40 -4.51
C LEU B 34 13.06 -2.44 -4.76
N ASP B 35 14.29 -1.96 -5.01
CA ASP B 35 15.47 -2.78 -5.26
C ASP B 35 16.05 -3.39 -3.96
N ALA B 36 16.00 -2.64 -2.86
CA ALA B 36 16.34 -3.12 -1.53
C ALA B 36 15.38 -4.23 -1.03
N ILE B 37 14.10 -4.18 -1.42
CA ILE B 37 13.09 -5.22 -1.13
C ILE B 37 13.38 -6.49 -1.94
N GLY B 38 13.42 -6.38 -3.28
CA GLY B 38 13.68 -7.49 -4.19
C GLY B 38 12.72 -8.69 -4.04
N THR B 39 13.20 -9.90 -4.38
CA THR B 39 12.45 -11.17 -4.27
C THR B 39 13.39 -12.39 -4.32
N GLY B 40 12.94 -13.53 -3.79
CA GLY B 40 13.69 -14.79 -3.76
C GLY B 40 14.91 -14.82 -2.83
N GLN B 41 15.61 -15.97 -2.83
CA GLN B 41 16.82 -16.25 -2.04
C GLN B 41 17.89 -16.96 -2.90
N SER B 42 18.10 -16.47 -4.12
CA SER B 42 19.07 -17.01 -5.09
C SER B 42 20.53 -16.96 -4.59
N THR B 43 21.34 -17.92 -5.04
CA THR B 43 22.78 -18.00 -4.76
C THR B 43 23.58 -16.86 -5.42
N PRO B 44 24.70 -16.41 -4.81
CA PRO B 44 25.52 -15.31 -5.35
C PRO B 44 26.38 -15.73 -6.57
N THR B 45 26.81 -16.99 -6.63
CA THR B 45 27.77 -17.53 -7.64
C THR B 45 27.39 -18.93 -8.18
N GLY B 46 26.21 -19.45 -7.84
CA GLY B 46 25.78 -20.83 -8.15
C GLY B 46 26.33 -21.86 -7.16
N ALA B 47 25.56 -22.93 -6.92
CA ALA B 47 25.90 -24.01 -5.98
C ALA B 47 25.33 -25.40 -6.38
N ASP B 48 24.83 -25.55 -7.62
CA ASP B 48 24.14 -26.78 -8.08
C ASP B 48 25.09 -27.94 -8.45
N ASP B 49 26.39 -27.65 -8.67
CA ASP B 49 27.43 -28.61 -9.08
C ASP B 49 28.82 -28.24 -8.49
N GLY A 1 -8.70 -20.01 22.86
CA GLY A 1 -9.35 -21.00 23.74
C GLY A 1 -10.66 -21.51 23.13
N PRO A 2 -11.70 -21.76 23.94
CA PRO A 2 -12.98 -22.29 23.47
C PRO A 2 -13.84 -21.20 22.80
N GLY A 3 -14.20 -21.42 21.53
CA GLY A 3 -15.15 -20.59 20.76
C GLY A 3 -14.54 -19.35 20.07
N SER A 4 -13.33 -18.94 20.47
CA SER A 4 -12.54 -17.89 19.80
C SER A 4 -12.00 -18.35 18.43
N PRO A 5 -11.64 -17.44 17.51
CA PRO A 5 -11.14 -17.78 16.17
C PRO A 5 -9.64 -18.08 16.23
N ASN A 6 -9.29 -19.28 16.74
CA ASN A 6 -7.91 -19.71 17.04
C ASN A 6 -6.96 -19.69 15.82
N SER A 7 -7.47 -20.00 14.62
CA SER A 7 -6.74 -19.97 13.35
C SER A 7 -7.03 -18.69 12.52
N TYR A 8 -7.49 -17.62 13.19
CA TYR A 8 -7.83 -16.30 12.63
C TYR A 8 -9.09 -16.33 11.73
N LEU A 9 -9.92 -17.35 11.89
CA LEU A 9 -11.13 -17.66 11.10
C LEU A 9 -12.21 -18.32 11.98
N PRO A 10 -13.51 -18.15 11.67
CA PRO A 10 -14.63 -18.74 12.45
C PRO A 10 -15.05 -20.15 11.96
N ALA A 11 -14.33 -20.69 10.96
CA ALA A 11 -14.49 -21.98 10.28
C ALA A 11 -15.50 -21.91 9.11
N GLU A 12 -15.07 -22.34 7.92
CA GLU A 12 -15.90 -22.41 6.70
C GLU A 12 -17.13 -23.32 6.85
N ASN A 13 -18.23 -22.93 6.19
CA ASN A 13 -19.56 -23.54 6.27
C ASN A 13 -20.51 -22.93 5.21
N GLU A 14 -21.49 -23.71 4.74
CA GLU A 14 -22.59 -23.20 3.90
C GLU A 14 -23.40 -22.08 4.59
N ASP A 15 -23.78 -21.04 3.84
CA ASP A 15 -24.57 -19.91 4.36
C ASP A 15 -25.90 -20.34 5.00
N PRO A 16 -26.26 -19.82 6.20
CA PRO A 16 -27.49 -20.20 6.91
C PRO A 16 -28.71 -19.34 6.51
N ASP A 17 -28.51 -18.32 5.68
CA ASP A 17 -29.52 -17.30 5.32
C ASP A 17 -29.31 -16.72 3.89
N LYS A 18 -28.69 -17.52 2.99
CA LYS A 18 -28.42 -17.19 1.58
C LYS A 18 -27.56 -15.92 1.45
N ALA A 19 -28.01 -14.95 0.66
CA ALA A 19 -27.34 -13.66 0.40
C ALA A 19 -25.95 -13.81 -0.27
N VAL A 20 -25.84 -14.75 -1.20
CA VAL A 20 -24.65 -15.00 -2.05
C VAL A 20 -24.30 -13.76 -2.89
N VAL A 21 -23.02 -13.41 -2.98
CA VAL A 21 -22.51 -12.25 -3.75
C VAL A 21 -22.82 -12.40 -5.24
N ASP A 22 -23.45 -11.38 -5.83
CA ASP A 22 -23.88 -11.31 -7.23
C ASP A 22 -23.21 -10.13 -8.00
N LEU A 23 -22.11 -9.60 -7.47
CA LEU A 23 -21.41 -8.41 -7.97
C LEU A 23 -20.40 -8.79 -9.08
N HIS A 24 -20.90 -9.44 -10.13
CA HIS A 24 -20.10 -9.94 -11.27
C HIS A 24 -19.48 -8.82 -12.12
N ARG A 25 -20.04 -7.60 -12.08
CA ARG A 25 -19.50 -6.37 -12.71
C ARG A 25 -18.10 -5.99 -12.21
N SER A 26 -17.89 -6.17 -10.91
CA SER A 26 -16.64 -6.01 -10.17
C SER A 26 -16.82 -6.48 -8.71
N PRO A 27 -16.12 -7.54 -8.25
CA PRO A 27 -16.32 -8.13 -6.91
C PRO A 27 -15.76 -7.22 -5.78
N PRO A 28 -16.24 -7.40 -4.52
CA PRO A 28 -15.77 -6.62 -3.37
C PRO A 28 -14.25 -6.59 -3.19
N LYS A 29 -13.71 -5.39 -2.93
CA LYS A 29 -12.28 -5.07 -2.81
C LYS A 29 -12.04 -3.65 -2.29
N THR A 30 -10.86 -3.39 -1.72
CA THR A 30 -10.38 -2.03 -1.42
C THR A 30 -10.19 -1.23 -2.71
N LYS A 31 -10.57 0.06 -2.71
CA LYS A 31 -10.42 0.99 -3.85
C LYS A 31 -9.36 2.05 -3.55
N ASP A 32 -8.18 1.88 -4.13
CA ASP A 32 -6.99 2.73 -3.95
C ASP A 32 -6.11 2.77 -5.23
N PRO A 33 -6.60 3.36 -6.34
CA PRO A 33 -5.90 3.37 -7.64
C PRO A 33 -4.69 4.32 -7.68
N ASP A 34 -4.55 5.23 -6.71
CA ASP A 34 -3.42 6.14 -6.53
C ASP A 34 -3.03 6.24 -5.05
N LEU A 35 -1.72 6.24 -4.78
CA LEU A 35 -1.10 6.23 -3.46
C LEU A 35 0.19 7.07 -3.45
N THR A 36 0.44 7.79 -2.36
CA THR A 36 1.73 8.47 -2.08
C THR A 36 2.91 7.48 -2.06
N PRO A 37 4.18 7.92 -2.23
CA PRO A 37 5.34 7.03 -2.30
C PRO A 37 5.48 6.05 -1.12
N SER A 38 5.19 6.52 0.10
CA SER A 38 5.05 5.68 1.29
C SER A 38 4.04 4.52 1.10
N GLY A 39 2.84 4.82 0.62
CA GLY A 39 1.79 3.86 0.26
C GLY A 39 2.20 2.89 -0.85
N ILE A 40 2.90 3.36 -1.90
CA ILE A 40 3.49 2.49 -2.93
C ILE A 40 4.36 1.40 -2.32
N ILE A 41 5.36 1.78 -1.52
CA ILE A 41 6.30 0.83 -0.92
C ILE A 41 5.62 -0.07 0.11
N ALA A 42 4.68 0.45 0.91
CA ALA A 42 3.84 -0.35 1.81
C ALA A 42 3.06 -1.45 1.07
N LYS A 43 2.43 -1.13 -0.07
CA LYS A 43 1.68 -2.07 -0.93
C LYS A 43 2.58 -3.18 -1.51
N VAL A 44 3.81 -2.84 -1.91
CA VAL A 44 4.83 -3.82 -2.38
C VAL A 44 5.31 -4.71 -1.23
N LYS A 45 5.61 -4.14 -0.05
CA LYS A 45 6.02 -4.87 1.16
C LYS A 45 4.94 -5.84 1.69
N ALA A 46 3.67 -5.49 1.49
CA ALA A 46 2.50 -6.33 1.78
C ALA A 46 2.31 -7.49 0.76
N GLY A 47 3.04 -7.48 -0.36
CA GLY A 47 2.96 -8.49 -1.43
C GLY A 47 1.77 -8.31 -2.38
N ASP A 48 1.12 -7.14 -2.37
CA ASP A 48 -0.13 -6.86 -3.08
C ASP A 48 0.05 -6.02 -4.36
N MET A 49 1.29 -5.72 -4.75
CA MET A 49 1.68 -5.05 -6.01
C MET A 49 3.13 -5.39 -6.41
N THR A 50 3.36 -5.66 -7.69
CA THR A 50 4.71 -5.82 -8.28
C THR A 50 5.54 -4.53 -8.23
N GLN A 51 6.86 -4.68 -8.12
CA GLN A 51 7.83 -3.58 -8.24
C GLN A 51 7.72 -2.82 -9.57
N GLU A 52 7.26 -3.48 -10.65
CA GLU A 52 7.06 -2.84 -11.97
C GLU A 52 6.01 -1.71 -11.94
N THR A 53 4.79 -2.03 -11.50
CA THR A 53 3.69 -1.06 -11.35
C THR A 53 4.00 -0.01 -10.28
N ALA A 54 4.65 -0.40 -9.18
CA ALA A 54 5.16 0.50 -8.16
C ALA A 54 6.10 1.57 -8.74
N ARG A 55 7.15 1.15 -9.46
CA ARG A 55 8.13 2.04 -10.10
C ARG A 55 7.47 2.98 -11.11
N GLU A 56 6.57 2.49 -11.95
CA GLU A 56 5.78 3.30 -12.90
C GLU A 56 5.02 4.46 -12.22
N LEU A 57 4.31 4.17 -11.11
CA LEU A 57 3.61 5.19 -10.32
C LEU A 57 4.57 6.21 -9.67
N LEU A 58 5.71 5.77 -9.14
CA LEU A 58 6.74 6.65 -8.56
C LEU A 58 7.40 7.56 -9.63
N LEU A 59 7.70 7.02 -10.81
CA LEU A 59 8.19 7.79 -11.97
C LEU A 59 7.15 8.82 -12.49
N ALA A 60 5.85 8.53 -12.38
CA ALA A 60 4.79 9.50 -12.64
C ALA A 60 4.73 10.63 -11.58
N MET A 61 4.88 10.31 -10.29
CA MET A 61 4.77 11.27 -9.18
C MET A 61 5.97 12.23 -9.02
N ARG A 62 7.21 11.78 -9.28
CA ARG A 62 8.44 12.55 -9.03
C ARG A 62 8.56 13.85 -9.83
N GLY B 1 6.05 1.19 31.45
CA GLY B 1 5.10 2.24 31.88
C GLY B 1 5.36 2.70 33.32
N PRO B 2 4.49 3.58 33.87
CA PRO B 2 4.58 4.06 35.25
C PRO B 2 4.37 2.93 36.27
N GLY B 3 5.07 3.02 37.41
CA GLY B 3 5.01 2.03 38.50
C GLY B 3 3.79 2.12 39.43
N SER B 4 3.04 3.22 39.35
CA SER B 4 1.73 3.46 39.99
C SER B 4 1.81 3.77 41.51
N TYR B 5 3.02 3.83 42.10
CA TYR B 5 3.22 4.21 43.50
C TYR B 5 2.85 5.68 43.78
N MET B 6 2.03 5.90 44.82
CA MET B 6 1.23 7.12 45.03
C MET B 6 2.03 8.43 45.17
N THR B 7 3.24 8.38 45.73
CA THR B 7 4.05 9.57 46.02
C THR B 7 4.71 10.21 44.79
N HIS B 8 4.68 9.54 43.63
CA HIS B 8 5.33 9.99 42.39
C HIS B 8 4.46 9.77 41.13
N PHE B 9 4.15 8.51 40.80
CA PHE B 9 3.42 8.12 39.60
C PHE B 9 1.94 8.58 39.60
N GLU B 10 1.28 8.72 38.45
CA GLU B 10 1.81 8.51 37.07
C GLU B 10 2.51 9.73 36.46
N ASP B 11 2.27 10.93 36.97
CA ASP B 11 2.83 12.23 36.51
C ASP B 11 2.80 12.39 34.97
N HIS B 12 1.64 12.04 34.37
CA HIS B 12 1.37 12.00 32.91
C HIS B 12 2.51 11.42 32.05
N ARG B 13 3.15 10.33 32.53
CA ARG B 13 4.29 9.66 31.86
C ARG B 13 3.80 8.59 30.88
N VAL B 14 3.18 9.03 29.79
CA VAL B 14 2.78 8.19 28.64
C VAL B 14 4.02 7.58 27.97
N GLY B 15 3.95 6.31 27.56
CA GLY B 15 5.09 5.54 27.02
C GLY B 15 5.49 5.87 25.57
N SER B 16 4.68 6.64 24.84
CA SER B 16 4.89 7.04 23.44
C SER B 16 4.11 8.32 23.09
N ASP B 17 4.13 8.76 21.83
CA ASP B 17 3.39 9.91 21.26
C ASP B 17 3.89 11.29 21.77
N ARG B 18 5.16 11.36 22.17
CA ARG B 18 5.80 12.54 22.79
C ARG B 18 6.39 13.52 21.77
N LEU B 19 6.50 13.12 20.51
CA LEU B 19 7.06 13.87 19.37
C LEU B 19 6.46 13.39 18.04
N ALA B 20 6.52 14.24 17.01
CA ALA B 20 5.97 13.98 15.68
C ALA B 20 6.68 14.83 14.60
N ALA B 21 6.84 14.25 13.39
CA ALA B 21 7.50 14.85 12.23
C ALA B 21 7.03 14.18 10.91
N ASP B 22 7.38 14.76 9.76
CA ASP B 22 6.99 14.27 8.43
C ASP B 22 8.04 13.29 7.88
N GLY B 23 8.03 12.06 8.42
CA GLY B 23 9.02 11.01 8.13
C GLY B 23 8.80 10.24 6.82
N GLU B 24 7.68 10.46 6.12
CA GLU B 24 7.33 9.79 4.86
C GLU B 24 8.39 9.99 3.75
N ILE B 25 8.77 8.89 3.09
CA ILE B 25 9.73 8.85 1.97
C ILE B 25 9.26 9.70 0.76
N SER B 26 10.22 10.30 0.03
CA SER B 26 9.96 10.89 -1.30
C SER B 26 9.79 9.82 -2.39
N ALA B 27 9.33 10.22 -3.57
CA ALA B 27 9.28 9.36 -4.75
C ALA B 27 10.70 8.91 -5.18
N ASP B 28 11.67 9.82 -5.21
CA ASP B 28 13.08 9.50 -5.49
C ASP B 28 13.67 8.45 -4.53
N GLU B 29 13.44 8.57 -3.23
CA GLU B 29 13.87 7.60 -2.22
C GLU B 29 13.22 6.21 -2.42
N ALA B 30 11.92 6.18 -2.72
CA ALA B 30 11.17 4.96 -2.98
C ALA B 30 11.75 4.13 -4.15
N LEU B 31 12.22 4.79 -5.23
CA LEU B 31 12.86 4.11 -6.38
C LEU B 31 14.05 3.22 -5.94
N SER B 32 14.95 3.74 -5.10
CA SER B 32 16.08 3.00 -4.54
C SER B 32 15.65 1.88 -3.58
N MET B 33 14.56 2.08 -2.82
CA MET B 33 14.05 1.10 -1.86
C MET B 33 13.50 -0.18 -2.51
N LEU B 34 12.90 -0.10 -3.70
CA LEU B 34 12.33 -1.27 -4.42
C LEU B 34 13.34 -2.40 -4.62
N ASP B 35 14.60 -2.06 -4.92
CA ASP B 35 15.71 -3.01 -5.11
C ASP B 35 16.04 -3.84 -3.84
N ALA B 36 15.85 -3.26 -2.65
CA ALA B 36 16.16 -3.87 -1.36
C ALA B 36 15.05 -4.77 -0.78
N ILE B 37 13.81 -4.70 -1.29
CA ILE B 37 12.67 -5.47 -0.78
C ILE B 37 12.85 -6.99 -1.01
N GLY B 38 12.57 -7.78 0.03
CA GLY B 38 12.50 -9.24 0.01
C GLY B 38 11.50 -9.80 1.04
N THR B 39 11.31 -11.13 1.04
CA THR B 39 10.35 -11.83 1.91
C THR B 39 10.71 -13.31 2.10
N GLY B 40 9.99 -14.01 2.98
CA GLY B 40 10.25 -15.42 3.36
C GLY B 40 11.50 -15.62 4.23
N GLN B 41 11.75 -16.88 4.61
CA GLN B 41 12.98 -17.29 5.33
C GLN B 41 14.25 -16.99 4.51
N SER B 42 15.33 -16.56 5.19
CA SER B 42 16.60 -16.19 4.57
C SER B 42 17.19 -17.28 3.67
N THR B 43 17.69 -16.88 2.49
CA THR B 43 18.42 -17.75 1.56
C THR B 43 19.81 -18.14 2.09
N PRO B 44 20.42 -19.25 1.61
CA PRO B 44 21.78 -19.63 1.98
C PRO B 44 22.85 -18.67 1.44
N THR B 45 22.52 -17.88 0.39
CA THR B 45 23.38 -16.78 -0.11
C THR B 45 23.45 -15.59 0.85
N GLY B 46 22.44 -15.39 1.69
CA GLY B 46 22.40 -14.35 2.73
C GLY B 46 22.79 -14.83 4.13
N ALA B 47 22.46 -16.07 4.49
CA ALA B 47 22.73 -16.66 5.80
C ALA B 47 24.11 -17.34 5.85
N ASP B 48 25.06 -16.72 6.55
CA ASP B 48 26.40 -17.26 6.84
C ASP B 48 26.34 -18.59 7.65
N ASP B 49 27.27 -19.51 7.38
CA ASP B 49 27.40 -20.85 8.00
C ASP B 49 28.87 -21.29 8.14
N GLY A 1 -12.47 -10.73 30.22
CA GLY A 1 -13.43 -11.81 29.93
C GLY A 1 -12.75 -13.17 29.80
N PRO A 2 -13.45 -14.19 29.28
CA PRO A 2 -12.91 -15.53 29.04
C PRO A 2 -11.71 -15.56 28.09
N GLY A 3 -10.78 -16.49 28.32
CA GLY A 3 -9.66 -16.76 27.41
C GLY A 3 -10.11 -17.14 25.98
N SER A 4 -9.38 -16.69 24.97
CA SER A 4 -9.77 -16.85 23.56
C SER A 4 -9.79 -18.33 23.10
N PRO A 5 -10.75 -18.77 22.25
CA PRO A 5 -10.87 -20.18 21.85
C PRO A 5 -9.69 -20.74 21.04
N ASN A 6 -8.94 -19.89 20.32
CA ASN A 6 -7.92 -20.28 19.34
C ASN A 6 -7.01 -19.09 18.97
N SER A 7 -5.86 -19.37 18.35
CA SER A 7 -5.04 -18.38 17.63
C SER A 7 -5.75 -17.83 16.37
N TYR A 8 -5.13 -16.82 15.74
CA TYR A 8 -5.46 -16.25 14.43
C TYR A 8 -6.57 -15.19 14.47
N LEU A 9 -7.78 -15.59 14.83
CA LEU A 9 -8.97 -14.74 14.82
C LEU A 9 -8.91 -13.57 15.82
N PRO A 10 -9.54 -12.42 15.54
CA PRO A 10 -9.70 -11.31 16.50
C PRO A 10 -10.34 -11.77 17.81
N ALA A 11 -9.84 -11.26 18.95
CA ALA A 11 -10.18 -11.76 20.28
C ALA A 11 -11.47 -11.09 20.82
N GLU A 12 -12.61 -11.40 20.19
CA GLU A 12 -13.92 -10.87 20.53
C GLU A 12 -14.60 -11.69 21.64
N ASN A 13 -14.03 -11.60 22.85
CA ASN A 13 -14.45 -12.34 24.06
C ASN A 13 -15.14 -11.43 25.10
N GLU A 14 -15.07 -10.11 24.93
CA GLU A 14 -15.73 -9.10 25.77
C GLU A 14 -16.04 -7.86 24.90
N ASP A 15 -17.31 -7.44 24.86
CA ASP A 15 -17.81 -6.38 23.98
C ASP A 15 -18.52 -5.24 24.75
N PRO A 16 -17.80 -4.18 25.17
CA PRO A 16 -18.37 -2.99 25.79
C PRO A 16 -18.82 -1.97 24.71
N ASP A 17 -19.67 -2.44 23.79
CA ASP A 17 -20.22 -1.71 22.63
C ASP A 17 -19.12 -1.16 21.68
N LYS A 18 -18.20 -2.04 21.26
CA LYS A 18 -17.06 -1.75 20.38
C LYS A 18 -17.49 -1.28 18.98
N ALA A 19 -16.73 -0.32 18.45
CA ALA A 19 -16.75 0.08 17.04
C ALA A 19 -16.43 -1.09 16.10
N VAL A 20 -17.05 -1.11 14.91
CA VAL A 20 -16.87 -2.18 13.91
C VAL A 20 -15.57 -1.98 13.14
N VAL A 21 -14.64 -2.93 13.29
CA VAL A 21 -13.32 -2.97 12.61
C VAL A 21 -13.00 -4.43 12.21
N ASP A 22 -12.65 -4.64 10.95
CA ASP A 22 -12.44 -5.99 10.37
C ASP A 22 -11.39 -6.02 9.24
N LEU A 23 -10.34 -5.20 9.39
CA LEU A 23 -9.19 -5.10 8.47
C LEU A 23 -7.93 -5.66 9.15
N HIS A 24 -7.27 -6.63 8.49
CA HIS A 24 -6.20 -7.47 9.08
C HIS A 24 -5.51 -8.36 8.02
N ARG A 25 -4.17 -8.35 7.99
CA ARG A 25 -3.28 -9.27 7.24
C ARG A 25 -3.24 -9.02 5.72
N SER A 26 -3.73 -7.87 5.26
CA SER A 26 -3.69 -7.39 3.87
C SER A 26 -4.04 -5.89 3.78
N PRO A 27 -3.62 -5.17 2.71
CA PRO A 27 -4.00 -3.77 2.49
C PRO A 27 -5.53 -3.56 2.41
N PRO A 28 -6.09 -2.45 2.94
CA PRO A 28 -7.51 -2.12 2.82
C PRO A 28 -7.99 -1.99 1.36
N LYS A 29 -9.31 -2.17 1.15
CA LYS A 29 -9.96 -2.17 -0.18
C LYS A 29 -10.29 -0.73 -0.63
N THR A 30 -9.26 0.11 -0.70
CA THR A 30 -9.32 1.49 -1.21
C THR A 30 -9.58 1.56 -2.74
N LYS A 31 -9.89 2.77 -3.24
CA LYS A 31 -10.08 3.10 -4.65
C LYS A 31 -9.70 4.56 -5.00
N ASP A 32 -8.96 5.22 -4.10
CA ASP A 32 -8.48 6.59 -4.28
C ASP A 32 -7.56 6.75 -5.52
N PRO A 33 -7.69 7.85 -6.29
CA PRO A 33 -6.83 8.16 -7.45
C PRO A 33 -5.61 9.02 -7.07
N ASP A 34 -5.44 9.35 -5.79
CA ASP A 34 -4.36 10.16 -5.22
C ASP A 34 -3.60 9.35 -4.14
N LEU A 35 -2.28 9.20 -4.30
CA LEU A 35 -1.42 8.30 -3.52
C LEU A 35 -0.11 8.99 -3.08
N THR A 36 0.62 8.34 -2.17
CA THR A 36 1.90 8.81 -1.62
C THR A 36 2.99 7.75 -1.83
N PRO A 37 4.29 8.12 -1.84
CA PRO A 37 5.39 7.17 -2.05
C PRO A 37 5.46 6.06 -0.99
N SER A 38 5.23 6.40 0.28
CA SER A 38 5.08 5.42 1.36
C SER A 38 3.91 4.46 1.09
N GLY A 39 2.76 4.96 0.64
CA GLY A 39 1.60 4.17 0.20
C GLY A 39 1.88 3.23 -0.98
N ILE A 40 2.77 3.60 -1.90
CA ILE A 40 3.27 2.70 -2.96
C ILE A 40 4.06 1.54 -2.32
N ILE A 41 5.12 1.86 -1.58
CA ILE A 41 6.05 0.86 -1.02
C ILE A 41 5.37 -0.09 -0.01
N ALA A 42 4.40 0.41 0.76
CA ALA A 42 3.58 -0.39 1.68
C ALA A 42 2.90 -1.59 1.00
N LYS A 43 2.28 -1.39 -0.17
CA LYS A 43 1.64 -2.48 -0.94
C LYS A 43 2.65 -3.48 -1.53
N VAL A 44 3.86 -3.04 -1.87
CA VAL A 44 4.96 -3.91 -2.34
C VAL A 44 5.50 -4.76 -1.19
N LYS A 45 5.72 -4.17 -0.02
CA LYS A 45 6.10 -4.85 1.24
C LYS A 45 5.05 -5.88 1.70
N ALA A 46 3.77 -5.59 1.48
CA ALA A 46 2.65 -6.50 1.74
C ALA A 46 2.49 -7.62 0.68
N GLY A 47 3.19 -7.53 -0.46
CA GLY A 47 3.09 -8.49 -1.58
C GLY A 47 1.84 -8.33 -2.45
N ASP A 48 1.12 -7.21 -2.33
CA ASP A 48 -0.13 -6.91 -3.04
C ASP A 48 0.09 -6.17 -4.39
N MET A 49 1.32 -5.72 -4.67
CA MET A 49 1.70 -4.98 -5.89
C MET A 49 3.16 -5.27 -6.27
N THR A 50 3.45 -5.46 -7.57
CA THR A 50 4.81 -5.71 -8.08
C THR A 50 5.70 -4.46 -8.06
N GLN A 51 7.01 -4.66 -8.02
CA GLN A 51 8.02 -3.60 -8.20
C GLN A 51 7.84 -2.86 -9.54
N GLU A 52 7.53 -3.58 -10.63
CA GLU A 52 7.22 -3.00 -11.95
C GLU A 52 6.05 -2.00 -11.89
N THR A 53 4.92 -2.41 -11.28
CA THR A 53 3.72 -1.56 -11.12
C THR A 53 3.99 -0.37 -10.20
N ALA A 54 4.71 -0.61 -9.11
CA ALA A 54 5.13 0.43 -8.17
C ALA A 54 6.02 1.51 -8.80
N ARG A 55 7.07 1.11 -9.55
CA ARG A 55 8.07 2.02 -10.09
C ARG A 55 7.52 3.03 -11.09
N GLU A 56 6.61 2.62 -11.99
CA GLU A 56 6.00 3.55 -12.94
C GLU A 56 5.14 4.63 -12.27
N LEU A 57 4.46 4.30 -11.15
CA LEU A 57 3.74 5.29 -10.34
C LEU A 57 4.69 6.30 -9.68
N LEU A 58 5.82 5.85 -9.12
CA LEU A 58 6.84 6.72 -8.51
C LEU A 58 7.55 7.62 -9.53
N LEU A 59 7.86 7.09 -10.72
CA LEU A 59 8.40 7.87 -11.85
C LEU A 59 7.41 8.93 -12.37
N ALA A 60 6.10 8.68 -12.28
CA ALA A 60 5.06 9.67 -12.57
C ALA A 60 4.93 10.75 -11.46
N MET A 61 5.09 10.38 -10.17
CA MET A 61 5.06 11.30 -9.03
C MET A 61 6.20 12.34 -9.03
N ARG A 62 7.44 11.90 -9.28
CA ARG A 62 8.66 12.72 -9.11
C ARG A 62 8.74 13.94 -10.05
N GLY B 1 26.52 -26.26 19.44
CA GLY B 1 26.84 -25.18 20.40
C GLY B 1 26.32 -23.83 19.88
N PRO B 2 27.13 -22.76 19.94
CA PRO B 2 26.75 -21.43 19.45
C PRO B 2 26.65 -21.38 17.91
N GLY B 3 25.90 -20.41 17.38
CA GLY B 3 25.80 -20.12 15.95
C GLY B 3 27.16 -19.79 15.30
N SER B 4 28.06 -19.14 16.04
CA SER B 4 29.49 -18.98 15.75
C SER B 4 30.28 -18.67 17.03
N TYR B 5 31.48 -19.24 17.15
CA TYR B 5 32.41 -18.93 18.24
C TYR B 5 32.98 -17.49 18.16
N MET B 6 32.95 -16.87 16.98
CA MET B 6 33.26 -15.44 16.81
C MET B 6 32.27 -14.53 17.57
N THR B 7 31.00 -14.95 17.68
CA THR B 7 29.93 -14.25 18.40
C THR B 7 29.92 -14.70 19.87
N HIS B 8 31.07 -14.52 20.54
CA HIS B 8 31.28 -14.87 21.96
C HIS B 8 30.42 -14.04 22.92
N PHE B 9 30.21 -14.56 24.13
CA PHE B 9 29.60 -13.82 25.25
C PHE B 9 30.35 -12.51 25.54
N GLU B 10 29.62 -11.48 25.98
CA GLU B 10 30.16 -10.15 26.34
C GLU B 10 30.96 -9.49 25.19
N ASP B 11 30.37 -9.46 23.99
CA ASP B 11 30.87 -8.74 22.80
C ASP B 11 30.19 -7.35 22.66
N HIS B 12 29.86 -6.90 21.45
CA HIS B 12 29.18 -5.64 21.15
C HIS B 12 27.67 -5.75 21.46
N ARG B 13 27.29 -5.47 22.71
CA ARG B 13 25.93 -5.68 23.25
C ARG B 13 24.83 -4.87 22.54
N VAL B 14 25.16 -3.65 22.14
CA VAL B 14 24.30 -2.67 21.46
C VAL B 14 25.13 -1.52 20.86
N GLY B 15 24.85 -1.12 19.62
CA GLY B 15 25.53 -0.03 18.92
C GLY B 15 24.72 0.53 17.75
N SER B 16 25.41 0.85 16.65
CA SER B 16 24.83 1.44 15.42
C SER B 16 23.75 0.57 14.76
N ASP B 17 23.78 -0.74 15.02
CA ASP B 17 22.77 -1.73 14.59
C ASP B 17 21.34 -1.41 15.07
N ARG B 18 21.21 -0.71 16.21
CA ARG B 18 19.94 -0.33 16.86
C ARG B 18 19.75 1.19 17.02
N LEU B 19 20.40 1.97 16.15
CA LEU B 19 20.16 3.40 15.94
C LEU B 19 19.25 3.63 14.71
N ALA B 20 19.77 4.28 13.67
CA ALA B 20 19.06 4.70 12.44
C ALA B 20 17.95 5.74 12.72
N ALA B 21 16.92 5.79 11.86
CA ALA B 21 15.85 6.81 11.87
C ALA B 21 14.56 6.33 11.18
N ASP B 22 13.49 7.11 11.30
CA ASP B 22 12.12 6.80 10.82
C ASP B 22 11.56 7.82 9.82
N GLY B 23 12.43 8.62 9.17
CA GLY B 23 12.05 9.68 8.23
C GLY B 23 11.26 9.21 6.99
N GLU B 24 10.32 10.04 6.52
CA GLU B 24 9.50 9.81 5.33
C GLU B 24 10.32 9.76 4.02
N ILE B 25 9.90 8.92 3.07
CA ILE B 25 10.50 8.81 1.72
C ILE B 25 9.76 9.69 0.71
N SER B 26 10.52 10.40 -0.15
CA SER B 26 10.00 11.04 -1.38
C SER B 26 9.89 10.02 -2.53
N ALA B 27 9.26 10.41 -3.64
CA ALA B 27 9.03 9.53 -4.79
C ALA B 27 10.32 9.04 -5.47
N ASP B 28 11.36 9.89 -5.54
CA ASP B 28 12.68 9.51 -6.06
C ASP B 28 13.48 8.60 -5.09
N GLU B 29 13.37 8.81 -3.77
CA GLU B 29 13.95 7.92 -2.75
C GLU B 29 13.31 6.52 -2.76
N ALA B 30 11.99 6.45 -2.96
CA ALA B 30 11.21 5.20 -3.02
C ALA B 30 11.66 4.26 -4.16
N LEU B 31 12.25 4.79 -5.25
CA LEU B 31 12.77 3.98 -6.37
C LEU B 31 13.80 2.93 -5.92
N SER B 32 14.70 3.31 -5.01
CA SER B 32 15.73 2.43 -4.42
C SER B 32 15.17 1.43 -3.41
N MET B 33 14.05 1.76 -2.74
CA MET B 33 13.36 0.87 -1.79
C MET B 33 12.89 -0.42 -2.46
N LEU B 34 12.38 -0.34 -3.71
CA LEU B 34 11.94 -1.48 -4.50
C LEU B 34 13.04 -2.52 -4.76
N ASP B 35 14.29 -2.08 -4.90
CA ASP B 35 15.46 -2.95 -5.09
C ASP B 35 15.83 -3.75 -3.83
N ALA B 36 15.55 -3.21 -2.63
CA ALA B 36 15.77 -3.88 -1.35
C ALA B 36 14.71 -4.95 -1.02
N ILE B 37 13.53 -4.90 -1.66
CA ILE B 37 12.42 -5.83 -1.42
C ILE B 37 12.61 -7.10 -2.27
N GLY B 38 12.74 -8.25 -1.60
CA GLY B 38 12.88 -9.58 -2.21
C GLY B 38 12.35 -10.70 -1.31
N THR B 39 12.19 -11.89 -1.89
CA THR B 39 11.62 -13.08 -1.20
C THR B 39 12.52 -13.63 -0.07
N GLY B 40 13.84 -13.42 -0.16
CA GLY B 40 14.84 -13.81 0.84
C GLY B 40 16.22 -13.20 0.60
N GLN B 41 17.24 -13.75 1.24
CA GLN B 41 18.64 -13.29 1.14
C GLN B 41 19.33 -13.91 -0.09
N SER B 42 19.08 -13.33 -1.27
CA SER B 42 19.74 -13.68 -2.54
C SER B 42 21.25 -13.43 -2.50
N THR B 43 22.02 -14.26 -3.22
CA THR B 43 23.50 -14.17 -3.33
C THR B 43 23.95 -14.22 -4.81
N PRO B 44 23.87 -13.09 -5.55
CA PRO B 44 24.36 -12.98 -6.94
C PRO B 44 25.84 -13.35 -7.10
N THR B 45 26.20 -13.93 -8.25
CA THR B 45 27.56 -14.37 -8.58
C THR B 45 28.60 -13.23 -8.54
N GLY B 46 28.22 -12.03 -9.01
CA GLY B 46 29.06 -10.82 -8.94
C GLY B 46 30.22 -10.76 -9.94
N ALA B 47 30.25 -11.65 -10.94
CA ALA B 47 31.31 -11.77 -11.95
C ALA B 47 30.80 -12.48 -13.22
N ASP B 48 31.17 -11.94 -14.39
CA ASP B 48 30.77 -12.46 -15.71
C ASP B 48 31.90 -13.35 -16.30
N ASP B 49 32.26 -14.41 -15.56
CA ASP B 49 33.31 -15.39 -15.91
C ASP B 49 32.87 -16.40 -16.99
N GLY A 1 -30.83 1.94 41.08
CA GLY A 1 -30.90 0.91 40.04
C GLY A 1 -30.43 1.42 38.68
N PRO A 2 -29.98 0.52 37.78
CA PRO A 2 -29.47 0.86 36.44
C PRO A 2 -30.58 1.42 35.51
N GLY A 3 -30.18 2.26 34.56
CA GLY A 3 -31.06 2.83 33.54
C GLY A 3 -31.92 4.03 33.97
N SER A 4 -31.67 4.57 35.17
CA SER A 4 -32.30 5.82 35.65
C SER A 4 -32.07 7.03 34.72
N PRO A 5 -33.03 7.94 34.57
CA PRO A 5 -32.89 9.13 33.69
C PRO A 5 -31.91 10.16 34.27
N ASN A 6 -31.13 10.80 33.38
CA ASN A 6 -30.27 11.94 33.72
C ASN A 6 -31.10 13.13 34.27
N SER A 7 -30.57 13.86 35.26
CA SER A 7 -31.28 14.96 35.94
C SER A 7 -31.56 16.20 35.06
N TYR A 8 -30.87 16.34 33.93
CA TYR A 8 -31.05 17.42 32.95
C TYR A 8 -31.74 16.95 31.64
N LEU A 9 -32.23 15.72 31.59
CA LEU A 9 -32.89 15.13 30.41
C LEU A 9 -34.20 15.87 30.04
N PRO A 10 -34.38 16.33 28.79
CA PRO A 10 -35.61 17.01 28.36
C PRO A 10 -36.74 16.00 28.08
N ALA A 11 -37.98 16.37 28.43
CA ALA A 11 -39.17 15.57 28.15
C ALA A 11 -39.75 15.88 26.76
N GLU A 12 -39.63 14.95 25.82
CA GLU A 12 -40.19 15.08 24.46
C GLU A 12 -41.73 15.13 24.45
N ASN A 13 -42.30 15.85 23.47
CA ASN A 13 -43.73 16.11 23.29
C ASN A 13 -44.58 14.84 23.05
N GLU A 14 -44.05 13.88 22.30
CA GLU A 14 -44.75 12.66 21.83
C GLU A 14 -43.76 11.58 21.38
N ASP A 15 -44.22 10.33 21.23
CA ASP A 15 -43.40 9.22 20.71
C ASP A 15 -42.79 9.56 19.32
N PRO A 16 -41.47 9.37 19.11
CA PRO A 16 -40.79 9.83 17.89
C PRO A 16 -40.82 8.81 16.73
N ASP A 17 -41.12 7.53 17.00
CA ASP A 17 -41.07 6.41 16.05
C ASP A 17 -39.70 6.27 15.34
N LYS A 18 -38.62 6.16 16.13
CA LYS A 18 -37.22 6.03 15.67
C LYS A 18 -36.48 4.90 16.41
N ALA A 19 -35.96 3.92 15.66
CA ALA A 19 -35.12 2.85 16.19
C ALA A 19 -33.75 3.38 16.69
N VAL A 20 -33.25 2.81 17.80
CA VAL A 20 -31.91 3.09 18.34
C VAL A 20 -30.88 2.15 17.70
N VAL A 21 -29.97 2.71 16.89
CA VAL A 21 -28.94 1.97 16.13
C VAL A 21 -27.80 2.90 15.68
N ASP A 22 -26.56 2.54 15.97
CA ASP A 22 -25.36 3.38 15.74
C ASP A 22 -24.46 2.89 14.58
N LEU A 23 -24.89 1.85 13.86
CA LEU A 23 -24.12 1.17 12.81
C LEU A 23 -23.78 2.06 11.59
N HIS A 24 -24.60 3.09 11.33
CA HIS A 24 -24.40 4.07 10.25
C HIS A 24 -23.18 5.00 10.47
N ARG A 25 -22.74 5.18 11.72
CA ARG A 25 -21.59 6.02 12.11
C ARG A 25 -20.28 5.56 11.43
N SER A 26 -19.45 6.52 10.98
CA SER A 26 -18.14 6.30 10.35
C SER A 26 -18.15 5.22 9.23
N PRO A 27 -18.96 5.42 8.16
CA PRO A 27 -19.19 4.40 7.12
C PRO A 27 -17.91 4.10 6.30
N PRO A 28 -17.72 2.85 5.82
CA PRO A 28 -16.59 2.45 4.97
C PRO A 28 -16.47 3.22 3.64
N LYS A 29 -15.25 3.32 3.11
CA LYS A 29 -14.89 3.94 1.83
C LYS A 29 -13.78 3.13 1.13
N THR A 30 -13.94 2.85 -0.17
CA THR A 30 -12.86 2.32 -1.02
C THR A 30 -11.70 3.33 -1.11
N LYS A 31 -10.45 2.86 -1.03
CA LYS A 31 -9.25 3.72 -1.04
C LYS A 31 -9.10 4.49 -2.36
N ASP A 32 -8.74 5.77 -2.26
CA ASP A 32 -8.45 6.67 -3.36
C ASP A 32 -7.29 6.18 -4.27
N PRO A 33 -7.32 6.47 -5.59
CA PRO A 33 -6.27 6.10 -6.54
C PRO A 33 -4.99 6.94 -6.39
N ASP A 34 -5.08 8.14 -5.81
CA ASP A 34 -3.95 9.03 -5.51
C ASP A 34 -3.41 8.72 -4.10
N LEU A 35 -2.16 8.28 -4.02
CA LEU A 35 -1.52 7.76 -2.79
C LEU A 35 -0.05 8.23 -2.66
N THR A 36 0.37 8.53 -1.44
CA THR A 36 1.73 8.91 -1.06
C THR A 36 2.78 7.84 -1.42
N PRO A 37 4.06 8.18 -1.73
CA PRO A 37 5.12 7.22 -2.03
C PRO A 37 5.32 6.09 -1.02
N SER A 38 5.21 6.36 0.29
CA SER A 38 5.28 5.32 1.32
C SER A 38 4.14 4.29 1.23
N GLY A 39 2.96 4.69 0.73
CA GLY A 39 1.85 3.80 0.41
C GLY A 39 2.16 2.82 -0.74
N ILE A 40 2.80 3.31 -1.81
CA ILE A 40 3.33 2.48 -2.91
C ILE A 40 4.23 1.36 -2.35
N ILE A 41 5.24 1.73 -1.55
CA ILE A 41 6.20 0.79 -0.96
C ILE A 41 5.53 -0.16 0.05
N ALA A 42 4.57 0.32 0.85
CA ALA A 42 3.77 -0.52 1.75
C ALA A 42 3.00 -1.63 1.00
N LYS A 43 2.35 -1.31 -0.12
CA LYS A 43 1.66 -2.30 -0.98
C LYS A 43 2.64 -3.35 -1.53
N VAL A 44 3.80 -2.95 -2.05
CA VAL A 44 4.89 -3.88 -2.43
C VAL A 44 5.30 -4.81 -1.27
N LYS A 45 5.59 -4.25 -0.10
CA LYS A 45 5.98 -5.01 1.12
C LYS A 45 4.91 -5.99 1.59
N ALA A 46 3.62 -5.66 1.41
CA ALA A 46 2.47 -6.50 1.70
C ALA A 46 2.17 -7.58 0.62
N GLY A 47 2.85 -7.54 -0.54
CA GLY A 47 2.61 -8.44 -1.68
C GLY A 47 1.39 -8.07 -2.53
N ASP A 48 0.82 -6.88 -2.34
CA ASP A 48 -0.37 -6.37 -3.05
C ASP A 48 -0.04 -5.64 -4.38
N MET A 49 1.25 -5.48 -4.69
CA MET A 49 1.76 -4.71 -5.83
C MET A 49 3.16 -5.23 -6.25
N THR A 50 3.42 -5.32 -7.56
CA THR A 50 4.75 -5.64 -8.11
C THR A 50 5.70 -4.42 -8.06
N GLN A 51 7.01 -4.67 -8.00
CA GLN A 51 8.03 -3.61 -8.10
C GLN A 51 7.94 -2.85 -9.45
N GLU A 52 7.57 -3.54 -10.54
CA GLU A 52 7.26 -2.92 -11.84
C GLU A 52 6.11 -1.90 -11.76
N THR A 53 4.95 -2.30 -11.21
CA THR A 53 3.78 -1.43 -11.01
C THR A 53 4.13 -0.23 -10.12
N ALA A 54 4.73 -0.48 -8.96
CA ALA A 54 5.22 0.54 -8.03
C ALA A 54 6.12 1.58 -8.71
N ARG A 55 7.17 1.12 -9.41
CA ARG A 55 8.15 2.03 -10.02
C ARG A 55 7.57 2.85 -11.17
N GLU A 56 6.72 2.25 -12.01
CA GLU A 56 5.96 2.95 -13.07
C GLU A 56 5.16 4.13 -12.51
N LEU A 57 4.43 3.95 -11.40
CA LEU A 57 3.76 5.03 -10.66
C LEU A 57 4.76 6.07 -10.13
N LEU A 58 5.78 5.67 -9.38
CA LEU A 58 6.74 6.57 -8.73
C LEU A 58 7.54 7.45 -9.71
N LEU A 59 7.90 6.92 -10.88
CA LEU A 59 8.58 7.66 -11.96
C LEU A 59 7.71 8.80 -12.54
N ALA A 60 6.38 8.70 -12.45
CA ALA A 60 5.44 9.79 -12.79
C ALA A 60 5.09 10.70 -11.58
N MET A 61 5.08 10.17 -10.35
CA MET A 61 4.74 10.91 -9.13
C MET A 61 5.80 11.94 -8.72
N ARG A 62 7.08 11.68 -9.02
CA ARG A 62 8.24 12.56 -8.74
C ARG A 62 8.17 13.92 -9.47
N GLY B 1 16.68 20.83 36.59
CA GLY B 1 16.05 21.98 35.92
C GLY B 1 14.53 22.01 36.13
N PRO B 2 13.81 22.95 35.46
CA PRO B 2 12.37 23.17 35.66
C PRO B 2 11.48 21.99 35.22
N GLY B 3 11.88 21.23 34.20
CA GLY B 3 11.15 20.05 33.69
C GLY B 3 10.07 20.42 32.65
N SER B 4 9.12 21.25 33.08
CA SER B 4 8.00 21.84 32.32
C SER B 4 6.77 20.93 32.23
N TYR B 5 5.57 21.51 32.32
CA TYR B 5 4.28 20.80 32.22
C TYR B 5 4.01 20.27 30.81
N MET B 6 3.58 19.01 30.70
CA MET B 6 3.12 18.38 29.44
C MET B 6 1.60 18.53 29.29
N THR B 7 1.16 19.55 28.55
CA THR B 7 -0.26 19.72 28.18
C THR B 7 -0.81 18.53 27.39
N HIS B 8 -2.09 18.19 27.60
CA HIS B 8 -2.79 17.05 26.99
C HIS B 8 -3.72 17.48 25.84
N PHE B 9 -3.19 18.29 24.93
CA PHE B 9 -3.88 18.83 23.74
C PHE B 9 -2.91 18.99 22.56
N GLU B 10 -3.45 19.16 21.35
CA GLU B 10 -2.69 19.35 20.10
C GLU B 10 -3.17 20.60 19.34
N ASP B 11 -2.22 21.43 18.87
CA ASP B 11 -2.49 22.60 18.02
C ASP B 11 -2.99 22.21 16.62
N HIS B 12 -3.77 23.11 15.99
CA HIS B 12 -4.28 22.94 14.61
C HIS B 12 -3.15 22.76 13.58
N ARG B 13 -3.36 21.87 12.61
CA ARG B 13 -2.40 21.56 11.53
C ARG B 13 -2.03 22.79 10.70
N VAL B 14 -0.74 22.95 10.35
CA VAL B 14 -0.19 24.13 9.67
C VAL B 14 1.05 23.84 8.80
N GLY B 15 1.46 22.56 8.69
CA GLY B 15 2.53 22.10 7.80
C GLY B 15 3.96 22.50 8.21
N SER B 16 4.17 22.94 9.45
CA SER B 16 5.48 23.37 9.99
C SER B 16 6.51 22.24 10.11
N ASP B 17 6.06 20.98 10.22
CA ASP B 17 6.85 19.74 10.21
C ASP B 17 6.43 18.86 9.02
N ARG B 18 7.42 18.37 8.24
CA ARG B 18 7.22 17.56 7.02
C ARG B 18 7.81 16.15 7.08
N LEU B 19 8.10 15.65 8.28
CA LEU B 19 8.71 14.33 8.54
C LEU B 19 8.19 13.68 9.84
N ALA B 20 8.42 12.37 9.97
CA ALA B 20 8.10 11.57 11.15
C ALA B 20 9.11 10.41 11.30
N ALA B 21 9.94 10.47 12.35
CA ALA B 21 11.08 9.58 12.58
C ALA B 21 12.02 9.49 11.34
N ASP B 22 12.50 8.29 11.00
CA ASP B 22 13.42 8.04 9.86
C ASP B 22 12.74 7.31 8.68
N GLY B 23 11.46 6.94 8.80
CA GLY B 23 10.74 6.08 7.84
C GLY B 23 10.15 6.79 6.61
N GLU B 24 10.08 8.13 6.61
CA GLU B 24 9.56 8.92 5.50
C GLU B 24 10.44 8.89 4.24
N ILE B 25 9.80 8.87 3.06
CA ILE B 25 10.43 8.79 1.72
C ILE B 25 9.64 9.62 0.69
N SER B 26 10.34 10.44 -0.08
CA SER B 26 9.80 11.07 -1.30
C SER B 26 9.74 10.09 -2.48
N ALA B 27 9.11 10.47 -3.59
CA ALA B 27 8.92 9.61 -4.76
C ALA B 27 10.23 9.15 -5.43
N ASP B 28 11.26 10.00 -5.48
CA ASP B 28 12.59 9.65 -5.99
C ASP B 28 13.38 8.72 -5.05
N GLU B 29 13.28 8.89 -3.73
CA GLU B 29 13.88 7.97 -2.73
C GLU B 29 13.24 6.58 -2.78
N ALA B 30 11.91 6.51 -2.99
CA ALA B 30 11.14 5.28 -3.10
C ALA B 30 11.60 4.38 -4.27
N LEU B 31 12.14 4.95 -5.36
CA LEU B 31 12.69 4.19 -6.49
C LEU B 31 13.78 3.18 -6.05
N SER B 32 14.72 3.62 -5.21
CA SER B 32 15.80 2.77 -4.66
C SER B 32 15.34 1.81 -3.56
N MET B 33 14.23 2.13 -2.87
CA MET B 33 13.64 1.26 -1.84
C MET B 33 13.16 -0.07 -2.44
N LEU B 34 12.64 -0.05 -3.68
CA LEU B 34 12.21 -1.23 -4.43
C LEU B 34 13.36 -2.24 -4.70
N ASP B 35 14.60 -1.77 -4.84
CA ASP B 35 15.78 -2.63 -5.03
C ASP B 35 16.21 -3.37 -3.75
N ALA B 36 15.92 -2.80 -2.57
CA ALA B 36 16.20 -3.42 -1.27
C ALA B 36 15.21 -4.55 -0.90
N ILE B 37 14.04 -4.60 -1.53
CA ILE B 37 12.98 -5.58 -1.27
C ILE B 37 13.27 -6.89 -2.03
N GLY B 38 13.37 -8.00 -1.28
CA GLY B 38 13.50 -9.37 -1.81
C GLY B 38 12.13 -10.01 -2.12
N THR B 39 12.02 -11.33 -1.92
CA THR B 39 10.76 -12.08 -2.09
C THR B 39 9.88 -12.00 -0.84
N GLY B 40 9.43 -10.78 -0.52
CA GLY B 40 8.66 -10.47 0.68
C GLY B 40 9.43 -10.77 1.98
N GLN B 41 8.69 -11.19 3.03
CA GLN B 41 9.25 -11.64 4.31
C GLN B 41 8.53 -12.90 4.80
N SER B 42 9.30 -13.90 5.23
CA SER B 42 8.78 -15.19 5.76
C SER B 42 7.88 -15.02 7.00
N THR B 43 6.93 -15.94 7.17
CA THR B 43 6.02 -16.04 8.33
C THR B 43 6.12 -17.44 8.96
N PRO B 44 6.59 -17.58 10.22
CA PRO B 44 6.70 -18.87 10.90
C PRO B 44 5.39 -19.65 11.01
N THR B 45 5.49 -20.99 11.00
CA THR B 45 4.40 -21.95 11.23
C THR B 45 3.23 -21.78 10.23
N GLY B 46 3.55 -21.88 8.93
CA GLY B 46 2.58 -21.97 7.84
C GLY B 46 1.67 -23.21 7.91
N ALA B 47 0.57 -23.19 7.16
CA ALA B 47 -0.45 -24.25 7.16
C ALA B 47 -1.25 -24.31 5.82
N ASP B 48 -2.05 -25.38 5.67
CA ASP B 48 -2.91 -25.60 4.49
C ASP B 48 -3.97 -24.50 4.27
N ASP B 49 -4.35 -24.26 3.01
CA ASP B 49 -5.41 -23.31 2.60
C ASP B 49 -6.83 -23.74 3.04
N GLY A 1 -39.69 42.61 3.10
CA GLY A 1 -39.36 43.20 4.41
C GLY A 1 -37.89 42.95 4.78
N PRO A 2 -37.21 43.92 5.43
CA PRO A 2 -35.77 43.87 5.69
C PRO A 2 -35.36 42.84 6.76
N GLY A 3 -36.29 42.38 7.60
CA GLY A 3 -36.07 41.33 8.60
C GLY A 3 -35.97 39.90 8.05
N SER A 4 -36.33 39.69 6.78
CA SER A 4 -36.20 38.38 6.10
C SER A 4 -34.74 37.87 6.06
N PRO A 5 -34.50 36.55 6.24
CA PRO A 5 -33.15 35.97 6.21
C PRO A 5 -32.71 35.49 4.82
N ASN A 6 -33.55 35.65 3.78
CA ASN A 6 -33.28 35.15 2.42
C ASN A 6 -31.98 35.70 1.80
N SER A 7 -31.27 34.85 1.04
CA SER A 7 -30.04 35.18 0.30
C SER A 7 -29.70 34.08 -0.73
N TYR A 8 -29.02 34.46 -1.81
CA TYR A 8 -28.49 33.53 -2.82
C TYR A 8 -27.32 32.66 -2.32
N LEU A 9 -26.57 33.13 -1.32
CA LEU A 9 -25.37 32.46 -0.76
C LEU A 9 -24.96 33.00 0.63
N PRO A 10 -24.46 32.15 1.54
CA PRO A 10 -23.89 32.56 2.82
C PRO A 10 -22.49 33.20 2.65
N ALA A 11 -22.04 33.97 3.65
CA ALA A 11 -20.71 34.59 3.71
C ALA A 11 -20.24 34.78 5.15
N GLU A 12 -19.03 34.30 5.45
CA GLU A 12 -18.34 34.37 6.76
C GLU A 12 -19.02 33.50 7.86
N ASN A 13 -18.44 33.48 9.07
CA ASN A 13 -18.86 32.67 10.23
C ASN A 13 -18.46 33.33 11.56
N GLU A 14 -19.33 33.23 12.56
CA GLU A 14 -19.13 33.75 13.92
C GLU A 14 -17.88 33.18 14.64
N ASP A 15 -17.34 33.94 15.59
CA ASP A 15 -16.25 33.53 16.49
C ASP A 15 -16.45 34.11 17.92
N PRO A 16 -16.94 33.30 18.88
CA PRO A 16 -16.96 33.68 20.30
C PRO A 16 -15.55 33.61 20.92
N ASP A 17 -14.92 32.43 20.90
CA ASP A 17 -13.54 32.15 21.34
C ASP A 17 -13.02 30.82 20.74
N LYS A 18 -13.35 30.53 19.47
CA LYS A 18 -13.20 29.19 18.87
C LYS A 18 -11.74 28.78 18.62
N ALA A 19 -11.47 27.50 18.83
CA ALA A 19 -10.20 26.83 18.58
C ALA A 19 -9.81 26.79 17.08
N VAL A 20 -8.54 26.46 16.79
CA VAL A 20 -7.94 26.39 15.45
C VAL A 20 -7.12 25.11 15.29
N VAL A 21 -7.30 24.43 14.16
CA VAL A 21 -6.69 23.12 13.81
C VAL A 21 -6.56 22.96 12.27
N ASP A 22 -6.44 24.10 11.57
CA ASP A 22 -6.62 24.23 10.12
C ASP A 22 -5.59 25.17 9.47
N LEU A 23 -4.52 25.52 10.20
CA LEU A 23 -3.43 26.38 9.72
C LEU A 23 -2.55 25.61 8.71
N HIS A 24 -2.61 26.04 7.44
CA HIS A 24 -1.90 25.44 6.28
C HIS A 24 -2.40 24.02 5.94
N ARG A 25 -3.64 23.69 6.35
CA ARG A 25 -4.26 22.35 6.25
C ARG A 25 -4.76 22.06 4.84
N SER A 26 -4.30 20.95 4.25
CA SER A 26 -4.80 20.44 2.95
C SER A 26 -6.27 19.95 3.07
N PRO A 27 -7.14 20.21 2.07
CA PRO A 27 -8.49 19.64 2.01
C PRO A 27 -8.53 18.10 2.06
N PRO A 28 -9.53 17.47 2.72
CA PRO A 28 -9.59 16.01 2.87
C PRO A 28 -10.29 15.35 1.66
N LYS A 29 -9.67 15.51 0.49
CA LYS A 29 -10.21 15.15 -0.84
C LYS A 29 -9.33 14.12 -1.58
N THR A 30 -8.84 13.13 -0.83
CA THR A 30 -7.97 12.03 -1.32
C THR A 30 -8.58 11.24 -2.48
N LYS A 31 -7.74 10.79 -3.41
CA LYS A 31 -8.07 9.92 -4.57
C LYS A 31 -7.23 8.64 -4.52
N ASP A 32 -7.88 7.48 -4.66
CA ASP A 32 -7.27 6.15 -4.45
C ASP A 32 -5.94 5.88 -5.20
N PRO A 33 -5.75 6.24 -6.48
CA PRO A 33 -4.48 5.98 -7.18
C PRO A 33 -3.38 7.02 -6.88
N ASP A 34 -3.71 8.15 -6.25
CA ASP A 34 -2.79 9.26 -5.96
C ASP A 34 -2.27 9.19 -4.51
N LEU A 35 -1.69 8.05 -4.15
CA LEU A 35 -1.09 7.74 -2.84
C LEU A 35 0.20 8.53 -2.58
N THR A 36 0.64 8.59 -1.32
CA THR A 36 2.02 8.97 -0.95
C THR A 36 3.04 7.94 -1.47
N PRO A 37 4.32 8.30 -1.64
CA PRO A 37 5.39 7.35 -2.00
C PRO A 37 5.52 6.18 -1.03
N SER A 38 5.41 6.44 0.29
CA SER A 38 5.31 5.40 1.32
C SER A 38 4.11 4.47 1.13
N GLY A 39 2.95 4.99 0.72
CA GLY A 39 1.77 4.19 0.35
C GLY A 39 1.99 3.22 -0.81
N ILE A 40 2.78 3.62 -1.83
CA ILE A 40 3.23 2.72 -2.90
C ILE A 40 4.06 1.56 -2.32
N ILE A 41 5.11 1.88 -1.55
CA ILE A 41 6.05 0.90 -0.99
C ILE A 41 5.38 -0.06 0.00
N ALA A 42 4.40 0.40 0.79
CA ALA A 42 3.59 -0.43 1.68
C ALA A 42 2.88 -1.59 0.96
N LYS A 43 2.29 -1.34 -0.22
CA LYS A 43 1.65 -2.38 -1.05
C LYS A 43 2.65 -3.40 -1.60
N VAL A 44 3.88 -3.00 -1.92
CA VAL A 44 4.96 -3.91 -2.35
C VAL A 44 5.44 -4.79 -1.20
N LYS A 45 5.66 -4.20 -0.01
CA LYS A 45 6.00 -4.91 1.25
C LYS A 45 4.91 -5.92 1.66
N ALA A 46 3.64 -5.59 1.41
CA ALA A 46 2.49 -6.48 1.65
C ALA A 46 2.30 -7.59 0.60
N GLY A 47 2.99 -7.51 -0.55
CA GLY A 47 2.83 -8.44 -1.68
C GLY A 47 1.58 -8.19 -2.55
N ASP A 48 0.95 -7.02 -2.41
CA ASP A 48 -0.24 -6.62 -3.18
C ASP A 48 0.07 -6.03 -4.57
N MET A 49 1.34 -5.67 -4.83
CA MET A 49 1.78 -4.99 -6.04
C MET A 49 3.26 -5.31 -6.36
N THR A 50 3.59 -5.51 -7.65
CA THR A 50 4.97 -5.76 -8.10
C THR A 50 5.85 -4.50 -7.98
N GLN A 51 7.17 -4.71 -7.87
CA GLN A 51 8.17 -3.65 -8.00
C GLN A 51 8.00 -2.84 -9.30
N GLU A 52 7.75 -3.51 -10.43
CA GLU A 52 7.59 -2.86 -11.74
C GLU A 52 6.38 -1.93 -11.81
N THR A 53 5.23 -2.38 -11.30
CA THR A 53 4.00 -1.54 -11.19
C THR A 53 4.20 -0.36 -10.24
N ALA A 54 4.80 -0.62 -9.07
CA ALA A 54 5.16 0.39 -8.09
C ALA A 54 6.07 1.49 -8.66
N ARG A 55 7.14 1.11 -9.36
CA ARG A 55 8.09 2.07 -9.95
C ARG A 55 7.44 2.91 -11.06
N GLU A 56 6.62 2.29 -11.92
CA GLU A 56 5.83 2.98 -12.94
C GLU A 56 4.94 4.10 -12.36
N LEU A 57 4.24 3.83 -11.25
CA LEU A 57 3.52 4.84 -10.48
C LEU A 57 4.47 5.94 -9.94
N LEU A 58 5.55 5.55 -9.25
CA LEU A 58 6.50 6.49 -8.62
C LEU A 58 7.21 7.41 -9.62
N LEU A 59 7.55 6.93 -10.82
CA LEU A 59 8.15 7.73 -11.91
C LEU A 59 7.26 8.91 -12.35
N ALA A 60 5.93 8.76 -12.29
CA ALA A 60 4.98 9.85 -12.51
C ALA A 60 4.80 10.78 -11.29
N MET A 61 5.21 10.35 -10.09
CA MET A 61 5.09 11.08 -8.82
C MET A 61 6.32 11.94 -8.46
N ARG A 62 7.44 11.79 -9.19
CA ARG A 62 8.70 12.53 -8.99
C ARG A 62 8.53 14.05 -9.14
N GLY B 1 13.13 -6.65 46.88
CA GLY B 1 14.35 -6.89 46.09
C GLY B 1 15.54 -6.08 46.63
N PRO B 2 16.56 -5.79 45.79
CA PRO B 2 17.75 -5.02 46.16
C PRO B 2 17.45 -3.61 46.71
N GLY B 3 18.35 -3.09 47.54
CA GLY B 3 18.23 -1.78 48.21
C GLY B 3 18.59 -0.56 47.34
N SER B 4 18.86 -0.76 46.05
CA SER B 4 19.15 0.28 45.05
C SER B 4 17.88 1.03 44.58
N TYR B 5 17.95 1.71 43.43
CA TYR B 5 16.84 2.30 42.67
C TYR B 5 16.33 3.66 43.21
N MET B 6 17.08 4.25 44.15
CA MET B 6 16.77 5.51 44.85
C MET B 6 17.70 6.66 44.44
N THR B 7 18.45 6.51 43.34
CA THR B 7 19.46 7.47 42.84
C THR B 7 19.47 7.57 41.30
N HIS B 8 20.31 8.47 40.78
CA HIS B 8 20.52 8.84 39.38
C HIS B 8 20.85 7.69 38.41
N PHE B 9 21.48 6.60 38.90
CA PHE B 9 22.05 5.52 38.09
C PHE B 9 21.02 4.83 37.17
N GLU B 10 21.47 4.46 35.97
CA GLU B 10 20.63 3.89 34.89
C GLU B 10 19.94 2.56 35.24
N ASP B 11 18.77 2.33 34.63
CA ASP B 11 17.96 1.10 34.80
C ASP B 11 17.18 0.69 33.53
N HIS B 12 17.29 1.45 32.43
CA HIS B 12 16.66 1.24 31.12
C HIS B 12 17.50 1.85 29.98
N ARG B 13 17.36 1.32 28.76
CA ARG B 13 17.94 1.89 27.53
C ARG B 13 17.54 3.35 27.29
N VAL B 14 18.41 4.12 26.64
CA VAL B 14 18.30 5.59 26.49
C VAL B 14 19.14 6.09 25.30
N GLY B 15 18.75 7.22 24.71
CA GLY B 15 19.37 7.78 23.49
C GLY B 15 18.93 7.13 22.18
N SER B 16 17.87 6.32 22.22
CA SER B 16 17.38 5.48 21.10
C SER B 16 16.68 6.26 19.97
N ASP B 17 16.41 7.56 20.16
CA ASP B 17 15.68 8.44 19.22
C ASP B 17 16.59 9.30 18.34
N ARG B 18 17.93 9.11 18.41
CA ARG B 18 18.95 9.95 17.76
C ARG B 18 19.07 9.78 16.23
N LEU B 19 18.56 8.68 15.70
CA LEU B 19 18.62 8.30 14.27
C LEU B 19 17.83 9.24 13.33
N ALA B 20 18.22 9.24 12.05
CA ALA B 20 17.46 9.85 10.95
C ALA B 20 16.11 9.15 10.69
N ALA B 21 15.18 9.86 10.06
CA ALA B 21 13.85 9.37 9.67
C ALA B 21 13.87 8.05 8.86
N ASP B 22 12.86 7.20 9.08
CA ASP B 22 12.79 5.82 8.55
C ASP B 22 11.35 5.36 8.22
N GLY B 23 10.42 6.30 8.03
CA GLY B 23 9.01 6.07 7.67
C GLY B 23 8.63 6.81 6.38
N GLU B 24 8.36 8.11 6.49
CA GLU B 24 8.17 9.02 5.33
C GLU B 24 9.38 9.05 4.39
N ILE B 25 9.10 9.09 3.08
CA ILE B 25 10.09 9.02 1.99
C ILE B 25 9.65 9.87 0.78
N SER B 26 10.62 10.50 0.10
CA SER B 26 10.43 11.14 -1.21
C SER B 26 10.07 10.12 -2.30
N ALA B 27 9.42 10.59 -3.37
CA ALA B 27 9.22 9.81 -4.59
C ALA B 27 10.56 9.35 -5.22
N ASP B 28 11.58 10.21 -5.23
CA ASP B 28 12.96 9.88 -5.66
C ASP B 28 13.60 8.75 -4.83
N GLU B 29 13.46 8.81 -3.50
CA GLU B 29 13.98 7.79 -2.58
C GLU B 29 13.31 6.42 -2.77
N ALA B 30 11.99 6.41 -3.00
CA ALA B 30 11.20 5.20 -3.19
C ALA B 30 11.64 4.36 -4.41
N LEU B 31 12.18 4.98 -5.47
CA LEU B 31 12.58 4.30 -6.72
C LEU B 31 13.57 3.16 -6.47
N SER B 32 14.59 3.39 -5.65
CA SER B 32 15.68 2.44 -5.37
C SER B 32 15.37 1.49 -4.19
N MET B 33 14.44 1.85 -3.30
CA MET B 33 14.01 1.01 -2.17
C MET B 33 13.37 -0.30 -2.61
N LEU B 34 12.69 -0.29 -3.77
CA LEU B 34 12.05 -1.45 -4.40
C LEU B 34 13.02 -2.64 -4.64
N ASP B 35 14.26 -2.35 -5.00
CA ASP B 35 15.31 -3.35 -5.27
C ASP B 35 15.73 -4.13 -4.01
N ALA B 36 15.71 -3.48 -2.83
CA ALA B 36 16.02 -4.12 -1.55
C ALA B 36 14.91 -5.08 -1.05
N ILE B 37 13.65 -4.83 -1.42
CA ILE B 37 12.50 -5.70 -1.12
C ILE B 37 12.59 -7.02 -1.91
N GLY B 38 12.27 -8.14 -1.26
CA GLY B 38 12.24 -9.48 -1.87
C GLY B 38 11.10 -9.71 -2.88
N THR B 39 10.87 -10.98 -3.26
CA THR B 39 9.87 -11.36 -4.26
C THR B 39 8.45 -11.29 -3.71
N GLY B 40 7.60 -10.44 -4.31
CA GLY B 40 6.19 -10.24 -3.94
C GLY B 40 5.21 -10.31 -5.12
N GLN B 41 5.69 -10.67 -6.32
CA GLN B 41 4.88 -10.85 -7.52
C GLN B 41 3.89 -12.03 -7.40
N SER B 42 2.79 -11.97 -8.15
CA SER B 42 1.75 -13.02 -8.20
C SER B 42 2.14 -14.13 -9.18
N THR B 43 2.92 -15.09 -8.70
CA THR B 43 3.33 -16.30 -9.44
C THR B 43 2.13 -17.17 -9.86
N PRO B 44 2.25 -18.01 -10.91
CA PRO B 44 1.16 -18.88 -11.38
C PRO B 44 0.51 -19.72 -10.26
N THR B 45 -0.83 -19.74 -10.27
CA THR B 45 -1.75 -20.41 -9.30
C THR B 45 -2.14 -19.51 -8.11
N GLY B 46 -1.28 -18.53 -7.78
CA GLY B 46 -1.47 -17.59 -6.65
C GLY B 46 -1.05 -18.16 -5.29
N ALA B 47 -0.67 -17.26 -4.37
CA ALA B 47 -0.21 -17.58 -3.01
C ALA B 47 -1.26 -17.29 -1.90
N ASP B 48 -2.51 -17.00 -2.28
CA ASP B 48 -3.61 -16.66 -1.36
C ASP B 48 -4.06 -17.84 -0.47
N ASP B 49 -4.03 -19.07 -0.98
CA ASP B 49 -4.40 -20.31 -0.25
C ASP B 49 -3.31 -20.81 0.73
N GLY A 1 -25.00 18.83 0.91
CA GLY A 1 -23.92 18.93 -0.10
C GLY A 1 -22.76 19.81 0.36
N PRO A 2 -21.83 20.16 -0.54
CA PRO A 2 -20.67 21.02 -0.21
C PRO A 2 -21.08 22.46 0.15
N GLY A 3 -20.30 23.10 1.03
CA GLY A 3 -20.51 24.48 1.48
C GLY A 3 -19.84 25.56 0.61
N SER A 4 -19.30 25.17 -0.56
CA SER A 4 -18.56 26.02 -1.50
C SER A 4 -18.60 25.43 -2.92
N PRO A 5 -18.60 26.25 -3.99
CA PRO A 5 -18.45 25.78 -5.36
C PRO A 5 -17.04 25.25 -5.68
N ASN A 6 -16.06 25.48 -4.79
CA ASN A 6 -14.68 24.99 -4.88
C ASN A 6 -14.23 24.33 -3.56
N SER A 7 -15.16 23.61 -2.89
CA SER A 7 -14.90 22.83 -1.67
C SER A 7 -13.69 21.87 -1.79
N TYR A 8 -12.91 21.76 -0.72
CA TYR A 8 -11.76 20.85 -0.63
C TYR A 8 -12.16 19.36 -0.68
N LEU A 9 -13.36 19.02 -0.18
CA LEU A 9 -13.94 17.67 -0.21
C LEU A 9 -15.48 17.73 -0.05
N PRO A 10 -16.24 17.65 -1.17
CA PRO A 10 -17.70 17.44 -1.14
C PRO A 10 -18.11 16.15 -0.42
N ALA A 11 -19.27 16.18 0.25
CA ALA A 11 -19.86 15.02 0.93
C ALA A 11 -20.10 13.83 -0.03
N GLU A 12 -19.80 12.61 0.43
CA GLU A 12 -19.97 11.35 -0.31
C GLU A 12 -21.44 11.11 -0.76
N ASN A 13 -21.61 10.58 -1.97
CA ASN A 13 -22.91 10.26 -2.58
C ASN A 13 -22.73 9.17 -3.67
N GLU A 14 -21.99 8.11 -3.34
CA GLU A 14 -21.48 7.12 -4.32
C GLU A 14 -22.45 5.97 -4.64
N ASP A 15 -23.59 5.90 -3.94
CA ASP A 15 -24.62 4.87 -4.09
C ASP A 15 -25.19 4.80 -5.54
N PRO A 16 -25.43 3.60 -6.10
CA PRO A 16 -25.83 3.45 -7.51
C PRO A 16 -27.36 3.50 -7.73
N ASP A 17 -28.16 3.62 -6.67
CA ASP A 17 -29.63 3.63 -6.70
C ASP A 17 -30.22 4.70 -7.65
N LYS A 18 -29.63 5.90 -7.66
CA LYS A 18 -29.99 7.03 -8.54
C LYS A 18 -29.26 7.07 -9.89
N ALA A 19 -28.36 6.12 -10.17
CA ALA A 19 -27.48 6.11 -11.34
C ALA A 19 -27.92 5.04 -12.35
N VAL A 20 -28.81 5.43 -13.27
CA VAL A 20 -29.30 4.60 -14.40
C VAL A 20 -28.14 4.11 -15.29
N VAL A 21 -28.17 2.84 -15.67
CA VAL A 21 -27.12 2.15 -16.45
C VAL A 21 -27.67 0.90 -17.14
N ASP A 22 -27.34 0.71 -18.43
CA ASP A 22 -27.87 -0.37 -19.28
C ASP A 22 -26.84 -1.48 -19.60
N LEU A 23 -25.66 -1.43 -18.97
CA LEU A 23 -24.52 -2.33 -19.21
C LEU A 23 -24.58 -3.58 -18.31
N HIS A 24 -25.76 -4.23 -18.30
CA HIS A 24 -26.08 -5.37 -17.43
C HIS A 24 -25.19 -6.59 -17.71
N ARG A 25 -24.84 -7.32 -16.64
CA ARG A 25 -23.96 -8.52 -16.55
C ARG A 25 -22.47 -8.20 -16.33
N SER A 26 -22.06 -6.94 -16.50
CA SER A 26 -20.67 -6.50 -16.27
C SER A 26 -20.21 -6.68 -14.81
N PRO A 27 -18.96 -7.12 -14.55
CA PRO A 27 -18.43 -7.29 -13.19
C PRO A 27 -18.01 -5.95 -12.55
N PRO A 28 -18.03 -5.83 -11.21
CA PRO A 28 -17.47 -4.68 -10.50
C PRO A 28 -15.93 -4.64 -10.65
N LYS A 29 -15.35 -3.43 -10.69
CA LYS A 29 -13.93 -3.19 -11.03
C LYS A 29 -13.31 -1.93 -10.42
N THR A 30 -13.95 -1.33 -9.41
CA THR A 30 -13.49 -0.15 -8.66
C THR A 30 -12.12 -0.38 -7.98
N LYS A 31 -11.27 0.66 -7.94
CA LYS A 31 -9.96 0.65 -7.24
C LYS A 31 -9.52 2.04 -6.77
N ASP A 32 -8.46 2.10 -5.96
CA ASP A 32 -7.80 3.33 -5.50
C ASP A 32 -6.38 3.45 -6.10
N PRO A 33 -6.22 4.08 -7.29
CA PRO A 33 -4.94 4.11 -8.00
C PRO A 33 -4.05 5.32 -7.64
N ASP A 34 -4.54 6.24 -6.81
CA ASP A 34 -3.86 7.46 -6.38
C ASP A 34 -3.40 7.34 -4.91
N LEU A 35 -2.08 7.32 -4.69
CA LEU A 35 -1.43 6.97 -3.42
C LEU A 35 -0.22 7.87 -3.14
N THR A 36 0.19 7.95 -1.88
CA THR A 36 1.50 8.51 -1.48
C THR A 36 2.65 7.59 -1.92
N PRO A 37 3.89 8.10 -2.09
CA PRO A 37 5.06 7.28 -2.42
C PRO A 37 5.41 6.27 -1.32
N SER A 38 5.15 6.60 -0.05
CA SER A 38 5.23 5.65 1.06
C SER A 38 4.16 4.54 0.97
N GLY A 39 2.93 4.88 0.58
CA GLY A 39 1.84 3.94 0.30
C GLY A 39 2.16 2.93 -0.82
N ILE A 40 2.84 3.36 -1.89
CA ILE A 40 3.36 2.48 -2.94
C ILE A 40 4.23 1.37 -2.34
N ILE A 41 5.26 1.73 -1.58
CA ILE A 41 6.21 0.78 -0.99
C ILE A 41 5.56 -0.12 0.07
N ALA A 42 4.61 0.41 0.85
CA ALA A 42 3.80 -0.38 1.79
C ALA A 42 3.03 -1.51 1.09
N LYS A 43 2.41 -1.27 -0.07
CA LYS A 43 1.74 -2.29 -0.89
C LYS A 43 2.71 -3.34 -1.44
N VAL A 44 3.91 -2.93 -1.87
CA VAL A 44 4.95 -3.87 -2.33
C VAL A 44 5.44 -4.77 -1.19
N LYS A 45 5.69 -4.19 0.00
CA LYS A 45 6.05 -4.91 1.24
C LYS A 45 4.98 -5.92 1.68
N ALA A 46 3.71 -5.58 1.49
CA ALA A 46 2.55 -6.43 1.76
C ALA A 46 2.32 -7.53 0.68
N GLY A 47 3.01 -7.46 -0.48
CA GLY A 47 2.81 -8.36 -1.62
C GLY A 47 1.58 -8.04 -2.49
N ASP A 48 0.95 -6.87 -2.31
CA ASP A 48 -0.28 -6.45 -2.99
C ASP A 48 -0.03 -5.84 -4.40
N MET A 49 1.22 -5.51 -4.73
CA MET A 49 1.63 -4.84 -5.97
C MET A 49 3.05 -5.21 -6.39
N THR A 50 3.30 -5.38 -7.68
CA THR A 50 4.64 -5.64 -8.24
C THR A 50 5.57 -4.44 -8.16
N GLN A 51 6.88 -4.69 -8.10
CA GLN A 51 7.93 -3.65 -8.18
C GLN A 51 7.86 -2.86 -9.49
N GLU A 52 7.50 -3.50 -10.61
CA GLU A 52 7.29 -2.84 -11.91
C GLU A 52 6.15 -1.81 -11.87
N THR A 53 4.97 -2.21 -11.37
CA THR A 53 3.80 -1.31 -11.22
C THR A 53 4.10 -0.16 -10.26
N ALA A 54 4.71 -0.49 -9.11
CA ALA A 54 5.17 0.49 -8.13
C ALA A 54 6.12 1.54 -8.73
N ARG A 55 7.19 1.11 -9.41
CA ARG A 55 8.18 2.01 -10.01
C ARG A 55 7.57 2.92 -11.07
N GLU A 56 6.72 2.40 -11.95
CA GLU A 56 5.96 3.18 -12.93
C GLU A 56 5.17 4.33 -12.27
N LEU A 57 4.41 4.04 -11.21
CA LEU A 57 3.68 5.06 -10.43
C LEU A 57 4.61 6.11 -9.80
N LEU A 58 5.71 5.68 -9.17
CA LEU A 58 6.70 6.60 -8.56
C LEU A 58 7.41 7.52 -9.59
N LEU A 59 7.74 6.99 -10.77
CA LEU A 59 8.28 7.78 -11.89
C LEU A 59 7.28 8.83 -12.39
N ALA A 60 5.97 8.56 -12.34
CA ALA A 60 4.92 9.56 -12.60
C ALA A 60 4.78 10.63 -11.49
N MET A 61 4.92 10.25 -10.21
CA MET A 61 4.87 11.19 -9.06
C MET A 61 5.99 12.24 -9.05
N ARG A 62 7.24 11.80 -9.27
CA ARG A 62 8.46 12.58 -8.99
C ARG A 62 8.67 13.80 -9.91
N GLY B 1 -14.97 33.81 30.87
CA GLY B 1 -13.84 32.87 31.00
C GLY B 1 -13.53 32.15 29.69
N PRO B 2 -12.99 30.91 29.76
CA PRO B 2 -12.66 30.10 28.58
C PRO B 2 -13.92 29.61 27.83
N GLY B 3 -13.76 29.29 26.54
CA GLY B 3 -14.82 28.72 25.69
C GLY B 3 -15.38 27.38 26.20
N SER B 4 -16.64 27.10 25.84
CA SER B 4 -17.35 25.87 26.22
C SER B 4 -16.66 24.58 25.74
N TYR B 5 -16.71 23.53 26.58
CA TYR B 5 -16.13 22.19 26.34
C TYR B 5 -14.63 22.24 25.93
N MET B 6 -14.19 21.42 24.98
CA MET B 6 -12.78 21.23 24.60
C MET B 6 -12.62 20.67 23.18
N THR B 7 -11.60 21.15 22.46
CA THR B 7 -11.09 20.52 21.24
C THR B 7 -10.56 19.10 21.53
N HIS B 8 -10.67 18.20 20.54
CA HIS B 8 -10.28 16.79 20.64
C HIS B 8 -10.08 16.16 19.25
N PHE B 9 -9.36 15.03 19.19
CA PHE B 9 -9.19 14.23 17.98
C PHE B 9 -10.40 13.32 17.76
N GLU B 10 -11.37 13.81 16.97
CA GLU B 10 -12.59 13.06 16.64
C GLU B 10 -12.30 11.83 15.74
N ASP B 11 -12.87 10.66 16.07
CA ASP B 11 -12.53 9.38 15.43
C ASP B 11 -13.63 8.30 15.50
N HIS B 12 -14.91 8.66 15.68
CA HIS B 12 -16.03 7.70 15.69
C HIS B 12 -16.35 7.07 14.32
N ARG B 13 -15.92 7.68 13.19
CA ARG B 13 -16.10 7.14 11.82
C ARG B 13 -15.50 5.72 11.68
N VAL B 14 -16.24 4.83 11.00
CA VAL B 14 -15.87 3.44 10.71
C VAL B 14 -14.63 3.34 9.80
N GLY B 15 -13.72 2.40 10.11
CA GLY B 15 -12.54 2.05 9.30
C GLY B 15 -11.21 2.42 9.96
N SER B 16 -10.28 1.46 9.99
CA SER B 16 -8.95 1.58 10.63
C SER B 16 -7.78 1.42 9.63
N ASP B 17 -8.05 1.45 8.32
CA ASP B 17 -7.08 1.33 7.24
C ASP B 17 -6.58 2.70 6.80
N ARG B 18 -5.51 3.17 7.46
CA ARG B 18 -4.88 4.48 7.25
C ARG B 18 -3.40 4.48 7.63
N LEU B 19 -2.56 5.10 6.79
CA LEU B 19 -1.16 5.43 7.08
C LEU B 19 -0.32 4.17 7.44
N ALA B 20 0.46 4.23 8.52
CA ALA B 20 1.26 3.13 9.09
C ALA B 20 2.41 2.65 8.17
N ALA B 21 2.99 3.56 7.38
CA ALA B 21 4.21 3.33 6.60
C ALA B 21 5.47 3.10 7.47
N ASP B 22 6.45 2.39 6.92
CA ASP B 22 7.75 2.12 7.56
C ASP B 22 8.78 3.24 7.24
N GLY B 23 8.56 4.41 7.82
CA GLY B 23 9.38 5.63 7.65
C GLY B 23 9.02 6.47 6.41
N GLU B 24 9.26 7.77 6.49
CA GLU B 24 9.03 8.74 5.41
C GLU B 24 10.00 8.53 4.23
N ILE B 25 9.48 8.65 3.00
CA ILE B 25 10.22 8.55 1.73
C ILE B 25 9.59 9.42 0.64
N SER B 26 10.40 10.29 0.02
CA SER B 26 10.09 10.94 -1.26
C SER B 26 9.87 9.93 -2.39
N ALA B 27 9.19 10.32 -3.47
CA ALA B 27 9.02 9.47 -4.65
C ALA B 27 10.37 9.12 -5.34
N ASP B 28 11.37 10.01 -5.31
CA ASP B 28 12.75 9.72 -5.69
C ASP B 28 13.42 8.64 -4.81
N GLU B 29 13.29 8.76 -3.48
CA GLU B 29 13.87 7.82 -2.50
C GLU B 29 13.24 6.42 -2.60
N ALA B 30 11.92 6.37 -2.85
CA ALA B 30 11.15 5.14 -3.01
C ALA B 30 11.63 4.26 -4.19
N LEU B 31 12.20 4.86 -5.25
CA LEU B 31 12.77 4.12 -6.40
C LEU B 31 13.82 3.07 -5.96
N SER B 32 14.70 3.44 -5.03
CA SER B 32 15.76 2.59 -4.47
C SER B 32 15.24 1.56 -3.45
N MET B 33 14.10 1.84 -2.80
CA MET B 33 13.48 0.93 -1.82
C MET B 33 13.05 -0.38 -2.47
N LEU B 34 12.56 -0.33 -3.72
CA LEU B 34 12.17 -1.50 -4.51
C LEU B 34 13.33 -2.48 -4.79
N ASP B 35 14.57 -1.97 -4.86
CA ASP B 35 15.79 -2.76 -5.01
C ASP B 35 16.24 -3.39 -3.67
N ALA B 36 16.05 -2.66 -2.55
CA ALA B 36 16.33 -3.15 -1.20
C ALA B 36 15.40 -4.32 -0.79
N ILE B 37 14.17 -4.35 -1.34
CA ILE B 37 13.20 -5.46 -1.18
C ILE B 37 13.66 -6.73 -1.92
N GLY B 38 14.44 -6.60 -3.00
CA GLY B 38 15.00 -7.71 -3.79
C GLY B 38 15.77 -8.74 -2.94
N THR B 39 15.70 -10.01 -3.34
CA THR B 39 16.21 -11.15 -2.55
C THR B 39 17.73 -11.19 -2.42
N GLY B 40 18.45 -10.65 -3.41
CA GLY B 40 19.92 -10.58 -3.44
C GLY B 40 20.63 -11.90 -3.81
N GLN B 41 19.89 -12.93 -4.23
CA GLN B 41 20.42 -14.25 -4.59
C GLN B 41 21.37 -14.20 -5.81
N SER B 42 22.49 -14.94 -5.73
CA SER B 42 23.43 -15.14 -6.86
C SER B 42 22.87 -16.10 -7.94
N THR B 43 23.60 -16.29 -9.04
CA THR B 43 23.25 -17.22 -10.13
C THR B 43 23.16 -18.68 -9.64
N PRO B 44 22.21 -19.50 -10.16
CA PRO B 44 22.15 -20.94 -9.86
C PRO B 44 22.99 -21.82 -10.79
N THR B 45 23.69 -21.25 -11.79
CA THR B 45 24.45 -22.02 -12.80
C THR B 45 25.51 -22.96 -12.19
N GLY B 46 25.63 -24.17 -12.74
CA GLY B 46 26.59 -25.20 -12.30
C GLY B 46 26.22 -25.97 -11.03
N ALA B 47 25.08 -25.66 -10.38
CA ALA B 47 24.62 -26.30 -9.15
C ALA B 47 23.47 -27.32 -9.36
N ASP B 48 23.14 -27.64 -10.61
CA ASP B 48 22.00 -28.50 -11.00
C ASP B 48 22.30 -29.26 -12.32
N ASP B 49 23.56 -29.69 -12.50
CA ASP B 49 24.12 -30.40 -13.67
C ASP B 49 23.86 -29.68 -15.01
N GLY A 1 -37.40 4.75 -21.34
CA GLY A 1 -38.57 5.40 -21.93
C GLY A 1 -39.46 4.39 -22.65
N PRO A 2 -39.61 4.47 -23.98
CA PRO A 2 -40.42 3.53 -24.77
C PRO A 2 -39.81 2.11 -24.82
N GLY A 3 -40.66 1.10 -25.03
CA GLY A 3 -40.25 -0.31 -25.19
C GLY A 3 -39.32 -0.57 -26.38
N SER A 4 -38.48 -1.60 -26.28
CA SER A 4 -37.54 -2.04 -27.34
C SER A 4 -38.26 -2.47 -28.64
N PRO A 5 -37.61 -2.36 -29.83
CA PRO A 5 -38.23 -2.67 -31.12
C PRO A 5 -38.01 -4.14 -31.58
N ASN A 6 -37.44 -5.00 -30.72
CA ASN A 6 -37.07 -6.39 -31.02
C ASN A 6 -36.12 -6.44 -32.24
N SER A 7 -36.27 -7.40 -33.16
CA SER A 7 -35.54 -7.48 -34.43
C SER A 7 -36.23 -6.71 -35.58
N TYR A 8 -37.36 -6.02 -35.31
CA TYR A 8 -38.23 -5.42 -36.33
C TYR A 8 -37.72 -4.08 -36.91
N LEU A 9 -36.74 -3.46 -36.25
CA LEU A 9 -36.08 -2.23 -36.67
C LEU A 9 -35.40 -2.32 -38.07
N PRO A 10 -35.28 -1.20 -38.82
CA PRO A 10 -34.68 -1.19 -40.16
C PRO A 10 -33.16 -1.00 -40.17
N ALA A 11 -32.57 -0.76 -39.00
CA ALA A 11 -31.14 -0.65 -38.74
C ALA A 11 -30.45 -2.03 -38.58
N GLU A 12 -29.13 -2.03 -38.36
CA GLU A 12 -28.37 -3.22 -37.97
C GLU A 12 -28.89 -3.87 -36.66
N ASN A 13 -28.77 -5.20 -36.55
CA ASN A 13 -29.41 -6.00 -35.49
C ASN A 13 -28.60 -6.08 -34.16
N GLU A 14 -27.48 -5.37 -34.05
CA GLU A 14 -26.60 -5.36 -32.87
C GLU A 14 -26.06 -3.96 -32.55
N ASP A 15 -26.22 -3.52 -31.30
CA ASP A 15 -25.68 -2.29 -30.70
C ASP A 15 -25.36 -2.51 -29.20
N PRO A 16 -24.25 -1.97 -28.66
CA PRO A 16 -23.81 -2.21 -27.28
C PRO A 16 -24.58 -1.37 -26.23
N ASP A 17 -25.25 -0.28 -26.65
CA ASP A 17 -26.00 0.67 -25.81
C ASP A 17 -25.14 1.28 -24.67
N LYS A 18 -23.93 1.73 -25.02
CA LYS A 18 -22.94 2.37 -24.15
C LYS A 18 -22.62 1.51 -22.91
N ALA A 19 -22.59 2.11 -21.72
CA ALA A 19 -22.30 1.49 -20.43
C ALA A 19 -23.58 1.24 -19.61
N VAL A 20 -23.98 -0.02 -19.44
CA VAL A 20 -25.12 -0.44 -18.60
C VAL A 20 -24.67 -0.55 -17.15
N VAL A 21 -25.12 0.38 -16.31
CA VAL A 21 -24.70 0.56 -14.90
C VAL A 21 -25.91 0.93 -14.02
N ASP A 22 -26.05 0.27 -12.86
CA ASP A 22 -27.12 0.50 -11.88
C ASP A 22 -26.66 0.26 -10.42
N LEU A 23 -25.36 0.37 -10.16
CA LEU A 23 -24.78 0.25 -8.81
C LEU A 23 -25.19 1.46 -7.95
N HIS A 24 -25.75 1.17 -6.76
CA HIS A 24 -26.34 2.16 -5.85
C HIS A 24 -25.96 1.97 -4.37
N ARG A 25 -25.06 1.00 -4.07
CA ARG A 25 -24.46 0.68 -2.75
C ARG A 25 -23.37 -0.39 -2.88
N SER A 26 -22.40 -0.38 -1.98
CA SER A 26 -21.20 -1.23 -2.00
C SER A 26 -20.57 -1.39 -0.60
N PRO A 27 -19.64 -2.34 -0.39
CA PRO A 27 -18.91 -2.51 0.88
C PRO A 27 -18.12 -1.27 1.31
N PRO A 28 -17.80 -1.10 2.62
CA PRO A 28 -17.16 0.11 3.15
C PRO A 28 -15.64 0.09 2.92
N LYS A 29 -15.24 0.29 1.65
CA LYS A 29 -13.85 0.36 1.16
C LYS A 29 -13.72 1.51 0.15
N THR A 30 -12.90 2.51 0.48
CA THR A 30 -12.62 3.70 -0.35
C THR A 30 -11.86 3.36 -1.64
N LYS A 31 -11.93 4.25 -2.63
CA LYS A 31 -11.25 4.17 -3.93
C LYS A 31 -10.64 5.53 -4.31
N ASP A 32 -9.32 5.60 -4.37
CA ASP A 32 -8.53 6.83 -4.62
C ASP A 32 -7.68 6.70 -5.90
N PRO A 33 -7.70 7.69 -6.82
CA PRO A 33 -6.87 7.68 -8.03
C PRO A 33 -5.41 8.10 -7.77
N ASP A 34 -5.14 8.73 -6.62
CA ASP A 34 -3.83 9.25 -6.18
C ASP A 34 -3.38 8.60 -4.87
N LEU A 35 -2.10 8.21 -4.79
CA LEU A 35 -1.47 7.57 -3.62
C LEU A 35 -0.21 8.32 -3.16
N THR A 36 0.20 8.10 -1.90
CA THR A 36 1.52 8.52 -1.38
C THR A 36 2.63 7.55 -1.80
N PRO A 37 3.90 7.99 -1.91
CA PRO A 37 5.03 7.11 -2.24
C PRO A 37 5.33 6.09 -1.13
N SER A 38 5.15 6.46 0.14
CA SER A 38 5.19 5.50 1.25
C SER A 38 4.08 4.44 1.12
N GLY A 39 2.87 4.82 0.69
CA GLY A 39 1.76 3.92 0.34
C GLY A 39 2.10 2.93 -0.78
N ILE A 40 2.75 3.39 -1.86
CA ILE A 40 3.30 2.52 -2.92
C ILE A 40 4.21 1.42 -2.32
N ILE A 41 5.21 1.81 -1.53
CA ILE A 41 6.17 0.88 -0.93
C ILE A 41 5.48 -0.07 0.08
N ALA A 42 4.52 0.42 0.86
CA ALA A 42 3.69 -0.41 1.74
C ALA A 42 2.94 -1.53 0.98
N LYS A 43 2.36 -1.25 -0.20
CA LYS A 43 1.74 -2.26 -1.08
C LYS A 43 2.74 -3.30 -1.58
N VAL A 44 3.96 -2.91 -1.95
CA VAL A 44 5.02 -3.85 -2.38
C VAL A 44 5.47 -4.74 -1.22
N LYS A 45 5.71 -4.15 -0.04
CA LYS A 45 6.04 -4.85 1.22
C LYS A 45 4.98 -5.89 1.64
N ALA A 46 3.70 -5.55 1.44
CA ALA A 46 2.56 -6.44 1.70
C ALA A 46 2.29 -7.48 0.59
N GLY A 47 2.98 -7.40 -0.56
CA GLY A 47 2.79 -8.28 -1.71
C GLY A 47 1.54 -7.98 -2.56
N ASP A 48 0.91 -6.81 -2.35
CA ASP A 48 -0.30 -6.36 -3.07
C ASP A 48 0.01 -5.81 -4.48
N MET A 49 1.28 -5.49 -4.77
CA MET A 49 1.73 -4.86 -6.02
C MET A 49 3.18 -5.21 -6.35
N THR A 50 3.49 -5.45 -7.63
CA THR A 50 4.85 -5.73 -8.12
C THR A 50 5.75 -4.49 -8.10
N GLN A 51 7.06 -4.70 -8.01
CA GLN A 51 8.08 -3.65 -8.08
C GLN A 51 7.98 -2.80 -9.35
N GLU A 52 7.76 -3.42 -10.51
CA GLU A 52 7.60 -2.70 -11.79
C GLU A 52 6.35 -1.79 -11.84
N THR A 53 5.20 -2.25 -11.32
CA THR A 53 3.98 -1.43 -11.22
C THR A 53 4.15 -0.27 -10.25
N ALA A 54 4.76 -0.54 -9.10
CA ALA A 54 5.13 0.46 -8.10
C ALA A 54 6.07 1.53 -8.68
N ARG A 55 7.14 1.12 -9.36
CA ARG A 55 8.13 2.02 -9.98
C ARG A 55 7.48 2.95 -11.01
N GLU A 56 6.63 2.41 -11.89
CA GLU A 56 5.87 3.19 -12.89
C GLU A 56 5.06 4.33 -12.25
N LEU A 57 4.34 4.06 -11.16
CA LEU A 57 3.60 5.08 -10.39
C LEU A 57 4.56 6.12 -9.75
N LEU A 58 5.66 5.69 -9.14
CA LEU A 58 6.66 6.59 -8.53
C LEU A 58 7.38 7.51 -9.55
N LEU A 59 7.64 7.00 -10.77
CA LEU A 59 8.16 7.79 -11.88
C LEU A 59 7.19 8.89 -12.36
N ALA A 60 5.88 8.70 -12.19
CA ALA A 60 4.88 9.74 -12.40
C ALA A 60 4.78 10.75 -11.24
N MET A 61 4.99 10.31 -9.99
CA MET A 61 4.95 11.17 -8.79
C MET A 61 6.13 12.18 -8.70
N ARG A 62 7.35 11.74 -9.02
CA ARG A 62 8.60 12.52 -8.83
C ARG A 62 8.68 13.80 -9.67
N GLY B 1 42.70 1.67 -14.55
CA GLY B 1 42.13 2.18 -13.27
C GLY B 1 42.95 3.34 -12.71
N PRO B 2 42.47 3.99 -11.62
CA PRO B 2 43.15 5.11 -10.97
C PRO B 2 44.41 4.66 -10.21
N GLY B 3 45.35 5.58 -9.99
CA GLY B 3 46.62 5.32 -9.27
C GLY B 3 46.49 5.16 -7.75
N SER B 4 45.34 5.53 -7.18
CA SER B 4 44.97 5.40 -5.76
C SER B 4 43.46 5.18 -5.60
N TYR B 5 43.04 4.61 -4.47
CA TYR B 5 41.63 4.46 -4.06
C TYR B 5 40.82 3.50 -4.97
N MET B 6 41.45 2.48 -5.53
CA MET B 6 40.85 1.51 -6.45
C MET B 6 39.65 0.80 -5.81
N THR B 7 38.51 0.78 -6.49
CA THR B 7 37.22 0.15 -6.08
C THR B 7 36.80 0.45 -4.62
N HIS B 8 37.11 1.67 -4.13
CA HIS B 8 36.67 2.19 -2.82
C HIS B 8 35.20 2.61 -2.83
N PHE B 9 34.49 2.37 -1.73
CA PHE B 9 33.07 2.71 -1.53
C PHE B 9 32.77 2.94 -0.04
N GLU B 10 31.95 3.94 0.28
CA GLU B 10 31.59 4.31 1.65
C GLU B 10 30.34 3.56 2.15
N ASP B 11 30.52 2.77 3.21
CA ASP B 11 29.45 2.12 3.97
C ASP B 11 29.84 2.00 5.45
N HIS B 12 29.11 2.69 6.35
CA HIS B 12 29.34 2.61 7.81
C HIS B 12 29.14 1.21 8.39
N ARG B 13 28.15 0.46 7.88
CA ARG B 13 27.70 -0.88 8.32
C ARG B 13 27.54 -1.00 9.85
N VAL B 14 26.89 0.01 10.44
CA VAL B 14 26.61 0.19 11.89
C VAL B 14 25.64 1.38 12.07
N GLY B 15 25.05 1.54 13.26
CA GLY B 15 24.02 2.56 13.54
C GLY B 15 22.76 2.41 12.67
N SER B 16 22.22 3.54 12.21
CA SER B 16 20.95 3.70 11.46
C SER B 16 19.74 3.86 12.40
N ASP B 17 18.70 4.57 11.94
CA ASP B 17 17.54 5.00 12.75
C ASP B 17 16.24 5.01 11.92
N ARG B 18 15.09 4.99 12.62
CA ARG B 18 13.71 5.00 12.08
C ARG B 18 13.34 3.70 11.32
N LEU B 19 14.00 2.59 11.67
CA LEU B 19 13.93 1.29 10.97
C LEU B 19 12.59 0.53 11.12
N ALA B 20 11.74 0.99 12.05
CA ALA B 20 10.42 0.41 12.35
C ALA B 20 9.26 1.03 11.54
N ALA B 21 9.55 1.90 10.57
CA ALA B 21 8.55 2.62 9.76
C ALA B 21 9.08 2.98 8.35
N ASP B 22 8.20 3.47 7.47
CA ASP B 22 8.54 3.88 6.09
C ASP B 22 9.32 5.20 6.01
N GLY B 23 9.26 6.05 7.03
CA GLY B 23 10.12 7.23 7.20
C GLY B 23 9.79 8.46 6.34
N GLU B 24 8.64 8.49 5.67
CA GLU B 24 8.12 9.62 4.88
C GLU B 24 9.06 10.01 3.70
N ILE B 25 9.50 8.98 2.97
CA ILE B 25 10.27 9.06 1.72
C ILE B 25 9.63 9.97 0.64
N SER B 26 10.49 10.63 -0.15
CA SER B 26 10.13 11.14 -1.48
C SER B 26 9.89 9.99 -2.47
N ALA B 27 9.11 10.23 -3.52
CA ALA B 27 8.92 9.26 -4.60
C ALA B 27 10.23 8.91 -5.33
N ASP B 28 11.16 9.87 -5.45
CA ASP B 28 12.50 9.65 -6.00
C ASP B 28 13.37 8.71 -5.14
N GLU B 29 13.31 8.85 -3.81
CA GLU B 29 13.99 7.94 -2.86
C GLU B 29 13.37 6.53 -2.87
N ALA B 30 12.04 6.44 -3.02
CA ALA B 30 11.30 5.18 -3.05
C ALA B 30 11.75 4.24 -4.18
N LEU B 31 12.15 4.78 -5.34
CA LEU B 31 12.68 4.02 -6.49
C LEU B 31 13.79 3.04 -6.10
N SER B 32 14.75 3.50 -5.29
CA SER B 32 15.93 2.73 -4.87
C SER B 32 15.62 1.61 -3.87
N MET B 33 14.60 1.79 -3.03
CA MET B 33 14.22 0.80 -2.01
C MET B 33 13.54 -0.46 -2.57
N LEU B 34 12.86 -0.35 -3.72
CA LEU B 34 12.09 -1.45 -4.35
C LEU B 34 12.90 -2.74 -4.52
N ASP B 35 14.17 -2.62 -4.95
CA ASP B 35 15.10 -3.72 -5.21
C ASP B 35 15.35 -4.62 -3.98
N ALA B 36 15.29 -4.04 -2.77
CA ALA B 36 15.55 -4.72 -1.50
C ALA B 36 14.31 -5.46 -0.91
N ILE B 37 13.10 -5.20 -1.41
CA ILE B 37 11.84 -5.73 -0.84
C ILE B 37 11.61 -7.18 -1.27
N GLY B 38 11.40 -8.08 -0.31
CA GLY B 38 11.11 -9.49 -0.53
C GLY B 38 9.82 -9.78 -1.33
N THR B 39 9.81 -10.89 -2.06
CA THR B 39 8.71 -11.34 -2.94
C THR B 39 8.42 -12.84 -2.80
N GLY B 40 7.47 -13.38 -3.58
CA GLY B 40 6.97 -14.76 -3.46
C GLY B 40 6.26 -15.05 -2.12
N GLN B 41 5.54 -14.06 -1.58
CA GLN B 41 4.86 -14.12 -0.28
C GLN B 41 3.61 -15.04 -0.26
N SER B 42 3.05 -15.36 -1.43
CA SER B 42 1.89 -16.25 -1.61
C SER B 42 2.05 -17.64 -0.96
N THR B 43 0.95 -18.20 -0.45
CA THR B 43 0.89 -19.54 0.17
C THR B 43 1.24 -20.70 -0.81
N PRO B 44 1.63 -21.89 -0.31
CA PRO B 44 1.82 -23.08 -1.14
C PRO B 44 0.60 -23.46 -1.99
N THR B 45 0.83 -23.97 -3.20
CA THR B 45 -0.22 -24.37 -4.15
C THR B 45 -1.16 -25.44 -3.57
N GLY B 46 -2.47 -25.30 -3.84
CA GLY B 46 -3.51 -26.21 -3.34
C GLY B 46 -4.92 -25.93 -3.89
N ALA B 47 -5.02 -25.38 -5.11
CA ALA B 47 -6.27 -24.87 -5.71
C ALA B 47 -6.93 -23.76 -4.88
N ASP B 48 -6.11 -22.83 -4.37
CA ASP B 48 -6.50 -21.68 -3.53
C ASP B 48 -6.13 -20.35 -4.20
N ASP B 49 -7.05 -19.38 -4.21
CA ASP B 49 -6.91 -18.05 -4.82
C ASP B 49 -7.65 -16.96 -3.99
N GLY A 1 -25.72 -7.02 39.69
CA GLY A 1 -25.84 -8.21 38.81
C GLY A 1 -24.78 -8.21 37.71
N PRO A 2 -24.69 -9.29 36.91
CA PRO A 2 -23.67 -9.46 35.87
C PRO A 2 -23.94 -8.67 34.57
N GLY A 3 -25.18 -8.23 34.34
CA GLY A 3 -25.58 -7.42 33.17
C GLY A 3 -25.73 -8.20 31.85
N SER A 4 -25.73 -9.54 31.90
CA SER A 4 -25.89 -10.44 30.75
C SER A 4 -27.12 -10.12 29.87
N PRO A 5 -27.02 -10.24 28.52
CA PRO A 5 -28.10 -9.83 27.61
C PRO A 5 -29.24 -10.87 27.56
N ASN A 6 -30.43 -10.49 28.00
CA ASN A 6 -31.63 -11.35 27.95
C ASN A 6 -32.11 -11.61 26.49
N SER A 7 -31.74 -10.72 25.56
CA SER A 7 -31.98 -10.85 24.12
C SER A 7 -30.94 -11.70 23.37
N TYR A 8 -29.88 -12.17 24.07
CA TYR A 8 -28.74 -12.92 23.51
C TYR A 8 -28.01 -12.12 22.41
N LEU A 9 -27.49 -12.77 21.36
CA LEU A 9 -26.79 -12.14 20.23
C LEU A 9 -27.69 -11.17 19.42
N PRO A 10 -27.13 -10.10 18.84
CA PRO A 10 -27.88 -9.11 18.05
C PRO A 10 -28.47 -9.68 16.74
N ALA A 11 -29.57 -9.08 16.28
CA ALA A 11 -30.39 -9.53 15.15
C ALA A 11 -30.54 -8.46 14.05
N GLU A 12 -29.50 -7.63 13.85
CA GLU A 12 -29.52 -6.49 12.90
C GLU A 12 -29.69 -6.90 11.42
N ASN A 13 -29.32 -8.15 11.09
CA ASN A 13 -29.45 -8.75 9.76
C ASN A 13 -30.92 -8.97 9.31
N GLU A 14 -31.89 -8.86 10.22
CA GLU A 14 -33.33 -8.91 9.91
C GLU A 14 -33.86 -7.67 9.15
N ASP A 15 -33.04 -6.62 9.06
CA ASP A 15 -33.19 -5.48 8.14
C ASP A 15 -32.29 -5.72 6.91
N PRO A 16 -32.84 -6.21 5.76
CA PRO A 16 -32.03 -6.84 4.71
C PRO A 16 -31.18 -5.87 3.87
N ASP A 17 -31.49 -4.57 3.91
CA ASP A 17 -30.75 -3.50 3.22
C ASP A 17 -29.87 -2.65 4.17
N LYS A 18 -29.81 -3.00 5.47
CA LYS A 18 -29.02 -2.29 6.50
C LYS A 18 -27.63 -2.91 6.68
N ALA A 19 -26.58 -2.10 6.60
CA ALA A 19 -25.20 -2.50 6.89
C ALA A 19 -25.02 -2.99 8.34
N VAL A 20 -24.22 -4.05 8.52
CA VAL A 20 -23.82 -4.63 9.83
C VAL A 20 -22.28 -4.74 9.86
N VAL A 21 -21.74 -5.78 10.47
CA VAL A 21 -20.30 -6.11 10.47
C VAL A 21 -19.97 -6.89 9.20
N ASP A 22 -19.71 -6.15 8.11
CA ASP A 22 -19.69 -6.68 6.73
C ASP A 22 -18.72 -5.92 5.80
N LEU A 23 -17.74 -5.21 6.39
CA LEU A 23 -16.91 -4.20 5.71
C LEU A 23 -16.02 -4.74 4.57
N HIS A 24 -15.70 -6.04 4.57
CA HIS A 24 -14.94 -6.72 3.50
C HIS A 24 -15.83 -7.01 2.29
N ARG A 25 -16.10 -5.97 1.48
CA ARG A 25 -17.03 -5.98 0.34
C ARG A 25 -16.66 -5.02 -0.81
N SER A 26 -15.39 -4.64 -0.92
CA SER A 26 -14.84 -3.93 -2.09
C SER A 26 -15.03 -4.77 -3.37
N PRO A 27 -15.43 -4.18 -4.51
CA PRO A 27 -15.71 -4.93 -5.74
C PRO A 27 -14.43 -5.45 -6.42
N PRO A 28 -14.45 -6.63 -7.08
CA PRO A 28 -13.28 -7.21 -7.76
C PRO A 28 -13.16 -6.66 -9.19
N LYS A 29 -13.19 -5.33 -9.30
CA LYS A 29 -13.36 -4.55 -10.55
C LYS A 29 -12.84 -3.10 -10.42
N THR A 30 -11.82 -2.89 -9.58
CA THR A 30 -11.20 -1.58 -9.28
C THR A 30 -9.75 -1.70 -8.78
N LYS A 31 -9.07 -0.57 -8.54
CA LYS A 31 -7.64 -0.48 -8.19
C LYS A 31 -7.33 0.81 -7.41
N ASP A 32 -6.14 0.90 -6.82
CA ASP A 32 -5.62 2.06 -6.08
C ASP A 32 -4.47 2.75 -6.85
N PRO A 33 -4.77 3.58 -7.89
CA PRO A 33 -3.75 4.30 -8.67
C PRO A 33 -3.26 5.61 -8.00
N ASP A 34 -3.94 6.08 -6.96
CA ASP A 34 -3.66 7.33 -6.24
C ASP A 34 -3.21 7.03 -4.79
N LEU A 35 -1.88 6.94 -4.61
CA LEU A 35 -1.19 6.62 -3.35
C LEU A 35 0.09 7.47 -3.24
N THR A 36 0.43 7.92 -2.02
CA THR A 36 1.73 8.54 -1.71
C THR A 36 2.89 7.56 -1.98
N PRO A 37 4.15 8.03 -2.12
CA PRO A 37 5.31 7.13 -2.26
C PRO A 37 5.43 6.10 -1.11
N SER A 38 5.16 6.52 0.13
CA SER A 38 4.99 5.62 1.28
C SER A 38 3.93 4.54 1.03
N GLY A 39 2.73 4.93 0.56
CA GLY A 39 1.65 4.02 0.17
C GLY A 39 2.04 3.04 -0.95
N ILE A 40 2.77 3.49 -1.99
CA ILE A 40 3.35 2.62 -3.01
C ILE A 40 4.20 1.51 -2.39
N ILE A 41 5.19 1.88 -1.57
CA ILE A 41 6.12 0.90 -0.97
C ILE A 41 5.41 -0.01 0.04
N ALA A 42 4.42 0.49 0.78
CA ALA A 42 3.58 -0.32 1.66
C ALA A 42 2.88 -1.49 0.93
N LYS A 43 2.29 -1.25 -0.25
CA LYS A 43 1.72 -2.31 -1.12
C LYS A 43 2.76 -3.37 -1.51
N VAL A 44 3.97 -2.96 -1.89
CA VAL A 44 5.05 -3.87 -2.31
C VAL A 44 5.61 -4.69 -1.13
N LYS A 45 5.83 -4.05 0.03
CA LYS A 45 6.20 -4.71 1.30
C LYS A 45 5.16 -5.74 1.77
N ALA A 46 3.87 -5.46 1.57
CA ALA A 46 2.76 -6.39 1.86
C ALA A 46 2.60 -7.52 0.81
N GLY A 47 3.29 -7.43 -0.33
CA GLY A 47 3.20 -8.39 -1.44
C GLY A 47 1.96 -8.21 -2.32
N ASP A 48 1.24 -7.09 -2.20
CA ASP A 48 -0.02 -6.79 -2.88
C ASP A 48 0.16 -6.12 -4.27
N MET A 49 1.39 -5.72 -4.63
CA MET A 49 1.72 -5.05 -5.90
C MET A 49 3.18 -5.32 -6.31
N THR A 50 3.43 -5.52 -7.61
CA THR A 50 4.77 -5.73 -8.17
C THR A 50 5.66 -4.48 -8.11
N GLN A 51 6.98 -4.66 -8.08
CA GLN A 51 7.97 -3.60 -8.25
C GLN A 51 7.78 -2.84 -9.57
N GLU A 52 7.45 -3.54 -10.66
CA GLU A 52 7.19 -2.97 -11.98
C GLU A 52 6.05 -1.93 -11.96
N THR A 53 4.90 -2.30 -11.39
CA THR A 53 3.72 -1.43 -11.27
C THR A 53 3.96 -0.30 -10.26
N ALA A 54 4.68 -0.58 -9.17
CA ALA A 54 5.09 0.43 -8.20
C ALA A 54 5.98 1.54 -8.82
N ARG A 55 7.02 1.16 -9.55
CA ARG A 55 8.03 2.06 -10.12
C ARG A 55 7.44 3.08 -11.09
N GLU A 56 6.55 2.67 -12.00
CA GLU A 56 5.93 3.59 -12.96
C GLU A 56 5.05 4.69 -12.29
N LEU A 57 4.39 4.36 -11.17
CA LEU A 57 3.66 5.34 -10.36
C LEU A 57 4.59 6.35 -9.66
N LEU A 58 5.72 5.89 -9.11
CA LEU A 58 6.77 6.75 -8.53
C LEU A 58 7.42 7.66 -9.60
N LEU A 59 7.71 7.12 -10.78
CA LEU A 59 8.24 7.87 -11.93
C LEU A 59 7.25 8.94 -12.46
N ALA A 60 5.94 8.70 -12.33
CA ALA A 60 4.92 9.72 -12.60
C ALA A 60 4.86 10.83 -11.53
N MET A 61 4.99 10.49 -10.24
CA MET A 61 4.92 11.44 -9.13
C MET A 61 6.14 12.36 -8.98
N ARG A 62 7.37 11.87 -9.24
CA ARG A 62 8.62 12.62 -9.03
C ARG A 62 8.75 13.89 -9.89
N GLY B 1 31.82 -15.99 23.98
CA GLY B 1 31.18 -17.10 23.24
C GLY B 1 31.87 -18.43 23.50
N PRO B 2 31.46 -19.51 22.81
CA PRO B 2 31.92 -20.87 23.06
C PRO B 2 33.31 -21.20 22.47
N GLY B 3 33.77 -20.43 21.48
CA GLY B 3 35.04 -20.61 20.75
C GLY B 3 34.86 -20.70 19.23
N SER B 4 35.90 -20.32 18.48
CA SER B 4 36.06 -20.45 17.01
C SER B 4 35.47 -19.28 16.20
N TYR B 5 34.52 -18.54 16.78
CA TYR B 5 33.92 -17.33 16.22
C TYR B 5 34.96 -16.21 15.96
N MET B 6 34.78 -15.45 14.88
CA MET B 6 35.62 -14.29 14.55
C MET B 6 35.37 -13.13 15.53
N THR B 7 36.45 -12.46 15.96
CA THR B 7 36.40 -11.42 17.01
C THR B 7 35.57 -10.18 16.64
N HIS B 8 35.45 -9.86 15.35
CA HIS B 8 34.67 -8.69 14.89
C HIS B 8 33.17 -8.78 15.20
N PHE B 9 32.59 -9.99 15.31
CA PHE B 9 31.17 -10.16 15.69
C PHE B 9 30.88 -9.74 17.15
N GLU B 10 31.86 -9.86 18.05
CA GLU B 10 31.75 -9.44 19.47
C GLU B 10 31.94 -7.92 19.68
N ASP B 11 32.59 -7.24 18.72
CA ASP B 11 32.91 -5.81 18.75
C ASP B 11 31.68 -4.90 18.95
N HIS B 12 31.84 -3.82 19.75
CA HIS B 12 30.82 -2.81 20.04
C HIS B 12 30.22 -2.15 18.79
N ARG B 13 30.96 -2.09 17.67
CA ARG B 13 30.51 -1.57 16.36
C ARG B 13 29.39 -2.40 15.74
N VAL B 14 29.43 -3.72 15.93
CA VAL B 14 28.37 -4.67 15.55
C VAL B 14 27.23 -4.66 16.58
N GLY B 15 27.58 -4.60 17.87
CA GLY B 15 26.64 -4.44 18.99
C GLY B 15 26.11 -3.01 19.15
N SER B 16 25.80 -2.62 20.41
CA SER B 16 25.31 -1.29 20.82
C SER B 16 23.84 -1.04 20.44
N ASP B 17 23.23 0.01 21.02
CA ASP B 17 21.85 0.44 20.74
C ASP B 17 21.61 0.74 19.25
N ARG B 18 20.50 0.24 18.70
CA ARG B 18 20.05 0.44 17.31
C ARG B 18 18.77 1.28 17.26
N LEU B 19 18.89 2.55 17.67
CA LEU B 19 17.78 3.50 17.88
C LEU B 19 17.31 4.25 16.61
N ALA B 20 18.00 4.06 15.48
CA ALA B 20 17.66 4.65 14.18
C ALA B 20 16.24 4.29 13.68
N ALA B 21 15.59 5.23 12.98
CA ALA B 21 14.23 5.10 12.42
C ALA B 21 14.21 5.44 10.91
N ASP B 22 13.51 4.63 10.12
CA ASP B 22 13.39 4.78 8.65
C ASP B 22 12.73 6.11 8.21
N GLY B 23 11.63 6.49 8.89
CA GLY B 23 10.86 7.71 8.61
C GLY B 23 10.09 7.70 7.28
N GLU B 24 9.37 8.79 7.00
CA GLU B 24 8.68 9.06 5.72
C GLU B 24 9.65 9.17 4.53
N ILE B 25 9.13 8.99 3.30
CA ILE B 25 9.91 8.87 2.05
C ILE B 25 9.32 9.69 0.89
N SER B 26 10.20 10.30 0.09
CA SER B 26 9.88 10.92 -1.21
C SER B 26 9.85 9.89 -2.36
N ALA B 27 9.31 10.27 -3.52
CA ALA B 27 9.26 9.42 -4.72
C ALA B 27 10.65 8.96 -5.21
N ASP B 28 11.65 9.84 -5.22
CA ASP B 28 13.05 9.52 -5.53
C ASP B 28 13.63 8.42 -4.62
N GLU B 29 13.42 8.54 -3.30
CA GLU B 29 13.90 7.56 -2.31
C GLU B 29 13.25 6.18 -2.50
N ALA B 30 11.94 6.16 -2.76
CA ALA B 30 11.15 4.96 -2.97
C ALA B 30 11.67 4.09 -4.13
N LEU B 31 12.18 4.68 -5.22
CA LEU B 31 12.75 3.94 -6.37
C LEU B 31 13.84 2.94 -5.95
N SER B 32 14.77 3.34 -5.09
CA SER B 32 15.85 2.49 -4.55
C SER B 32 15.34 1.40 -3.60
N MET B 33 14.24 1.64 -2.89
CA MET B 33 13.68 0.70 -1.89
C MET B 33 13.06 -0.55 -2.51
N LEU B 34 12.55 -0.47 -3.74
CA LEU B 34 11.95 -1.60 -4.47
C LEU B 34 12.91 -2.78 -4.66
N ASP B 35 14.20 -2.48 -4.87
CA ASP B 35 15.27 -3.46 -5.12
C ASP B 35 15.53 -4.40 -3.93
N ALA B 36 15.41 -3.87 -2.70
CA ALA B 36 15.61 -4.64 -1.47
C ALA B 36 14.48 -5.64 -1.15
N ILE B 37 13.26 -5.36 -1.61
CA ILE B 37 12.06 -6.17 -1.38
C ILE B 37 12.05 -7.40 -2.31
N GLY B 38 11.72 -8.58 -1.77
CA GLY B 38 11.60 -9.84 -2.52
C GLY B 38 10.32 -9.98 -3.35
N THR B 39 9.93 -11.23 -3.67
CA THR B 39 8.68 -11.57 -4.36
C THR B 39 7.45 -11.23 -3.52
N GLY B 40 6.31 -11.05 -4.19
CA GLY B 40 5.00 -10.77 -3.57
C GLY B 40 4.28 -12.01 -3.05
N GLN B 41 2.96 -11.90 -2.85
CA GLN B 41 2.07 -12.96 -2.34
C GLN B 41 2.51 -13.51 -0.97
N SER B 42 2.83 -12.61 -0.04
CA SER B 42 3.26 -12.91 1.34
C SER B 42 2.23 -13.71 2.16
N THR B 43 2.70 -14.43 3.19
CA THR B 43 1.85 -15.09 4.20
C THR B 43 0.96 -14.11 4.98
N PRO B 44 -0.16 -14.57 5.59
CA PRO B 44 -1.09 -13.71 6.33
C PRO B 44 -0.44 -12.87 7.44
N THR B 45 -0.79 -11.58 7.50
CA THR B 45 -0.31 -10.62 8.52
C THR B 45 -0.88 -10.88 9.92
N GLY B 46 -0.09 -10.61 10.97
CA GLY B 46 -0.52 -10.64 12.37
C GLY B 46 -1.55 -9.53 12.71
N ALA B 47 -2.35 -9.76 13.76
CA ALA B 47 -3.33 -8.80 14.28
C ALA B 47 -2.69 -7.85 15.32
N ASP B 48 -1.83 -6.95 14.83
CA ASP B 48 -1.06 -5.99 15.65
C ASP B 48 -1.93 -4.97 16.42
N ASP B 49 -3.07 -4.56 15.84
CA ASP B 49 -4.01 -3.57 16.39
C ASP B 49 -5.47 -3.89 16.00
N GLY A 1 -35.12 21.03 0.15
CA GLY A 1 -34.68 21.26 -1.25
C GLY A 1 -35.85 21.57 -2.17
N PRO A 2 -35.59 22.17 -3.36
CA PRO A 2 -36.62 22.52 -4.34
C PRO A 2 -37.29 21.29 -4.96
N GLY A 3 -38.58 21.41 -5.29
CA GLY A 3 -39.36 20.36 -5.96
C GLY A 3 -38.89 20.04 -7.39
N SER A 4 -39.21 18.82 -7.85
CA SER A 4 -38.99 18.37 -9.24
C SER A 4 -39.66 19.29 -10.29
N PRO A 5 -39.06 19.55 -11.46
CA PRO A 5 -39.66 20.36 -12.53
C PRO A 5 -41.06 19.90 -12.97
N ASN A 6 -41.93 20.85 -13.29
CA ASN A 6 -43.30 20.61 -13.78
C ASN A 6 -43.32 20.71 -15.33
N SER A 7 -44.16 21.59 -15.92
CA SER A 7 -44.29 21.75 -17.38
C SER A 7 -43.25 22.74 -17.93
N TYR A 8 -41.97 22.35 -17.78
CA TYR A 8 -40.75 23.11 -18.14
C TYR A 8 -39.50 22.23 -17.91
N LEU A 9 -38.50 22.40 -18.78
CA LEU A 9 -37.20 21.70 -18.70
C LEU A 9 -36.38 22.14 -17.47
N PRO A 10 -35.51 21.26 -16.91
CA PRO A 10 -34.53 21.62 -15.88
C PRO A 10 -33.46 22.60 -16.42
N ALA A 11 -32.88 23.39 -15.52
CA ALA A 11 -31.83 24.37 -15.80
C ALA A 11 -30.90 24.56 -14.58
N GLU A 12 -29.59 24.71 -14.82
CA GLU A 12 -28.56 24.82 -13.78
C GLU A 12 -27.31 25.57 -14.29
N ASN A 13 -26.72 26.40 -13.44
CA ASN A 13 -25.47 27.13 -13.69
C ASN A 13 -24.25 26.18 -13.62
N GLU A 14 -23.35 26.24 -14.60
CA GLU A 14 -22.16 25.38 -14.70
C GLU A 14 -21.02 25.70 -13.72
N ASP A 15 -21.12 26.84 -13.02
CA ASP A 15 -20.18 27.33 -12.01
C ASP A 15 -19.71 26.23 -11.02
N PRO A 16 -18.40 25.94 -10.89
CA PRO A 16 -17.90 24.90 -9.99
C PRO A 16 -17.99 25.25 -8.49
N ASP A 17 -18.14 26.53 -8.13
CA ASP A 17 -18.41 26.95 -6.75
C ASP A 17 -19.86 26.67 -6.31
N LYS A 18 -20.77 26.45 -7.27
CA LYS A 18 -22.16 25.99 -7.04
C LYS A 18 -22.25 24.46 -7.15
N ALA A 19 -22.06 23.98 -8.38
CA ALA A 19 -22.00 22.58 -8.82
C ALA A 19 -21.79 22.51 -10.34
N VAL A 20 -20.83 21.71 -10.80
CA VAL A 20 -20.61 21.43 -12.23
C VAL A 20 -21.74 20.53 -12.77
N VAL A 21 -22.42 20.96 -13.83
CA VAL A 21 -23.47 20.21 -14.54
C VAL A 21 -22.98 18.85 -15.04
N ASP A 22 -23.90 17.89 -15.13
CA ASP A 22 -23.65 16.53 -15.67
C ASP A 22 -24.01 16.40 -17.17
N LEU A 23 -24.42 17.50 -17.81
CA LEU A 23 -24.68 17.60 -19.25
C LEU A 23 -23.36 17.57 -20.04
N HIS A 24 -23.22 16.62 -20.98
CA HIS A 24 -22.09 16.43 -21.91
C HIS A 24 -20.87 15.76 -21.25
N ARG A 25 -20.47 16.27 -20.09
CA ARG A 25 -19.38 15.79 -19.21
C ARG A 25 -19.91 15.46 -17.81
N SER A 26 -19.56 14.30 -17.26
CA SER A 26 -19.84 13.96 -15.86
C SER A 26 -19.16 14.94 -14.88
N PRO A 27 -19.70 15.15 -13.65
CA PRO A 27 -19.05 15.99 -12.63
C PRO A 27 -17.62 15.55 -12.30
N PRO A 28 -16.67 16.49 -12.06
CA PRO A 28 -15.24 16.18 -11.92
C PRO A 28 -14.89 15.75 -10.48
N LYS A 29 -15.24 14.51 -10.11
CA LYS A 29 -14.95 13.86 -8.82
C LYS A 29 -14.95 12.32 -8.98
N THR A 30 -13.90 11.66 -8.47
CA THR A 30 -13.69 10.20 -8.53
C THR A 30 -13.03 9.66 -7.26
N LYS A 31 -13.20 8.36 -6.99
CA LYS A 31 -12.54 7.62 -5.89
C LYS A 31 -11.04 7.44 -6.18
N ASP A 32 -10.21 7.62 -5.16
CA ASP A 32 -8.73 7.44 -5.18
C ASP A 32 -8.01 8.13 -6.37
N PRO A 33 -8.13 9.48 -6.52
CA PRO A 33 -7.60 10.21 -7.66
C PRO A 33 -6.06 10.40 -7.62
N ASP A 34 -5.42 10.24 -6.46
CA ASP A 34 -3.96 10.36 -6.26
C ASP A 34 -3.43 9.43 -5.15
N LEU A 35 -2.10 9.29 -5.08
CA LEU A 35 -1.35 8.37 -4.19
C LEU A 35 -0.11 9.06 -3.59
N THR A 36 0.55 8.38 -2.65
CA THR A 36 1.80 8.83 -1.98
C THR A 36 2.88 7.73 -2.04
N PRO A 37 4.19 8.07 -2.03
CA PRO A 37 5.26 7.10 -2.23
C PRO A 37 5.38 6.08 -1.08
N SER A 38 5.10 6.49 0.17
CA SER A 38 4.97 5.57 1.30
C SER A 38 3.87 4.52 1.07
N GLY A 39 2.71 4.95 0.56
CA GLY A 39 1.60 4.06 0.15
C GLY A 39 1.98 3.06 -0.95
N ILE A 40 2.75 3.48 -1.96
CA ILE A 40 3.32 2.58 -2.97
C ILE A 40 4.15 1.47 -2.32
N ILE A 41 5.16 1.82 -1.52
CA ILE A 41 6.09 0.85 -0.93
C ILE A 41 5.41 -0.07 0.08
N ALA A 42 4.41 0.42 0.83
CA ALA A 42 3.58 -0.39 1.73
C ALA A 42 2.89 -1.57 1.01
N LYS A 43 2.30 -1.34 -0.18
CA LYS A 43 1.68 -2.40 -0.99
C LYS A 43 2.70 -3.43 -1.49
N VAL A 44 3.90 -3.00 -1.88
CA VAL A 44 4.99 -3.88 -2.35
C VAL A 44 5.55 -4.74 -1.19
N LYS A 45 5.75 -4.13 -0.01
CA LYS A 45 6.15 -4.84 1.22
C LYS A 45 5.11 -5.88 1.69
N ALA A 46 3.81 -5.59 1.49
CA ALA A 46 2.71 -6.52 1.75
C ALA A 46 2.54 -7.62 0.68
N GLY A 47 3.17 -7.50 -0.49
CA GLY A 47 3.02 -8.42 -1.63
C GLY A 47 1.77 -8.21 -2.49
N ASP A 48 1.06 -7.08 -2.30
CA ASP A 48 -0.17 -6.73 -3.03
C ASP A 48 0.10 -6.08 -4.41
N MET A 49 1.33 -5.66 -4.69
CA MET A 49 1.74 -4.98 -5.92
C MET A 49 3.20 -5.29 -6.27
N THR A 50 3.50 -5.50 -7.55
CA THR A 50 4.86 -5.76 -8.04
C THR A 50 5.74 -4.50 -8.03
N GLN A 51 7.06 -4.68 -7.96
CA GLN A 51 8.05 -3.62 -8.16
C GLN A 51 7.85 -2.90 -9.51
N GLU A 52 7.54 -3.65 -10.58
CA GLU A 52 7.26 -3.10 -11.91
C GLU A 52 6.07 -2.13 -11.92
N THR A 53 4.94 -2.52 -11.31
CA THR A 53 3.73 -1.67 -11.18
C THR A 53 3.96 -0.47 -10.26
N ALA A 54 4.67 -0.67 -9.15
CA ALA A 54 5.06 0.37 -8.21
C ALA A 54 5.92 1.47 -8.84
N ARG A 55 6.97 1.09 -9.58
CA ARG A 55 7.99 2.00 -10.13
C ARG A 55 7.37 3.05 -11.07
N GLU A 56 6.48 2.65 -11.99
CA GLU A 56 5.85 3.58 -12.93
C GLU A 56 4.97 4.65 -12.24
N LEU A 57 4.34 4.32 -11.10
CA LEU A 57 3.63 5.28 -10.26
C LEU A 57 4.58 6.29 -9.59
N LEU A 58 5.72 5.82 -9.06
CA LEU A 58 6.77 6.69 -8.50
C LEU A 58 7.43 7.61 -9.54
N LEU A 59 7.64 7.10 -10.77
CA LEU A 59 8.10 7.88 -11.92
C LEU A 59 7.10 8.97 -12.34
N ALA A 60 5.81 8.78 -12.11
CA ALA A 60 4.79 9.81 -12.28
C ALA A 60 4.78 10.86 -11.14
N MET A 61 5.06 10.47 -9.89
CA MET A 61 5.12 11.37 -8.72
C MET A 61 6.30 12.36 -8.75
N ARG A 62 7.48 11.89 -9.14
CA ARG A 62 8.75 12.64 -9.03
C ARG A 62 8.83 13.88 -9.95
N GLY B 1 -8.34 -10.69 23.81
CA GLY B 1 -8.76 -9.78 24.90
C GLY B 1 -10.14 -9.18 24.65
N PRO B 2 -10.79 -8.63 25.69
CA PRO B 2 -12.16 -8.09 25.60
C PRO B 2 -12.26 -6.75 24.86
N GLY B 3 -11.18 -5.94 24.84
CA GLY B 3 -11.12 -4.64 24.16
C GLY B 3 -11.84 -3.49 24.89
N SER B 4 -12.31 -3.73 26.12
CA SER B 4 -13.08 -2.77 26.94
C SER B 4 -12.20 -1.77 27.71
N TYR B 5 -10.87 -1.91 27.65
CA TYR B 5 -9.90 -1.10 28.40
C TYR B 5 -9.87 0.39 28.01
N MET B 6 -10.21 0.72 26.76
CA MET B 6 -10.10 2.06 26.16
C MET B 6 -11.24 2.34 25.17
N THR B 7 -11.66 3.61 25.09
CA THR B 7 -12.64 4.13 24.11
C THR B 7 -12.12 4.06 22.65
N HIS B 8 -13.02 4.28 21.68
CA HIS B 8 -12.73 4.28 20.23
C HIS B 8 -11.64 5.27 19.82
N PHE B 9 -10.90 4.93 18.76
CA PHE B 9 -9.85 5.75 18.15
C PHE B 9 -10.26 6.27 16.76
N GLU B 10 -9.85 7.49 16.41
CA GLU B 10 -10.09 8.11 15.10
C GLU B 10 -9.31 7.42 13.95
N ASP B 11 -8.19 6.76 14.27
CA ASP B 11 -7.40 5.98 13.31
C ASP B 11 -8.15 4.72 12.87
N HIS B 12 -8.57 4.69 11.59
CA HIS B 12 -9.39 3.63 10.98
C HIS B 12 -8.67 2.26 10.89
N ARG B 13 -7.34 2.24 10.97
CA ARG B 13 -6.50 1.03 10.83
C ARG B 13 -5.55 0.85 12.03
N VAL B 14 -5.93 1.34 13.21
CA VAL B 14 -5.20 1.21 14.48
C VAL B 14 -4.85 -0.25 14.82
N GLY B 15 -3.65 -0.47 15.35
CA GLY B 15 -3.11 -1.80 15.65
C GLY B 15 -1.70 -1.77 16.26
N SER B 16 -1.06 -2.93 16.35
CA SER B 16 0.27 -3.11 16.94
C SER B 16 1.41 -2.41 16.15
N ASP B 17 1.21 -2.15 14.85
CA ASP B 17 2.18 -1.47 13.98
C ASP B 17 2.04 0.06 14.06
N ARG B 18 2.48 0.62 15.20
CA ARG B 18 2.50 2.05 15.52
C ARG B 18 3.72 2.35 16.41
N LEU B 19 4.47 3.38 16.05
CA LEU B 19 5.77 3.74 16.65
C LEU B 19 6.08 5.25 16.59
N ALA B 20 7.14 5.67 17.29
CA ALA B 20 7.53 7.07 17.45
C ALA B 20 8.28 7.68 16.26
N ALA B 21 8.70 6.88 15.27
CA ALA B 21 9.36 7.32 14.04
C ALA B 21 8.50 8.33 13.21
N ASP B 22 9.18 9.17 12.43
CA ASP B 22 8.58 10.27 11.66
C ASP B 22 9.34 10.51 10.32
N GLY B 23 9.87 9.43 9.73
CA GLY B 23 10.72 9.47 8.54
C GLY B 23 9.93 9.30 7.24
N GLU B 24 9.48 10.41 6.65
CA GLU B 24 8.93 10.47 5.30
C GLU B 24 9.96 10.11 4.20
N ILE B 25 9.48 9.86 2.97
CA ILE B 25 10.29 9.56 1.78
C ILE B 25 9.80 10.36 0.57
N SER B 26 10.74 10.85 -0.25
CA SER B 26 10.47 11.27 -1.62
C SER B 26 10.14 10.05 -2.50
N ALA B 27 9.43 10.27 -3.61
CA ALA B 27 9.30 9.26 -4.66
C ALA B 27 10.67 8.89 -5.27
N ASP B 28 11.65 9.80 -5.31
CA ASP B 28 13.05 9.49 -5.66
C ASP B 28 13.67 8.41 -4.76
N GLU B 29 13.52 8.55 -3.42
CA GLU B 29 14.03 7.58 -2.45
C GLU B 29 13.32 6.22 -2.56
N ALA B 30 12.01 6.25 -2.83
CA ALA B 30 11.20 5.05 -3.01
C ALA B 30 11.68 4.16 -4.18
N LEU B 31 12.21 4.73 -5.27
CA LEU B 31 12.82 3.96 -6.36
C LEU B 31 13.94 3.03 -5.86
N SER B 32 14.82 3.54 -4.99
CA SER B 32 15.89 2.76 -4.36
C SER B 32 15.35 1.70 -3.38
N MET B 33 14.26 1.98 -2.69
CA MET B 33 13.60 1.04 -1.76
C MET B 33 13.02 -0.20 -2.48
N LEU B 34 12.49 -0.04 -3.70
CA LEU B 34 12.03 -1.18 -4.51
C LEU B 34 13.12 -2.20 -4.82
N ASP B 35 14.36 -1.74 -5.02
CA ASP B 35 15.53 -2.58 -5.31
C ASP B 35 15.95 -3.47 -4.12
N ALA B 36 15.73 -3.00 -2.89
CA ALA B 36 15.99 -3.75 -1.66
C ALA B 36 14.96 -4.89 -1.42
N ILE B 37 13.75 -4.80 -2.00
CA ILE B 37 12.68 -5.80 -1.87
C ILE B 37 12.85 -6.90 -2.94
N GLY B 38 12.97 -8.16 -2.51
CA GLY B 38 13.14 -9.34 -3.38
C GLY B 38 11.83 -9.93 -3.94
N THR B 39 11.86 -11.23 -4.25
CA THR B 39 10.71 -12.01 -4.76
C THR B 39 10.84 -13.51 -4.42
N GLY B 40 9.79 -14.30 -4.64
CA GLY B 40 9.75 -15.74 -4.34
C GLY B 40 10.80 -16.56 -5.10
N GLN B 41 11.49 -17.46 -4.39
CA GLN B 41 12.53 -18.33 -4.95
C GLN B 41 11.98 -19.47 -5.84
N SER B 42 10.76 -19.94 -5.56
CA SER B 42 10.08 -20.99 -6.33
C SER B 42 9.81 -20.60 -7.79
N THR B 43 9.14 -19.46 -8.00
CA THR B 43 8.81 -18.86 -9.32
C THR B 43 8.22 -17.45 -9.16
N PRO B 44 8.45 -16.52 -10.11
CA PRO B 44 7.84 -15.19 -10.08
C PRO B 44 6.44 -15.16 -10.72
N THR B 45 5.98 -16.26 -11.35
CA THR B 45 4.70 -16.35 -12.06
C THR B 45 3.94 -17.64 -11.73
N GLY B 46 2.72 -17.51 -11.20
CA GLY B 46 1.85 -18.65 -10.83
C GLY B 46 2.09 -19.24 -9.43
N ALA B 47 2.79 -18.51 -8.55
CA ALA B 47 2.99 -18.88 -7.13
C ALA B 47 1.69 -18.63 -6.32
N ASP B 48 0.80 -19.62 -6.29
CA ASP B 48 -0.48 -19.60 -5.57
C ASP B 48 -0.31 -19.58 -4.04
N ASP B 49 -1.33 -19.08 -3.32
CA ASP B 49 -1.39 -18.93 -1.86
C ASP B 49 -2.83 -19.17 -1.33
N GLY A 1 -8.07 44.82 -22.07
CA GLY A 1 -9.35 45.19 -22.71
C GLY A 1 -9.43 46.68 -23.04
N PRO A 2 -10.64 47.23 -23.25
CA PRO A 2 -10.87 48.65 -23.55
C PRO A 2 -10.31 49.61 -22.48
N GLY A 3 -9.85 50.79 -22.91
CA GLY A 3 -9.31 51.85 -22.03
C GLY A 3 -10.36 52.65 -21.24
N SER A 4 -11.65 52.49 -21.58
CA SER A 4 -12.80 53.13 -20.91
C SER A 4 -12.81 52.94 -19.37
N PRO A 5 -13.21 53.95 -18.57
CA PRO A 5 -13.15 53.88 -17.11
C PRO A 5 -14.45 53.28 -16.52
N ASN A 6 -14.83 52.09 -16.99
CA ASN A 6 -16.07 51.39 -16.62
C ASN A 6 -16.02 49.89 -17.01
N SER A 7 -16.42 49.00 -16.09
CA SER A 7 -16.60 47.56 -16.31
C SER A 7 -17.52 46.97 -15.24
N TYR A 8 -18.41 46.05 -15.63
CA TYR A 8 -19.40 45.42 -14.74
C TYR A 8 -18.75 44.47 -13.71
N LEU A 9 -19.06 44.65 -12.43
CA LEU A 9 -18.70 43.73 -11.34
C LEU A 9 -19.35 42.34 -11.50
N PRO A 10 -18.69 41.24 -11.10
CA PRO A 10 -19.28 39.90 -11.11
C PRO A 10 -20.44 39.77 -10.12
N ALA A 11 -21.51 39.06 -10.52
CA ALA A 11 -22.69 38.81 -9.70
C ALA A 11 -22.38 37.97 -8.44
N GLU A 12 -22.92 38.37 -7.29
CA GLU A 12 -22.87 37.63 -6.03
C GLU A 12 -23.58 36.26 -6.12
N ASN A 13 -23.00 35.22 -5.51
CA ASN A 13 -23.55 33.87 -5.41
C ASN A 13 -23.50 33.41 -3.94
N GLU A 14 -24.67 33.11 -3.35
CA GLU A 14 -24.79 32.66 -1.95
C GLU A 14 -24.52 31.15 -1.73
N ASP A 15 -24.47 30.39 -2.83
CA ASP A 15 -24.15 28.96 -2.88
C ASP A 15 -22.67 28.72 -3.26
N PRO A 16 -21.94 27.83 -2.55
CA PRO A 16 -20.52 27.56 -2.81
C PRO A 16 -20.27 26.82 -4.14
N ASP A 17 -21.30 26.21 -4.73
CA ASP A 17 -21.26 25.62 -6.08
C ASP A 17 -21.07 26.67 -7.19
N LYS A 18 -21.52 27.92 -6.95
CA LYS A 18 -21.44 29.07 -7.86
C LYS A 18 -22.05 28.73 -9.25
N ALA A 19 -21.34 29.05 -10.33
CA ALA A 19 -21.78 28.86 -11.71
C ALA A 19 -20.59 28.65 -12.67
N VAL A 20 -20.22 27.39 -12.91
CA VAL A 20 -19.18 26.92 -13.85
C VAL A 20 -19.67 25.64 -14.54
N VAL A 21 -19.56 25.55 -15.86
CA VAL A 21 -20.01 24.40 -16.66
C VAL A 21 -19.17 24.22 -17.94
N ASP A 22 -18.47 23.08 -18.04
CA ASP A 22 -17.70 22.63 -19.22
C ASP A 22 -16.56 23.60 -19.63
N LEU A 23 -15.91 24.23 -18.64
CA LEU A 23 -14.81 25.18 -18.84
C LEU A 23 -13.53 24.50 -19.37
N HIS A 24 -13.28 23.25 -18.95
CA HIS A 24 -12.14 22.40 -19.32
C HIS A 24 -12.39 20.93 -18.91
N ARG A 25 -11.90 19.97 -19.70
CA ARG A 25 -11.98 18.53 -19.40
C ARG A 25 -11.39 18.14 -18.03
N SER A 26 -12.03 17.16 -17.40
CA SER A 26 -11.54 16.43 -16.21
C SER A 26 -11.34 14.94 -16.56
N PRO A 27 -10.34 14.25 -15.97
CA PRO A 27 -10.24 12.79 -16.06
C PRO A 27 -11.41 12.10 -15.30
N PRO A 28 -11.80 10.87 -15.70
CA PRO A 28 -12.90 10.13 -15.07
C PRO A 28 -12.60 9.77 -13.60
N LYS A 29 -13.61 9.91 -12.73
CA LYS A 29 -13.56 9.56 -11.29
C LYS A 29 -13.35 8.05 -11.07
N THR A 30 -12.55 7.71 -10.07
CA THR A 30 -12.32 6.33 -9.59
C THR A 30 -11.89 6.33 -8.11
N LYS A 31 -11.85 5.15 -7.47
CA LYS A 31 -11.42 4.98 -6.07
C LYS A 31 -9.92 5.22 -5.86
N ASP A 32 -9.60 5.89 -4.74
CA ASP A 32 -8.26 6.20 -4.20
C ASP A 32 -7.15 6.45 -5.26
N PRO A 33 -7.28 7.45 -6.15
CA PRO A 33 -6.30 7.74 -7.20
C PRO A 33 -5.06 8.51 -6.69
N ASP A 34 -5.17 9.21 -5.56
CA ASP A 34 -4.13 10.09 -4.99
C ASP A 34 -3.35 9.39 -3.88
N LEU A 35 -2.56 8.39 -4.26
CA LEU A 35 -1.66 7.64 -3.37
C LEU A 35 -0.42 8.47 -2.94
N THR A 36 0.34 7.94 -1.98
CA THR A 36 1.62 8.49 -1.50
C THR A 36 2.76 7.50 -1.80
N PRO A 37 4.02 7.96 -1.94
CA PRO A 37 5.15 7.07 -2.27
C PRO A 37 5.44 6.05 -1.15
N SER A 38 5.26 6.42 0.12
CA SER A 38 5.26 5.48 1.25
C SER A 38 4.14 4.44 1.13
N GLY A 39 2.95 4.84 0.67
CA GLY A 39 1.83 3.93 0.35
C GLY A 39 2.15 2.96 -0.80
N ILE A 40 2.78 3.42 -1.88
CA ILE A 40 3.29 2.56 -2.96
C ILE A 40 4.21 1.45 -2.40
N ILE A 41 5.23 1.82 -1.62
CA ILE A 41 6.17 0.85 -1.05
C ILE A 41 5.50 -0.06 -0.01
N ALA A 42 4.53 0.43 0.76
CA ALA A 42 3.71 -0.40 1.67
C ALA A 42 2.92 -1.51 0.93
N LYS A 43 2.33 -1.20 -0.24
CA LYS A 43 1.68 -2.21 -1.11
C LYS A 43 2.65 -3.29 -1.61
N VAL A 44 3.89 -2.89 -1.97
CA VAL A 44 4.96 -3.82 -2.35
C VAL A 44 5.39 -4.72 -1.17
N LYS A 45 5.65 -4.13 0.00
CA LYS A 45 5.96 -4.86 1.25
C LYS A 45 4.88 -5.88 1.64
N ALA A 46 3.61 -5.53 1.46
CA ALA A 46 2.45 -6.40 1.69
C ALA A 46 2.27 -7.51 0.64
N GLY A 47 2.93 -7.41 -0.52
CA GLY A 47 2.78 -8.34 -1.64
C GLY A 47 1.57 -8.08 -2.53
N ASP A 48 0.90 -6.93 -2.39
CA ASP A 48 -0.30 -6.53 -3.14
C ASP A 48 0.01 -5.92 -4.52
N MET A 49 1.28 -5.59 -4.81
CA MET A 49 1.72 -4.94 -6.05
C MET A 49 3.18 -5.26 -6.39
N THR A 50 3.49 -5.50 -7.67
CA THR A 50 4.87 -5.77 -8.13
C THR A 50 5.76 -4.52 -8.04
N GLN A 51 7.08 -4.74 -7.95
CA GLN A 51 8.08 -3.66 -7.92
C GLN A 51 8.01 -2.76 -9.16
N GLU A 52 7.81 -3.34 -10.36
CA GLU A 52 7.71 -2.56 -11.60
C GLU A 52 6.42 -1.74 -11.72
N THR A 53 5.28 -2.27 -11.28
CA THR A 53 4.00 -1.52 -11.21
C THR A 53 4.12 -0.35 -10.22
N ALA A 54 4.73 -0.60 -9.06
CA ALA A 54 5.09 0.43 -8.09
C ALA A 54 6.00 1.52 -8.68
N ARG A 55 7.09 1.12 -9.36
CA ARG A 55 8.07 2.04 -9.99
C ARG A 55 7.42 2.97 -11.02
N GLU A 56 6.55 2.45 -11.89
CA GLU A 56 5.74 3.21 -12.84
C GLU A 56 4.95 4.36 -12.18
N LEU A 57 4.25 4.08 -11.07
CA LEU A 57 3.52 5.09 -10.27
C LEU A 57 4.45 6.11 -9.61
N LEU A 58 5.61 5.68 -9.09
CA LEU A 58 6.61 6.56 -8.49
C LEU A 58 7.31 7.49 -9.50
N LEU A 59 7.58 6.99 -10.72
CA LEU A 59 8.12 7.78 -11.84
C LEU A 59 7.17 8.91 -12.28
N ALA A 60 5.86 8.76 -12.05
CA ALA A 60 4.86 9.80 -12.25
C ALA A 60 4.72 10.81 -11.08
N MET A 61 5.31 10.53 -9.90
CA MET A 61 5.19 11.35 -8.69
C MET A 61 6.51 12.02 -8.22
N ARG A 62 7.67 11.62 -8.74
CA ARG A 62 8.99 12.22 -8.48
C ARG A 62 9.14 13.66 -9.03
N GLY B 1 7.17 25.01 41.49
CA GLY B 1 5.99 24.14 41.36
C GLY B 1 6.14 22.84 42.15
N PRO B 2 5.21 21.87 42.00
CA PRO B 2 4.02 21.92 41.15
C PRO B 2 2.96 22.93 41.62
N GLY B 3 2.10 23.37 40.70
CA GLY B 3 0.99 24.31 40.94
C GLY B 3 -0.30 23.62 41.41
N SER B 4 -1.44 24.03 40.85
CA SER B 4 -2.77 23.46 41.12
C SER B 4 -3.01 22.08 40.49
N TYR B 5 -2.06 21.57 39.69
CA TYR B 5 -2.06 20.25 39.05
C TYR B 5 -0.63 19.68 38.94
N MET B 6 -0.52 18.36 38.71
CA MET B 6 0.73 17.61 38.55
C MET B 6 1.67 18.18 37.47
N THR B 7 2.97 18.00 37.66
CA THR B 7 4.03 18.35 36.67
C THR B 7 3.76 17.73 35.29
N HIS B 8 4.06 18.47 34.21
CA HIS B 8 3.85 18.04 32.82
C HIS B 8 4.62 16.75 32.43
N PHE B 9 4.11 16.07 31.40
CA PHE B 9 4.79 14.96 30.72
C PHE B 9 6.20 15.34 30.21
N GLU B 10 7.09 14.36 30.09
CA GLU B 10 8.49 14.53 29.66
C GLU B 10 8.62 15.22 28.29
N ASP B 11 9.55 16.18 28.18
CA ASP B 11 9.86 16.89 26.94
C ASP B 11 10.28 15.94 25.80
N HIS B 12 9.75 16.16 24.58
CA HIS B 12 10.09 15.37 23.39
C HIS B 12 11.57 15.53 22.97
N ARG B 13 12.23 14.43 22.62
CA ARG B 13 13.62 14.39 22.14
C ARG B 13 13.82 15.23 20.87
N VAL B 14 14.95 15.94 20.80
CA VAL B 14 15.41 16.70 19.60
C VAL B 14 15.47 15.83 18.33
N GLY B 15 15.21 16.41 17.17
CA GLY B 15 15.08 15.68 15.90
C GLY B 15 13.71 15.02 15.76
N SER B 16 13.68 13.68 15.87
CA SER B 16 12.46 12.86 15.76
C SER B 16 12.33 11.89 16.94
N ASP B 17 11.17 11.87 17.60
CA ASP B 17 10.84 10.94 18.69
C ASP B 17 10.92 9.46 18.26
N ARG B 18 10.30 9.12 17.12
CA ARG B 18 10.20 7.73 16.60
C ARG B 18 11.38 7.40 15.66
N LEU B 19 12.60 7.62 16.13
CA LEU B 19 13.84 7.48 15.34
C LEU B 19 14.21 6.04 14.96
N ALA B 20 13.55 5.04 15.54
CA ALA B 20 13.68 3.62 15.19
C ALA B 20 12.92 3.21 13.91
N ALA B 21 11.94 4.00 13.50
CA ALA B 21 11.16 3.82 12.26
C ALA B 21 11.97 4.16 11.00
N ASP B 22 11.62 3.56 9.86
CA ASP B 22 12.11 3.95 8.53
C ASP B 22 11.63 5.35 8.10
N GLY B 23 10.44 5.76 8.55
CA GLY B 23 9.85 7.09 8.33
C GLY B 23 9.49 7.41 6.87
N GLU B 24 9.15 8.68 6.62
CA GLU B 24 8.75 9.21 5.31
C GLU B 24 9.85 9.09 4.23
N ILE B 25 9.44 8.99 2.97
CA ILE B 25 10.28 8.88 1.78
C ILE B 25 9.69 9.73 0.64
N SER B 26 10.54 10.35 -0.18
CA SER B 26 10.11 10.92 -1.46
C SER B 26 9.83 9.82 -2.49
N ALA B 27 9.12 10.16 -3.57
CA ALA B 27 8.91 9.25 -4.70
C ALA B 27 10.22 8.90 -5.44
N ASP B 28 11.20 9.81 -5.46
CA ASP B 28 12.54 9.56 -6.01
C ASP B 28 13.36 8.58 -5.16
N GLU B 29 13.36 8.71 -3.83
CA GLU B 29 13.99 7.77 -2.90
C GLU B 29 13.32 6.38 -2.94
N ALA B 30 12.00 6.32 -3.08
CA ALA B 30 11.23 5.10 -3.20
C ALA B 30 11.66 4.20 -4.39
N LEU B 31 12.17 4.78 -5.49
CA LEU B 31 12.76 4.03 -6.61
C LEU B 31 13.91 3.11 -6.16
N SER B 32 14.77 3.59 -5.25
CA SER B 32 15.88 2.83 -4.65
C SER B 32 15.44 1.87 -3.53
N MET B 33 14.32 2.15 -2.87
CA MET B 33 13.73 1.26 -1.86
C MET B 33 13.32 -0.10 -2.46
N LEU B 34 12.76 -0.10 -3.68
CA LEU B 34 12.37 -1.32 -4.39
C LEU B 34 13.54 -2.30 -4.62
N ASP B 35 14.75 -1.77 -4.84
CA ASP B 35 15.97 -2.56 -5.05
C ASP B 35 16.40 -3.35 -3.79
N ALA B 36 16.26 -2.72 -2.61
CA ALA B 36 16.50 -3.35 -1.30
C ALA B 36 15.48 -4.46 -0.97
N ILE B 37 14.23 -4.33 -1.43
CA ILE B 37 13.17 -5.34 -1.27
C ILE B 37 13.45 -6.60 -2.13
N GLY B 38 14.05 -6.43 -3.30
CA GLY B 38 14.25 -7.51 -4.28
C GLY B 38 12.94 -8.02 -4.89
N THR B 39 12.89 -9.31 -5.27
CA THR B 39 11.74 -9.95 -5.95
C THR B 39 11.41 -11.32 -5.34
N GLY B 40 10.16 -11.77 -5.54
CA GLY B 40 9.61 -13.02 -4.97
C GLY B 40 8.98 -12.84 -3.59
N GLN B 41 7.90 -13.57 -3.32
CA GLN B 41 7.09 -13.42 -2.10
C GLN B 41 7.66 -14.20 -0.89
N SER B 42 8.25 -15.38 -1.12
CA SER B 42 8.86 -16.26 -0.10
C SER B 42 9.76 -17.33 -0.74
N THR B 43 10.72 -17.86 0.01
CA THR B 43 11.61 -18.96 -0.40
C THR B 43 10.85 -20.24 -0.80
N PRO B 44 11.31 -20.99 -1.83
CA PRO B 44 10.77 -22.32 -2.15
C PRO B 44 11.33 -23.42 -1.23
N THR B 45 12.40 -23.17 -0.45
CA THR B 45 13.07 -24.13 0.44
C THR B 45 13.27 -23.51 1.83
N GLY B 46 12.20 -23.45 2.62
CA GLY B 46 12.23 -23.03 4.02
C GLY B 46 12.65 -24.14 5.00
N ALA B 47 12.38 -23.94 6.29
CA ALA B 47 12.55 -24.91 7.38
C ALA B 47 14.00 -25.45 7.52
N ASP B 48 14.99 -24.57 7.37
CA ASP B 48 16.43 -24.87 7.50
C ASP B 48 17.10 -24.15 8.70
N ASP B 49 16.30 -23.61 9.63
CA ASP B 49 16.71 -22.98 10.90
C ASP B 49 17.19 -24.01 11.96
N GLY A 1 -39.16 35.98 -7.11
CA GLY A 1 -38.57 34.63 -6.89
C GLY A 1 -39.01 34.02 -5.57
N PRO A 2 -38.86 32.69 -5.38
CA PRO A 2 -39.25 31.98 -4.17
C PRO A 2 -38.39 32.37 -2.95
N GLY A 3 -39.01 32.41 -1.77
CA GLY A 3 -38.35 32.64 -0.48
C GLY A 3 -37.37 31.53 -0.05
N SER A 4 -36.55 31.83 0.97
CA SER A 4 -35.69 30.85 1.66
C SER A 4 -36.49 29.73 2.37
N PRO A 5 -35.86 28.59 2.72
CA PRO A 5 -36.53 27.46 3.39
C PRO A 5 -37.25 27.85 4.69
N ASN A 6 -38.45 27.27 4.91
CA ASN A 6 -39.30 27.58 6.06
C ASN A 6 -38.99 26.74 7.33
N SER A 7 -38.00 25.84 7.27
CA SER A 7 -37.55 25.00 8.39
C SER A 7 -36.02 25.03 8.52
N TYR A 8 -35.53 25.25 9.74
CA TYR A 8 -34.08 25.27 10.07
C TYR A 8 -33.48 23.86 10.28
N LEU A 9 -34.31 22.84 10.47
CA LEU A 9 -33.91 21.46 10.73
C LEU A 9 -33.08 20.83 9.59
N PRO A 10 -32.11 19.95 9.89
CA PRO A 10 -31.31 19.24 8.90
C PRO A 10 -32.13 18.22 8.08
N ALA A 11 -31.70 17.98 6.85
CA ALA A 11 -32.31 17.04 5.91
C ALA A 11 -31.28 16.47 4.90
N GLU A 12 -31.37 15.17 4.61
CA GLU A 12 -30.53 14.44 3.64
C GLU A 12 -29.04 14.38 4.04
N ASN A 13 -28.75 14.40 5.35
CA ASN A 13 -27.40 14.35 5.93
C ASN A 13 -27.05 12.90 6.33
N GLU A 14 -26.16 12.26 5.59
CA GLU A 14 -25.83 10.83 5.76
C GLU A 14 -24.68 10.61 6.77
N ASP A 15 -24.96 10.85 8.05
CA ASP A 15 -24.11 10.47 9.19
C ASP A 15 -23.85 8.94 9.23
N PRO A 16 -22.67 8.49 9.72
CA PRO A 16 -22.39 7.07 9.94
C PRO A 16 -23.30 6.44 11.00
N ASP A 17 -23.91 7.26 11.88
CA ASP A 17 -24.91 6.85 12.86
C ASP A 17 -26.16 6.16 12.27
N LYS A 18 -26.54 6.50 11.02
CA LYS A 18 -27.65 5.84 10.31
C LYS A 18 -27.38 4.38 9.96
N ALA A 19 -26.11 4.02 9.76
CA ALA A 19 -25.57 2.66 9.66
C ALA A 19 -26.22 1.78 8.56
N VAL A 20 -26.49 2.38 7.39
CA VAL A 20 -27.12 1.74 6.21
C VAL A 20 -26.42 2.20 4.93
N VAL A 21 -26.07 1.24 4.06
CA VAL A 21 -25.41 1.45 2.77
C VAL A 21 -25.61 0.22 1.87
N ASP A 22 -26.01 0.44 0.60
CA ASP A 22 -26.44 -0.60 -0.34
C ASP A 22 -25.39 -0.97 -1.41
N LEU A 23 -24.18 -0.40 -1.31
CA LEU A 23 -23.03 -0.68 -2.18
C LEU A 23 -22.55 -2.13 -2.02
N HIS A 24 -22.29 -2.80 -3.14
CA HIS A 24 -21.71 -4.15 -3.20
C HIS A 24 -20.31 -4.21 -2.55
N ARG A 25 -20.02 -5.31 -1.84
CA ARG A 25 -18.74 -5.54 -1.13
C ARG A 25 -17.71 -6.18 -2.06
N SER A 26 -17.23 -5.39 -3.03
CA SER A 26 -16.09 -5.74 -3.88
C SER A 26 -14.78 -5.87 -3.09
N PRO A 27 -13.78 -6.64 -3.57
CA PRO A 27 -12.45 -6.70 -2.97
C PRO A 27 -11.67 -5.37 -3.13
N PRO A 28 -10.65 -5.10 -2.29
CA PRO A 28 -9.81 -3.90 -2.40
C PRO A 28 -9.15 -3.73 -3.78
N LYS A 29 -9.01 -2.48 -4.22
CA LYS A 29 -8.36 -2.08 -5.49
C LYS A 29 -7.64 -0.73 -5.36
N THR A 30 -6.57 -0.54 -6.14
CA THR A 30 -5.73 0.68 -6.14
C THR A 30 -6.00 1.52 -7.40
N LYS A 31 -7.12 2.26 -7.38
CA LYS A 31 -7.58 3.14 -8.49
C LYS A 31 -7.68 4.62 -8.10
N ASP A 32 -7.24 4.98 -6.91
CA ASP A 32 -7.04 6.36 -6.47
C ASP A 32 -6.03 7.14 -7.35
N PRO A 33 -6.31 8.40 -7.74
CA PRO A 33 -5.42 9.20 -8.58
C PRO A 33 -4.20 9.77 -7.81
N ASP A 34 -4.36 10.03 -6.50
CA ASP A 34 -3.36 10.67 -5.64
C ASP A 34 -2.90 9.70 -4.52
N LEU A 35 -2.02 8.77 -4.90
CA LEU A 35 -1.25 7.91 -3.99
C LEU A 35 -0.13 8.69 -3.28
N THR A 36 0.65 8.03 -2.43
CA THR A 36 1.88 8.56 -1.81
C THR A 36 3.02 7.53 -1.93
N PRO A 37 4.30 7.96 -1.98
CA PRO A 37 5.44 7.04 -2.09
C PRO A 37 5.52 6.01 -0.94
N SER A 38 5.23 6.44 0.30
CA SER A 38 5.09 5.54 1.44
C SER A 38 4.02 4.47 1.21
N GLY A 39 2.85 4.86 0.68
CA GLY A 39 1.78 3.95 0.25
C GLY A 39 2.22 2.95 -0.83
N ILE A 40 2.93 3.41 -1.88
CA ILE A 40 3.51 2.55 -2.92
C ILE A 40 4.38 1.44 -2.30
N ILE A 41 5.35 1.80 -1.46
CA ILE A 41 6.27 0.84 -0.84
C ILE A 41 5.53 -0.09 0.13
N ALA A 42 4.55 0.40 0.88
CA ALA A 42 3.70 -0.43 1.75
C ALA A 42 2.94 -1.51 0.97
N LYS A 43 2.36 -1.19 -0.20
CA LYS A 43 1.66 -2.14 -1.08
C LYS A 43 2.60 -3.25 -1.60
N VAL A 44 3.84 -2.91 -1.93
CA VAL A 44 4.87 -3.89 -2.36
C VAL A 44 5.31 -4.78 -1.20
N LYS A 45 5.57 -4.20 -0.02
CA LYS A 45 5.91 -4.92 1.22
C LYS A 45 4.79 -5.89 1.67
N ALA A 46 3.53 -5.52 1.45
CA ALA A 46 2.36 -6.35 1.68
C ALA A 46 2.16 -7.48 0.63
N GLY A 47 2.85 -7.42 -0.51
CA GLY A 47 2.73 -8.36 -1.63
C GLY A 47 1.53 -8.12 -2.56
N ASP A 48 0.87 -6.95 -2.44
CA ASP A 48 -0.33 -6.59 -3.21
C ASP A 48 -0.02 -5.96 -4.60
N MET A 49 1.25 -5.62 -4.87
CA MET A 49 1.71 -4.96 -6.09
C MET A 49 3.17 -5.32 -6.41
N THR A 50 3.50 -5.53 -7.69
CA THR A 50 4.88 -5.82 -8.13
C THR A 50 5.77 -4.58 -8.06
N GLN A 51 7.09 -4.78 -7.95
CA GLN A 51 8.09 -3.70 -7.97
C GLN A 51 8.02 -2.85 -9.24
N GLU A 52 7.86 -3.45 -10.42
CA GLU A 52 7.79 -2.68 -11.68
C GLU A 52 6.47 -1.90 -11.84
N THR A 53 5.34 -2.47 -11.37
CA THR A 53 4.06 -1.73 -11.28
C THR A 53 4.17 -0.52 -10.32
N ALA A 54 4.80 -0.74 -9.16
CA ALA A 54 5.11 0.32 -8.19
C ALA A 54 6.02 1.42 -8.77
N ARG A 55 7.08 1.04 -9.51
CA ARG A 55 8.07 1.96 -10.08
C ARG A 55 7.44 3.01 -10.99
N GLU A 56 6.57 2.60 -11.92
CA GLU A 56 5.93 3.55 -12.85
C GLU A 56 4.99 4.55 -12.15
N LEU A 57 4.36 4.15 -11.03
CA LEU A 57 3.57 5.07 -10.19
C LEU A 57 4.45 6.14 -9.51
N LEU A 58 5.64 5.77 -9.03
CA LEU A 58 6.63 6.71 -8.49
C LEU A 58 7.20 7.66 -9.56
N LEU A 59 7.50 7.13 -10.75
CA LEU A 59 7.93 7.94 -11.92
C LEU A 59 6.86 8.96 -12.35
N ALA A 60 5.58 8.65 -12.15
CA ALA A 60 4.47 9.57 -12.39
C ALA A 60 4.25 10.62 -11.27
N MET A 61 4.84 10.44 -10.07
CA MET A 61 4.68 11.34 -8.91
C MET A 61 5.90 12.23 -8.63
N ARG A 62 7.11 11.80 -9.00
CA ARG A 62 8.37 12.53 -8.77
C ARG A 62 8.52 13.81 -9.62
N GLY B 1 10.59 32.17 45.93
CA GLY B 1 11.12 32.05 44.56
C GLY B 1 10.00 31.84 43.54
N PRO B 2 10.27 31.12 42.42
CA PRO B 2 9.30 30.81 41.38
C PRO B 2 8.07 30.02 41.86
N GLY B 3 6.98 30.05 41.07
CA GLY B 3 5.70 29.40 41.36
C GLY B 3 4.71 30.28 42.14
N SER B 4 3.45 29.81 42.19
CA SER B 4 2.31 30.51 42.81
C SER B 4 2.51 30.88 44.30
N TYR B 5 1.82 31.93 44.75
CA TYR B 5 1.63 32.27 46.17
C TYR B 5 0.92 31.15 46.96
N MET B 6 0.04 30.38 46.30
CA MET B 6 -0.67 29.23 46.86
C MET B 6 -0.65 28.07 45.86
N THR B 7 0.47 27.35 45.78
CA THR B 7 0.68 26.18 44.91
C THR B 7 -0.37 25.09 45.14
N HIS B 8 -0.82 24.46 44.04
CA HIS B 8 -1.84 23.40 44.00
C HIS B 8 -1.82 22.68 42.64
N PHE B 9 -2.13 21.39 42.63
CA PHE B 9 -2.17 20.55 41.42
C PHE B 9 -3.12 19.36 41.60
N GLU B 10 -3.90 19.02 40.57
CA GLU B 10 -5.05 18.12 40.67
C GLU B 10 -4.69 16.64 40.91
N ASP B 11 -3.84 16.07 40.04
CA ASP B 11 -3.43 14.65 40.07
C ASP B 11 -2.13 14.41 39.29
N HIS B 12 -1.20 13.63 39.89
CA HIS B 12 0.10 13.23 39.33
C HIS B 12 0.01 12.59 37.92
N ARG B 13 1.11 12.71 37.15
CA ARG B 13 1.27 12.15 35.79
C ARG B 13 2.70 11.64 35.56
N VAL B 14 2.88 10.75 34.57
CA VAL B 14 4.14 10.06 34.22
C VAL B 14 4.01 9.41 32.82
N GLY B 15 5.12 9.01 32.21
CA GLY B 15 5.18 8.43 30.85
C GLY B 15 4.92 9.45 29.73
N SER B 16 4.40 8.97 28.59
CA SER B 16 4.18 9.73 27.33
C SER B 16 5.49 10.31 26.74
N ASP B 17 6.55 9.50 26.72
CA ASP B 17 7.89 9.87 26.25
C ASP B 17 8.63 8.66 25.64
N ARG B 18 7.91 7.85 24.85
CA ARG B 18 8.37 6.55 24.28
C ARG B 18 8.37 6.50 22.75
N LEU B 19 8.41 7.66 22.08
CA LEU B 19 8.30 7.81 20.61
C LEU B 19 9.01 9.07 20.10
N ALA B 20 9.26 9.11 18.78
CA ALA B 20 9.86 10.22 18.04
C ALA B 20 9.49 10.15 16.54
N ALA B 21 9.66 11.26 15.81
CA ALA B 21 9.41 11.37 14.37
C ALA B 21 10.30 10.44 13.52
N ASP B 22 9.73 9.86 12.45
CA ASP B 22 10.41 8.93 11.52
C ASP B 22 10.51 9.48 10.08
N GLY B 23 10.03 10.71 9.83
CA GLY B 23 9.98 11.35 8.50
C GLY B 23 9.14 10.58 7.47
N GLU B 24 9.42 10.85 6.18
CA GLU B 24 8.77 10.18 5.03
C GLU B 24 9.69 10.19 3.79
N ILE B 25 9.73 9.05 3.07
CA ILE B 25 10.47 8.90 1.80
C ILE B 25 9.85 9.78 0.69
N SER B 26 10.71 10.39 -0.15
CA SER B 26 10.29 11.02 -1.41
C SER B 26 9.99 9.97 -2.49
N ALA B 27 9.38 10.40 -3.60
CA ALA B 27 9.17 9.54 -4.77
C ALA B 27 10.49 9.11 -5.42
N ASP B 28 11.53 9.96 -5.41
CA ASP B 28 12.90 9.61 -5.83
C ASP B 28 13.56 8.53 -4.95
N GLU B 29 13.51 8.68 -3.62
CA GLU B 29 14.08 7.71 -2.67
C GLU B 29 13.37 6.34 -2.74
N ALA B 30 12.06 6.34 -2.97
CA ALA B 30 11.27 5.13 -3.14
C ALA B 30 11.72 4.26 -4.35
N LEU B 31 12.27 4.85 -5.41
CA LEU B 31 12.86 4.09 -6.53
C LEU B 31 13.97 3.12 -6.05
N SER B 32 14.87 3.60 -5.20
CA SER B 32 15.94 2.80 -4.57
C SER B 32 15.38 1.78 -3.57
N MET B 33 14.32 2.15 -2.83
CA MET B 33 13.63 1.26 -1.88
C MET B 33 13.09 -0.02 -2.54
N LEU B 34 12.47 0.10 -3.73
CA LEU B 34 11.95 -1.04 -4.49
C LEU B 34 13.03 -2.08 -4.84
N ASP B 35 14.23 -1.63 -5.19
CA ASP B 35 15.36 -2.49 -5.59
C ASP B 35 15.99 -3.23 -4.42
N ALA B 36 15.82 -2.74 -3.18
CA ALA B 36 16.27 -3.39 -1.95
C ALA B 36 15.34 -4.53 -1.46
N ILE B 37 14.07 -4.56 -1.91
CA ILE B 37 13.07 -5.57 -1.53
C ILE B 37 13.39 -6.93 -2.18
N GLY B 38 13.37 -8.00 -1.36
CA GLY B 38 13.59 -9.39 -1.79
C GLY B 38 12.94 -10.41 -0.85
N THR B 39 12.80 -11.65 -1.32
CA THR B 39 12.21 -12.78 -0.59
C THR B 39 13.04 -13.22 0.63
N GLY B 40 12.41 -13.94 1.55
CA GLY B 40 13.02 -14.53 2.75
C GLY B 40 12.03 -15.33 3.59
N GLN B 41 12.53 -15.99 4.65
CA GLN B 41 11.77 -16.83 5.59
C GLN B 41 10.91 -17.90 4.87
N SER B 42 11.54 -18.60 3.90
CA SER B 42 10.91 -19.62 3.05
C SER B 42 11.92 -20.70 2.61
N THR B 43 11.43 -21.81 2.02
CA THR B 43 12.22 -23.00 1.63
C THR B 43 11.93 -23.37 0.16
N PRO B 44 12.94 -23.37 -0.74
CA PRO B 44 12.75 -23.69 -2.15
C PRO B 44 12.43 -25.18 -2.39
N THR B 45 11.79 -25.48 -3.52
CA THR B 45 11.49 -26.85 -4.00
C THR B 45 12.74 -27.74 -4.06
N GLY B 46 12.60 -29.02 -3.67
CA GLY B 46 13.70 -30.01 -3.64
C GLY B 46 14.36 -30.25 -5.00
N ALA B 47 15.67 -30.52 -4.98
CA ALA B 47 16.47 -30.87 -6.16
C ALA B 47 16.06 -32.22 -6.81
N ASP B 48 16.30 -32.35 -8.12
CA ASP B 48 16.12 -33.60 -8.87
C ASP B 48 17.11 -34.72 -8.40
N ASP B 49 16.75 -35.98 -8.64
CA ASP B 49 17.52 -37.19 -8.26
C ASP B 49 18.86 -37.34 -9.02
N GLY A 1 -64.07 2.35 -8.97
CA GLY A 1 -62.95 2.97 -9.74
C GLY A 1 -63.03 4.49 -9.71
N PRO A 2 -62.33 5.18 -10.65
CA PRO A 2 -62.33 6.65 -10.75
C PRO A 2 -63.72 7.27 -10.99
N GLY A 3 -63.93 8.49 -10.50
CA GLY A 3 -65.21 9.22 -10.62
C GLY A 3 -65.51 9.85 -11.99
N SER A 4 -64.50 9.90 -12.89
CA SER A 4 -64.62 10.45 -14.25
C SER A 4 -65.74 9.80 -15.08
N PRO A 5 -66.45 10.55 -15.96
CA PRO A 5 -67.34 9.98 -16.98
C PRO A 5 -66.61 9.09 -18.00
N ASN A 6 -65.29 9.26 -18.15
CA ASN A 6 -64.41 8.49 -19.04
C ASN A 6 -63.43 7.59 -18.24
N SER A 7 -63.80 7.20 -17.01
CA SER A 7 -63.02 6.33 -16.11
C SER A 7 -62.62 4.97 -16.73
N TYR A 8 -61.53 4.41 -16.19
CA TYR A 8 -60.96 3.10 -16.55
C TYR A 8 -60.13 2.54 -15.38
N LEU A 9 -60.11 1.20 -15.23
CA LEU A 9 -59.38 0.54 -14.15
C LEU A 9 -57.84 0.71 -14.30
N PRO A 10 -57.10 1.04 -13.23
CA PRO A 10 -55.65 1.21 -13.28
C PRO A 10 -54.91 -0.15 -13.38
N ALA A 11 -53.81 -0.17 -14.12
CA ALA A 11 -52.88 -1.30 -14.17
C ALA A 11 -52.18 -1.57 -12.81
N GLU A 12 -51.79 -2.82 -12.56
CA GLU A 12 -50.95 -3.23 -11.44
C GLU A 12 -49.66 -2.40 -11.34
N ASN A 13 -49.25 -2.04 -10.11
CA ASN A 13 -48.21 -1.03 -9.85
C ASN A 13 -47.57 -1.18 -8.46
N GLU A 14 -46.47 -0.46 -8.25
CA GLU A 14 -45.59 -0.53 -7.07
C GLU A 14 -44.88 0.84 -6.84
N ASP A 15 -44.31 1.06 -5.64
CA ASP A 15 -43.49 2.24 -5.31
C ASP A 15 -42.38 2.51 -6.35
N PRO A 16 -42.12 3.78 -6.71
CA PRO A 16 -41.39 4.14 -7.94
C PRO A 16 -39.90 3.76 -7.93
N ASP A 17 -39.23 3.80 -6.78
CA ASP A 17 -37.82 3.39 -6.57
C ASP A 17 -36.86 3.95 -7.65
N LYS A 18 -36.88 5.29 -7.82
CA LYS A 18 -36.28 6.02 -8.95
C LYS A 18 -34.76 5.90 -9.13
N ALA A 19 -34.03 5.51 -8.09
CA ALA A 19 -32.57 5.34 -8.08
C ALA A 19 -32.09 4.33 -9.15
N VAL A 20 -31.04 4.67 -9.90
CA VAL A 20 -30.41 3.83 -10.94
C VAL A 20 -29.85 2.50 -10.41
N VAL A 21 -29.92 1.45 -11.24
CA VAL A 21 -29.39 0.10 -10.95
C VAL A 21 -28.56 -0.48 -12.11
N ASP A 22 -28.10 0.37 -13.03
CA ASP A 22 -27.41 -0.01 -14.28
C ASP A 22 -25.94 -0.44 -14.09
N LEU A 23 -25.45 -0.34 -12.86
CA LEU A 23 -24.08 -0.69 -12.44
C LEU A 23 -23.73 -2.16 -12.73
N HIS A 24 -24.74 -3.04 -12.81
CA HIS A 24 -24.60 -4.45 -13.21
C HIS A 24 -23.98 -4.64 -14.61
N ARG A 25 -24.10 -3.64 -15.50
CA ARG A 25 -23.55 -3.63 -16.87
C ARG A 25 -22.34 -2.70 -17.04
N SER A 26 -21.86 -2.04 -15.99
CA SER A 26 -20.72 -1.11 -16.04
C SER A 26 -19.37 -1.83 -16.34
N PRO A 27 -18.39 -1.13 -16.94
CA PRO A 27 -17.10 -1.72 -17.32
C PRO A 27 -16.08 -1.74 -16.16
N PRO A 28 -14.91 -2.42 -16.33
CA PRO A 28 -13.75 -2.31 -15.43
C PRO A 28 -13.26 -0.87 -15.23
N LYS A 29 -12.68 -0.58 -14.06
CA LYS A 29 -12.44 0.78 -13.54
C LYS A 29 -10.99 0.97 -13.10
N THR A 30 -10.35 2.04 -13.56
CA THR A 30 -8.95 2.42 -13.26
C THR A 30 -8.68 2.72 -11.78
N LYS A 31 -7.42 2.56 -11.36
CA LYS A 31 -6.92 2.89 -10.01
C LYS A 31 -6.95 4.39 -9.71
N ASP A 32 -7.21 4.76 -8.46
CA ASP A 32 -7.15 6.13 -7.95
C ASP A 32 -5.79 6.80 -8.22
N PRO A 33 -5.75 8.07 -8.69
CA PRO A 33 -4.52 8.77 -9.04
C PRO A 33 -3.78 9.40 -7.85
N ASP A 34 -4.46 9.56 -6.71
CA ASP A 34 -3.92 10.21 -5.49
C ASP A 34 -3.39 9.16 -4.51
N LEU A 35 -2.07 9.02 -4.46
CA LEU A 35 -1.31 8.03 -3.69
C LEU A 35 -0.06 8.68 -3.05
N THR A 36 0.31 8.27 -1.85
CA THR A 36 1.61 8.64 -1.25
C THR A 36 2.71 7.65 -1.68
N PRO A 37 3.98 8.08 -1.81
CA PRO A 37 5.09 7.17 -2.14
C PRO A 37 5.37 6.15 -1.02
N SER A 38 5.16 6.51 0.26
CA SER A 38 5.15 5.55 1.37
C SER A 38 4.11 4.44 1.14
N GLY A 39 2.88 4.82 0.75
CA GLY A 39 1.80 3.90 0.37
C GLY A 39 2.12 2.97 -0.80
N ILE A 40 2.88 3.41 -1.80
CA ILE A 40 3.41 2.53 -2.88
C ILE A 40 4.24 1.39 -2.28
N ILE A 41 5.27 1.72 -1.50
CA ILE A 41 6.21 0.75 -0.93
C ILE A 41 5.52 -0.15 0.11
N ALA A 42 4.59 0.38 0.89
CA ALA A 42 3.72 -0.40 1.79
C ALA A 42 2.96 -1.53 1.07
N LYS A 43 2.35 -1.24 -0.09
CA LYS A 43 1.68 -2.27 -0.92
C LYS A 43 2.64 -3.31 -1.50
N VAL A 44 3.85 -2.92 -1.88
CA VAL A 44 4.89 -3.86 -2.35
C VAL A 44 5.36 -4.78 -1.20
N LYS A 45 5.62 -4.21 -0.02
CA LYS A 45 5.98 -4.96 1.21
C LYS A 45 4.87 -5.91 1.69
N ALA A 46 3.61 -5.53 1.49
CA ALA A 46 2.43 -6.37 1.74
C ALA A 46 2.19 -7.48 0.68
N GLY A 47 2.88 -7.41 -0.46
CA GLY A 47 2.73 -8.33 -1.60
C GLY A 47 1.52 -8.06 -2.51
N ASP A 48 0.88 -6.89 -2.36
CA ASP A 48 -0.33 -6.48 -3.09
C ASP A 48 -0.05 -5.85 -4.48
N MET A 49 1.23 -5.54 -4.77
CA MET A 49 1.67 -4.84 -5.99
C MET A 49 3.13 -5.18 -6.33
N THR A 50 3.45 -5.35 -7.61
CA THR A 50 4.83 -5.64 -8.08
C THR A 50 5.74 -4.42 -8.03
N GLN A 51 7.07 -4.64 -7.98
CA GLN A 51 8.08 -3.59 -8.15
C GLN A 51 7.93 -2.85 -9.48
N GLU A 52 7.60 -3.56 -10.56
CA GLU A 52 7.34 -2.98 -11.89
C GLU A 52 6.20 -1.95 -11.86
N THR A 53 5.04 -2.32 -11.33
CA THR A 53 3.86 -1.44 -11.18
C THR A 53 4.17 -0.26 -10.25
N ALA A 54 4.78 -0.55 -9.11
CA ALA A 54 5.20 0.46 -8.14
C ALA A 54 6.12 1.53 -8.75
N ARG A 55 7.16 1.12 -9.46
CA ARG A 55 8.15 2.03 -10.06
C ARG A 55 7.54 2.89 -11.17
N GLU A 56 6.70 2.31 -12.03
CA GLU A 56 5.94 3.03 -13.06
C GLU A 56 5.12 4.19 -12.46
N LEU A 57 4.40 3.95 -11.36
CA LEU A 57 3.70 4.99 -10.60
C LEU A 57 4.68 6.05 -10.04
N LEU A 58 5.73 5.63 -9.32
CA LEU A 58 6.68 6.54 -8.65
C LEU A 58 7.42 7.48 -9.62
N LEU A 59 7.80 6.99 -10.80
CA LEU A 59 8.44 7.79 -11.85
C LEU A 59 7.55 8.93 -12.39
N ALA A 60 6.22 8.77 -12.34
CA ALA A 60 5.25 9.83 -12.64
C ALA A 60 4.93 10.73 -11.41
N MET A 61 4.92 10.16 -10.20
CA MET A 61 4.65 10.86 -8.94
C MET A 61 5.74 11.86 -8.52
N ARG A 62 7.02 11.54 -8.78
CA ARG A 62 8.19 12.37 -8.40
C ARG A 62 8.25 13.72 -9.11
N GLY B 1 46.74 -8.53 17.72
CA GLY B 1 47.32 -7.87 16.54
C GLY B 1 46.82 -8.46 15.22
N PRO B 2 47.34 -7.99 14.07
CA PRO B 2 46.85 -8.37 12.74
C PRO B 2 47.54 -9.61 12.14
N GLY B 3 48.53 -10.19 12.82
CA GLY B 3 49.34 -11.31 12.33
C GLY B 3 50.02 -11.00 10.98
N SER B 4 50.07 -11.98 10.09
CA SER B 4 50.63 -11.85 8.73
C SER B 4 49.78 -10.99 7.77
N TYR B 5 48.53 -10.67 8.16
CA TYR B 5 47.57 -9.84 7.41
C TYR B 5 47.30 -10.39 5.99
N MET B 6 47.16 -11.71 5.88
CA MET B 6 46.99 -12.45 4.62
C MET B 6 45.53 -12.49 4.10
N THR B 7 44.57 -12.02 4.90
CA THR B 7 43.12 -12.18 4.69
C THR B 7 42.54 -11.11 3.75
N HIS B 8 43.11 -11.01 2.55
CA HIS B 8 42.64 -10.16 1.43
C HIS B 8 41.32 -10.65 0.79
N PHE B 9 41.04 -11.95 0.95
CA PHE B 9 39.87 -12.67 0.42
C PHE B 9 38.55 -12.33 1.14
N GLU B 10 37.47 -13.02 0.79
CA GLU B 10 36.13 -12.93 1.40
C GLU B 10 36.12 -13.18 2.93
N ASP B 11 35.11 -12.63 3.62
CA ASP B 11 34.86 -12.77 5.06
C ASP B 11 33.35 -12.93 5.36
N HIS B 12 33.04 -13.45 6.55
CA HIS B 12 31.67 -13.73 7.03
C HIS B 12 31.43 -13.04 8.38
N ARG B 13 30.78 -11.87 8.36
CA ARG B 13 30.74 -10.89 9.45
C ARG B 13 29.49 -11.07 10.34
N VAL B 14 29.64 -11.84 11.42
CA VAL B 14 28.60 -12.20 12.39
C VAL B 14 27.91 -10.96 13.00
N GLY B 15 26.59 -11.02 13.19
CA GLY B 15 25.78 -9.98 13.86
C GLY B 15 25.39 -8.78 12.98
N SER B 16 25.68 -8.81 11.68
CA SER B 16 25.26 -7.79 10.70
C SER B 16 23.73 -7.62 10.63
N ASP B 17 23.27 -6.39 10.37
CA ASP B 17 21.86 -6.03 10.16
C ASP B 17 21.73 -4.84 9.19
N ARG B 18 21.00 -5.05 8.08
CA ARG B 18 20.81 -4.05 7.00
C ARG B 18 19.71 -3.01 7.28
N LEU B 19 18.82 -3.27 8.23
CA LEU B 19 17.70 -2.41 8.65
C LEU B 19 16.75 -1.99 7.49
N ALA B 20 16.01 -0.89 7.66
CA ALA B 20 15.12 -0.25 6.70
C ALA B 20 14.72 1.17 7.16
N ALA B 21 14.34 2.04 6.22
CA ALA B 21 13.87 3.40 6.51
C ALA B 21 12.57 3.43 7.36
N ASP B 22 12.49 4.39 8.29
CA ASP B 22 11.38 4.56 9.24
C ASP B 22 10.70 5.95 9.18
N GLY B 23 10.96 6.72 8.12
CA GLY B 23 10.37 8.05 7.85
C GLY B 23 9.61 8.14 6.53
N GLU B 24 9.01 9.30 6.26
CA GLU B 24 8.23 9.57 5.04
C GLU B 24 9.15 9.82 3.82
N ILE B 25 9.43 8.76 3.06
CA ILE B 25 10.24 8.78 1.82
C ILE B 25 9.69 9.74 0.75
N SER B 26 10.59 10.34 -0.03
CA SER B 26 10.27 10.96 -1.33
C SER B 26 9.92 9.89 -2.37
N ALA B 27 9.15 10.23 -3.40
CA ALA B 27 8.89 9.36 -4.55
C ALA B 27 10.17 9.02 -5.34
N ASP B 28 11.16 9.92 -5.39
CA ASP B 28 12.47 9.67 -5.99
C ASP B 28 13.34 8.71 -5.15
N GLU B 29 13.29 8.81 -3.82
CA GLU B 29 13.95 7.88 -2.90
C GLU B 29 13.30 6.49 -2.87
N ALA B 30 11.98 6.42 -3.06
CA ALA B 30 11.22 5.18 -3.15
C ALA B 30 11.66 4.28 -4.33
N LEU B 31 12.19 4.86 -5.41
CA LEU B 31 12.80 4.10 -6.51
C LEU B 31 13.94 3.17 -6.03
N SER B 32 14.80 3.67 -5.13
CA SER B 32 15.87 2.89 -4.48
C SER B 32 15.38 1.91 -3.43
N MET B 33 14.23 2.18 -2.79
CA MET B 33 13.58 1.27 -1.82
C MET B 33 13.13 -0.04 -2.50
N LEU B 34 12.60 0.03 -3.73
CA LEU B 34 12.19 -1.14 -4.51
C LEU B 34 13.35 -2.08 -4.85
N ASP B 35 14.56 -1.55 -5.07
CA ASP B 35 15.77 -2.34 -5.36
C ASP B 35 16.19 -3.26 -4.19
N ALA B 36 15.92 -2.83 -2.95
CA ALA B 36 16.17 -3.63 -1.74
C ALA B 36 15.13 -4.76 -1.53
N ILE B 37 13.95 -4.69 -2.15
CA ILE B 37 12.89 -5.71 -2.04
C ILE B 37 13.09 -6.81 -3.08
N GLY B 38 13.35 -8.04 -2.62
CA GLY B 38 13.58 -9.23 -3.45
C GLY B 38 12.42 -9.65 -4.36
N THR B 39 12.72 -10.40 -5.42
CA THR B 39 11.74 -11.06 -6.31
C THR B 39 10.94 -12.13 -5.56
N GLY B 40 9.73 -12.41 -6.05
CA GLY B 40 8.83 -13.43 -5.49
C GLY B 40 9.34 -14.88 -5.62
N GLN B 41 8.68 -15.79 -4.89
CA GLN B 41 8.85 -17.25 -4.84
C GLN B 41 9.93 -17.70 -3.83
N SER B 42 9.70 -18.87 -3.21
CA SER B 42 10.60 -19.54 -2.25
C SER B 42 10.31 -21.05 -2.18
N THR B 43 11.16 -21.81 -1.47
CA THR B 43 11.07 -23.29 -1.39
C THR B 43 11.28 -23.82 0.05
N PRO B 44 10.75 -25.01 0.39
CA PRO B 44 11.01 -25.70 1.66
C PRO B 44 12.50 -26.06 1.87
N THR B 45 12.87 -26.32 3.13
CA THR B 45 14.16 -26.91 3.54
C THR B 45 13.96 -27.93 4.65
N GLY B 46 14.88 -28.89 4.78
CA GLY B 46 14.76 -30.04 5.69
C GLY B 46 13.87 -31.13 5.10
N ALA B 47 12.57 -31.06 5.37
CA ALA B 47 11.51 -31.92 4.83
C ALA B 47 11.76 -33.43 5.07
N ASP B 48 12.08 -33.79 6.33
CA ASP B 48 12.39 -35.16 6.78
C ASP B 48 11.16 -35.91 7.36
N ASP B 49 9.97 -35.30 7.30
CA ASP B 49 8.68 -35.83 7.79
C ASP B 49 8.24 -37.16 7.13
N GLY A 1 -56.10 -2.69 -20.89
CA GLY A 1 -57.19 -2.68 -21.88
C GLY A 1 -58.18 -3.83 -21.66
N PRO A 2 -59.27 -3.89 -22.45
CA PRO A 2 -60.28 -4.94 -22.37
C PRO A 2 -59.74 -6.32 -22.79
N GLY A 3 -60.29 -7.38 -22.20
CA GLY A 3 -59.99 -8.78 -22.55
C GLY A 3 -60.30 -9.14 -24.01
N SER A 4 -59.55 -10.09 -24.57
CA SER A 4 -59.63 -10.54 -25.98
C SER A 4 -59.62 -9.39 -27.00
N PRO A 5 -58.58 -8.53 -27.00
CA PRO A 5 -58.47 -7.40 -27.92
C PRO A 5 -58.33 -7.84 -29.40
N ASN A 6 -58.77 -6.97 -30.32
CA ASN A 6 -58.74 -7.23 -31.76
C ASN A 6 -57.31 -7.31 -32.35
N SER A 7 -56.32 -6.70 -31.68
CA SER A 7 -54.89 -6.81 -31.99
C SER A 7 -54.04 -6.50 -30.75
N TYR A 8 -52.92 -7.19 -30.59
CA TYR A 8 -52.00 -7.08 -29.44
C TYR A 8 -50.64 -7.73 -29.74
N LEU A 9 -49.56 -7.09 -29.30
CA LEU A 9 -48.18 -7.59 -29.34
C LEU A 9 -47.60 -7.59 -27.91
N PRO A 10 -47.07 -8.71 -27.39
CA PRO A 10 -46.46 -8.79 -26.05
C PRO A 10 -45.34 -7.74 -25.84
N ALA A 11 -45.35 -7.09 -24.67
CA ALA A 11 -44.36 -6.08 -24.27
C ALA A 11 -43.23 -6.62 -23.36
N GLU A 12 -43.18 -7.94 -23.17
CA GLU A 12 -42.16 -8.63 -22.34
C GLU A 12 -40.73 -8.50 -22.91
N ASN A 13 -39.75 -8.23 -22.04
CA ASN A 13 -38.33 -8.22 -22.38
C ASN A 13 -37.76 -9.64 -22.51
N GLU A 14 -36.99 -9.90 -23.57
CA GLU A 14 -36.24 -11.15 -23.75
C GLU A 14 -35.20 -11.41 -22.64
N ASP A 15 -34.93 -12.69 -22.34
CA ASP A 15 -33.74 -13.13 -21.62
C ASP A 15 -32.45 -12.62 -22.31
N PRO A 16 -31.55 -11.90 -21.62
CA PRO A 16 -30.31 -11.39 -22.22
C PRO A 16 -29.12 -12.37 -22.13
N ASP A 17 -29.25 -13.48 -21.39
CA ASP A 17 -28.18 -14.44 -21.12
C ASP A 17 -28.29 -15.69 -22.02
N LYS A 18 -28.14 -15.45 -23.34
CA LYS A 18 -28.28 -16.49 -24.39
C LYS A 18 -26.98 -17.29 -24.65
N ALA A 19 -25.86 -16.85 -24.08
CA ALA A 19 -24.51 -17.39 -24.25
C ALA A 19 -23.56 -16.76 -23.21
N VAL A 20 -22.57 -17.54 -22.74
CA VAL A 20 -21.62 -17.13 -21.68
C VAL A 20 -20.52 -16.23 -22.25
N VAL A 21 -20.58 -14.93 -21.94
CA VAL A 21 -19.61 -13.89 -22.30
C VAL A 21 -19.78 -12.66 -21.40
N ASP A 22 -18.68 -12.16 -20.84
CA ASP A 22 -18.67 -11.10 -19.81
C ASP A 22 -17.34 -10.29 -19.84
N LEU A 23 -16.76 -10.14 -21.05
CA LEU A 23 -15.36 -9.72 -21.28
C LEU A 23 -15.22 -8.20 -21.46
N HIS A 24 -15.65 -7.44 -20.44
CA HIS A 24 -15.53 -5.97 -20.35
C HIS A 24 -14.08 -5.46 -20.41
N ARG A 25 -13.89 -4.21 -20.85
CA ARG A 25 -12.58 -3.52 -20.95
C ARG A 25 -11.94 -3.11 -19.61
N SER A 26 -12.66 -3.28 -18.51
CA SER A 26 -12.16 -3.16 -17.12
C SER A 26 -12.69 -4.34 -16.27
N PRO A 27 -11.86 -5.04 -15.48
CA PRO A 27 -12.28 -6.24 -14.74
C PRO A 27 -13.20 -5.91 -13.54
N PRO A 28 -14.08 -6.84 -13.12
CA PRO A 28 -15.06 -6.62 -12.06
C PRO A 28 -14.44 -6.87 -10.65
N LYS A 29 -13.57 -5.94 -10.23
CA LYS A 29 -12.78 -5.97 -8.98
C LYS A 29 -12.28 -4.57 -8.57
N THR A 30 -11.99 -4.41 -7.28
CA THR A 30 -11.42 -3.17 -6.71
C THR A 30 -10.03 -2.83 -7.30
N LYS A 31 -9.68 -1.54 -7.32
CA LYS A 31 -8.43 -0.99 -7.86
C LYS A 31 -8.24 0.45 -7.35
N ASP A 32 -7.07 0.76 -6.80
CA ASP A 32 -6.72 2.08 -6.26
C ASP A 32 -5.21 2.38 -6.40
N PRO A 33 -4.78 3.08 -7.46
CA PRO A 33 -3.38 3.46 -7.69
C PRO A 33 -3.03 4.85 -7.15
N ASP A 34 -3.98 5.57 -6.53
CA ASP A 34 -3.81 6.95 -6.06
C ASP A 34 -3.26 6.97 -4.61
N LEU A 35 -2.00 6.53 -4.47
CA LEU A 35 -1.29 6.35 -3.21
C LEU A 35 -0.10 7.32 -3.11
N THR A 36 0.22 7.77 -1.89
CA THR A 36 1.49 8.43 -1.56
C THR A 36 2.70 7.54 -1.89
N PRO A 37 3.91 8.08 -2.09
CA PRO A 37 5.10 7.28 -2.36
C PRO A 37 5.44 6.28 -1.24
N SER A 38 5.22 6.64 0.02
CA SER A 38 5.23 5.69 1.15
C SER A 38 4.16 4.58 1.02
N GLY A 39 2.92 4.94 0.65
CA GLY A 39 1.83 4.01 0.33
C GLY A 39 2.14 3.01 -0.79
N ILE A 40 2.76 3.46 -1.88
CA ILE A 40 3.30 2.58 -2.95
C ILE A 40 4.17 1.46 -2.35
N ILE A 41 5.19 1.84 -1.56
CA ILE A 41 6.16 0.89 -0.99
C ILE A 41 5.50 -0.05 0.03
N ALA A 42 4.54 0.45 0.82
CA ALA A 42 3.73 -0.38 1.73
C ALA A 42 2.99 -1.53 1.00
N LYS A 43 2.37 -1.27 -0.17
CA LYS A 43 1.74 -2.32 -0.99
C LYS A 43 2.76 -3.36 -1.48
N VAL A 44 3.94 -2.94 -1.89
CA VAL A 44 5.00 -3.85 -2.38
C VAL A 44 5.55 -4.73 -1.25
N LYS A 45 5.81 -4.14 -0.08
CA LYS A 45 6.19 -4.85 1.16
C LYS A 45 5.14 -5.88 1.61
N ALA A 46 3.85 -5.54 1.47
CA ALA A 46 2.73 -6.45 1.72
C ALA A 46 2.51 -7.54 0.64
N GLY A 47 3.14 -7.40 -0.53
CA GLY A 47 2.97 -8.30 -1.68
C GLY A 47 1.70 -8.04 -2.51
N ASP A 48 1.02 -6.91 -2.29
CA ASP A 48 -0.22 -6.51 -2.99
C ASP A 48 0.04 -5.88 -4.38
N MET A 49 1.29 -5.52 -4.69
CA MET A 49 1.68 -4.85 -5.95
C MET A 49 3.12 -5.21 -6.36
N THR A 50 3.37 -5.43 -7.64
CA THR A 50 4.72 -5.69 -8.18
C THR A 50 5.64 -4.47 -8.11
N GLN A 51 6.95 -4.71 -8.06
CA GLN A 51 7.98 -3.67 -8.14
C GLN A 51 7.85 -2.83 -9.42
N GLU A 52 7.58 -3.46 -10.57
CA GLU A 52 7.39 -2.77 -11.84
C GLU A 52 6.19 -1.82 -11.85
N THR A 53 5.02 -2.26 -11.36
CA THR A 53 3.82 -1.40 -11.25
C THR A 53 4.06 -0.24 -10.29
N ALA A 54 4.66 -0.52 -9.14
CA ALA A 54 5.06 0.49 -8.16
C ALA A 54 6.02 1.54 -8.74
N ARG A 55 7.09 1.10 -9.42
CA ARG A 55 8.10 1.97 -10.02
C ARG A 55 7.50 2.91 -11.05
N GLU A 56 6.65 2.42 -11.93
CA GLU A 56 5.89 3.19 -12.92
C GLU A 56 5.10 4.34 -12.26
N LEU A 57 4.36 4.06 -11.18
CA LEU A 57 3.63 5.08 -10.39
C LEU A 57 4.57 6.11 -9.73
N LEU A 58 5.68 5.69 -9.12
CA LEU A 58 6.68 6.59 -8.50
C LEU A 58 7.37 7.50 -9.52
N LEU A 59 7.72 6.98 -10.71
CA LEU A 59 8.31 7.75 -11.81
C LEU A 59 7.35 8.84 -12.34
N ALA A 60 6.04 8.66 -12.18
CA ALA A 60 5.02 9.68 -12.48
C ALA A 60 4.78 10.70 -11.34
N MET A 61 5.30 10.45 -10.13
CA MET A 61 5.11 11.32 -8.94
C MET A 61 6.37 12.10 -8.51
N ARG A 62 7.57 11.68 -8.93
CA ARG A 62 8.83 12.40 -8.67
C ARG A 62 8.91 13.78 -9.35
N GLY B 1 26.73 9.67 34.91
CA GLY B 1 26.79 10.18 33.52
C GLY B 1 25.44 10.73 33.09
N PRO B 2 25.26 12.06 32.96
CA PRO B 2 23.97 12.68 32.62
C PRO B 2 23.46 12.24 31.25
N GLY B 3 22.17 11.88 31.18
CA GLY B 3 21.53 11.35 29.98
C GLY B 3 21.89 9.90 29.63
N SER B 4 22.58 9.19 30.52
CA SER B 4 23.16 7.83 30.43
C SER B 4 24.61 7.83 29.92
N TYR B 5 25.44 6.92 30.45
CA TYR B 5 26.87 6.76 30.13
C TYR B 5 27.13 6.46 28.64
N MET B 6 26.18 5.81 27.97
CA MET B 6 26.26 5.47 26.53
C MET B 6 26.09 6.69 25.60
N THR B 7 25.56 7.81 26.11
CA THR B 7 25.11 8.97 25.32
C THR B 7 26.07 10.16 25.49
N HIS B 8 26.37 10.85 24.38
CA HIS B 8 27.42 11.88 24.27
C HIS B 8 27.00 13.06 23.38
N PHE B 9 27.82 14.11 23.31
CA PHE B 9 27.80 15.06 22.18
C PHE B 9 28.12 14.33 20.86
N GLU B 10 27.41 14.68 19.79
CA GLU B 10 27.47 14.05 18.44
C GLU B 10 26.71 12.72 18.41
N ASP B 11 27.11 11.76 19.25
CA ASP B 11 26.46 10.45 19.44
C ASP B 11 25.40 10.53 20.56
N HIS B 12 24.28 11.20 20.25
CA HIS B 12 23.29 11.67 21.24
C HIS B 12 22.06 10.75 21.38
N ARG B 13 22.12 9.53 20.82
CA ARG B 13 21.16 8.41 20.98
C ARG B 13 19.89 8.61 20.15
N VAL B 14 19.12 9.63 20.52
CA VAL B 14 17.86 10.07 19.91
C VAL B 14 17.87 11.58 19.58
N GLY B 15 18.60 12.40 20.34
CA GLY B 15 18.69 13.85 20.17
C GLY B 15 17.48 14.57 20.78
N SER B 16 16.34 14.51 20.10
CA SER B 16 15.03 15.04 20.51
C SER B 16 13.88 14.38 19.71
N ASP B 17 12.63 14.57 20.13
CA ASP B 17 11.44 14.06 19.46
C ASP B 17 11.35 14.53 17.99
N ARG B 18 11.11 13.60 17.07
CA ARG B 18 11.05 13.85 15.61
C ARG B 18 9.62 14.11 15.13
N LEU B 19 9.06 15.25 15.56
CA LEU B 19 7.71 15.71 15.21
C LEU B 19 7.56 16.18 13.75
N ALA B 20 8.67 16.59 13.14
CA ALA B 20 8.77 17.05 11.76
C ALA B 20 9.21 15.90 10.82
N ALA B 21 8.34 14.89 10.68
CA ALA B 21 8.49 13.66 9.89
C ALA B 21 9.47 12.63 10.52
N ASP B 22 9.29 11.35 10.18
CA ASP B 22 10.07 10.22 10.69
C ASP B 22 10.22 9.12 9.62
N GLY B 23 9.18 8.28 9.43
CA GLY B 23 9.17 7.14 8.50
C GLY B 23 8.85 7.48 7.03
N GLU B 24 8.39 8.71 6.74
CA GLU B 24 8.07 9.21 5.40
C GLU B 24 9.27 9.15 4.41
N ILE B 25 8.96 8.97 3.12
CA ILE B 25 9.92 8.89 2.00
C ILE B 25 9.40 9.67 0.78
N SER B 26 10.30 10.33 0.05
CA SER B 26 10.04 10.96 -1.26
C SER B 26 9.91 9.92 -2.39
N ALA B 27 9.25 10.30 -3.49
CA ALA B 27 9.02 9.42 -4.65
C ALA B 27 10.29 8.94 -5.36
N ASP B 28 11.31 9.80 -5.46
CA ASP B 28 12.64 9.43 -5.99
C ASP B 28 13.41 8.50 -5.03
N GLU B 29 13.34 8.71 -3.72
CA GLU B 29 13.93 7.82 -2.69
C GLU B 29 13.29 6.41 -2.69
N ALA B 30 11.98 6.35 -2.90
CA ALA B 30 11.22 5.10 -3.00
C ALA B 30 11.66 4.20 -4.17
N LEU B 31 12.20 4.75 -5.27
CA LEU B 31 12.75 3.97 -6.40
C LEU B 31 13.86 2.98 -5.94
N SER B 32 14.74 3.41 -5.04
CA SER B 32 15.80 2.57 -4.44
C SER B 32 15.27 1.55 -3.42
N MET B 33 14.15 1.87 -2.75
CA MET B 33 13.50 0.98 -1.77
C MET B 33 12.95 -0.30 -2.42
N LEU B 34 12.43 -0.21 -3.65
CA LEU B 34 11.94 -1.36 -4.42
C LEU B 34 13.03 -2.43 -4.66
N ASP B 35 14.27 -2.00 -4.89
CA ASP B 35 15.42 -2.86 -5.18
C ASP B 35 15.78 -3.79 -4.00
N ALA B 36 15.51 -3.38 -2.77
CA ALA B 36 15.73 -4.14 -1.55
C ALA B 36 14.65 -5.21 -1.25
N ILE B 37 13.46 -5.12 -1.87
CA ILE B 37 12.30 -5.99 -1.57
C ILE B 37 12.31 -7.26 -2.43
N GLY B 38 12.53 -8.41 -1.78
CA GLY B 38 12.44 -9.76 -2.37
C GLY B 38 11.00 -10.32 -2.32
N THR B 39 10.86 -11.64 -2.11
CA THR B 39 9.57 -12.29 -1.87
C THR B 39 8.89 -11.78 -0.59
N GLY B 40 7.56 -11.66 -0.63
CA GLY B 40 6.69 -11.27 0.49
C GLY B 40 5.69 -12.34 0.92
N GLN B 41 5.86 -13.60 0.49
CA GLN B 41 4.90 -14.69 0.71
C GLN B 41 5.06 -15.32 2.11
N SER B 42 4.18 -14.95 3.05
CA SER B 42 4.07 -15.59 4.38
C SER B 42 3.79 -17.09 4.29
N THR B 43 4.42 -17.89 5.16
CA THR B 43 4.21 -19.35 5.25
C THR B 43 2.83 -19.75 5.83
N PRO B 44 2.29 -20.93 5.45
CA PRO B 44 1.10 -21.50 6.10
C PRO B 44 1.42 -22.05 7.51
N THR B 45 0.36 -22.31 8.29
CA THR B 45 0.45 -22.91 9.63
C THR B 45 -0.70 -23.89 9.89
N GLY B 46 -0.47 -24.86 10.79
CA GLY B 46 -1.49 -25.78 11.32
C GLY B 46 -2.16 -25.32 12.63
N ALA B 47 -1.80 -24.14 13.14
CA ALA B 47 -2.37 -23.54 14.36
C ALA B 47 -3.90 -23.36 14.30
N ASP B 48 -4.60 -23.62 15.41
CA ASP B 48 -6.06 -23.48 15.52
C ASP B 48 -6.54 -22.01 15.56
N ASP B 49 -5.71 -21.08 16.05
CA ASP B 49 -5.97 -19.64 16.13
C ASP B 49 -5.49 -18.87 14.85
#